data_8J5S
#
_entry.id   8J5S
#
_cell.length_a   1.00
_cell.length_b   1.00
_cell.length_c   1.00
_cell.angle_alpha   90.00
_cell.angle_beta   90.00
_cell.angle_gamma   90.00
#
_symmetry.space_group_name_H-M   'P 1'
#
loop_
_entity.id
_entity.type
_entity.pdbx_description
1 polymer 'Uncharacterized protein Rv1280c'
2 polymer 'Putative peptide transport permease protein Rv1283c'
3 polymer 'Putative peptide transport permease protein Rv1282c'
4 polymer 'Uncharacterized ABC transporter ATP-binding protein Rv1281c'
5 polymer 'Endogenous oligopeptide'
6 non-polymer 'PHOSPHOAMINOPHOSPHONIC ACID-ADENYLATE ESTER'
7 non-polymer 'MAGNESIUM ION'
8 non-polymer 'IRON/SULFUR CLUSTER'
#
loop_
_entity_poly.entity_id
_entity_poly.type
_entity_poly.pdbx_seq_one_letter_code
_entity_poly.pdbx_strand_id
1 'polypeptide(L)'
;VADRGQRRGCAPGIASALRASFQGKSRPWTQTRYWAFALLTPLVVAMVLTGCSASGTQLELAPTADRRAAVGTTSDINQQ
DPATLQDGGNLRLSLTDFPPNFNILHIDGNNAEVAAMMKATLPRAFIIGPDGSTTVDTNYFTSIELTRTAPQVVTYTINP
EAVWSDGTPITWRDIASQIHAISGADKAFEIASSSGAERVASVTRGVDDRQAVVTFAKPYAEWRGMFAGNGMLLPASMTA
TPEAFNKGQLDGPGPSAGPFVVSALDRTAQRIVLTRNPRWWGARPRLDSITYLVLDDAARLPALQNNTIDATGVGTLDQL
TIAARTKGISIRRAPGPSWYHFTLNGAPGSILADKALRLAIAKGIDRYTIARVAQYGLTSDPVPLNNHVFVAGQDGYQDN
SGVVAYNPEQAKRELDALGWRRSGAFREKDGRQLVIRDLFYDAQSTRQFAQIAQHTLAQIGVKLELQAKSGSGFFSDYVN
VGAFDIAQFGWVGDAFPLSSLTQIYASDGESNFGKIGSPQIDAAIERTLAELDPGKARALANQVDELIWAEGFSLPLTQS
PGTVAVRSTLANFGATGLADLDYTAIGFMRRDYKDDDDK
;
A
2 'polypeptide(L)'
;MTRYLARRLLNYLVLLALASFLTYCLTSLAFSPLESLMQRSPRPPQAVIDAKAHDLGLDRPILARYANWVSHAVRGDFGT
TITGQPVGTELGRRIGVSLRLLVVGSVFGTVAGVVIGAWGAIRQYRLSDRVMTTLALLVLSTPTFVVANLLILGALRVNW
AVGIQLFDYTGETSPGVAGGVWDRLGDRLQHLILPSLTLALAAAAGFSRYQRNAMLDVLGQDFIRTARAKGLTRRRALLK
HGLRTALIPMATLFAYGVAGLVTGAVFVEKIFGWHGMGEWMVRGISTQDTNIVAAITVFSGAVVLLAGLLSDVIYAALDP
RVRVS
;
B
3 'polypeptide(L)'
;MTEFASRRTLVVRRFLRNRAAVASLAALLLLFVSAYALPPLLPYSYDDLDFNALLQPPGTKHWLGTNALGQDLLAQTLRG
MQKSMLIGVCVAVISTGIAATVGAISGYFGGWRDRTLMWVVDLLLVVPSFILIAIVTPRTKNSANIMFLVLLLAGFGWMI
SSRMVRGMTMSLREREFIRAARYMGVSSRRIIVGHVVPNVASILIIDAALNVAAAILAETGLSFLGFGIQPPDVSLGTLI
ADGTASATAFPWVFLFPASILVLILVCANLTGDGLRDALDPASRSLRRGVR
;
C
4 'polypeptide(L)'
;MSPLLEVTDLAVTFRTDGDPVTAVRGISYRVEPGEVVAMVGESGSGKSAAAMAVVGLLPEYAQVRGSVRLQGTELLGLAD
NAMSRFRGKAIGTVFQDPMSALTPVYTVGDQIAEAIEVHQPRVGKKAARRRAVELLDLVGISQPQRRSRAFPHELSGGER
QRVVIAIAIANDPDLLICDDPTTALDVTVQAQILDVLKAARDVTGAGVLIITHDLGVVAEFADRALVMYAGRVVESAGVN
DLYRDRRMPYTVGLLGSVPRLDAAQGTRLVPIPGAPPSLAGLAPGCPFAPRCPLVIDECLTAEPELLDVATDHRAACIRT
ELVTGRSAADIYRVKTEARPAALGDASVVVRVRHLVKTYRLAKGVVLRRAIGEVRAVDGISLELRQGRTLGIVGESGSGK
STTLHEILELAAPQSGSIEVLGTDVATLGTAERRSLRRDIQVVFQDPVASLDPRLPVFDLIAEPLQANGFGKNETHARVA
ELLDIVGLRHGDASRYPAEFSGGQKQRIGIARALALQPKILALDDPVSALDVSIQAGIINLLLDLQEQFGLSYLFVSHDL
SVVKHLAHQVAVMLAGTVVEQGDSEEVFGNPKHEYTRRLLGAVPQPDPARRG
;
D
5 'polypeptide(L)' (UNK)(UNK)(UNK)(UNK)(UNK)(UNK)(UNK)(UNK) E
#
loop_
_chem_comp.id
_chem_comp.type
_chem_comp.name
_chem_comp.formula
ANP non-polymer 'PHOSPHOAMINOPHOSPHONIC ACID-ADENYLATE ESTER' 'C10 H17 N6 O12 P3'
MG non-polymer 'MAGNESIUM ION' 'Mg 2'
SF4 non-polymer 'IRON/SULFUR CLUSTER' 'Fe4 S4'
#
# COMPACT_ATOMS: atom_id res chain seq x y z
N ALA A 65 44.94 -10.15 2.45
CA ALA A 65 44.87 -9.90 3.87
C ALA A 65 46.07 -9.10 4.37
N ASP A 66 47.28 -9.59 4.08
CA ASP A 66 48.50 -8.95 4.59
C ASP A 66 49.64 -9.25 3.62
N ARG A 67 49.94 -8.28 2.77
CA ARG A 67 51.07 -8.35 1.84
C ARG A 67 51.44 -6.92 1.48
N ARG A 68 52.26 -6.76 0.44
CA ARG A 68 52.64 -5.46 -0.07
C ARG A 68 52.08 -5.26 -1.47
N ALA A 69 51.54 -4.07 -1.74
CA ALA A 69 51.02 -3.73 -3.05
C ALA A 69 52.14 -3.12 -3.89
N ALA A 70 53.10 -3.97 -4.25
CA ALA A 70 54.21 -3.58 -5.11
C ALA A 70 54.40 -4.63 -6.19
N VAL A 71 54.89 -4.18 -7.34
CA VAL A 71 55.09 -5.08 -8.47
C VAL A 71 56.18 -6.08 -8.14
N GLY A 72 55.86 -7.36 -8.27
CA GLY A 72 56.79 -8.42 -7.89
C GLY A 72 57.43 -9.13 -9.06
N THR A 73 57.83 -10.40 -8.84
CA THR A 73 58.48 -11.19 -9.87
C THR A 73 57.92 -12.60 -9.97
N THR A 74 56.73 -12.84 -9.41
CA THR A 74 56.09 -14.14 -9.48
C THR A 74 54.59 -13.94 -9.67
N SER A 75 53.93 -14.98 -10.16
CA SER A 75 52.49 -14.94 -10.41
C SER A 75 51.80 -16.04 -9.62
N ASP A 76 50.51 -15.82 -9.34
CA ASP A 76 49.69 -16.77 -8.58
C ASP A 76 48.55 -17.21 -9.50
N ILE A 77 48.79 -18.25 -10.29
CA ILE A 77 47.84 -18.71 -11.29
C ILE A 77 47.32 -20.11 -11.02
N ASN A 78 47.78 -20.76 -9.96
CA ASN A 78 47.47 -22.17 -9.70
C ASN A 78 47.93 -23.03 -10.89
N GLN A 79 49.25 -23.05 -11.08
CA GLN A 79 49.80 -23.84 -12.17
C GLN A 79 49.47 -25.31 -11.97
N GLN A 80 49.07 -25.96 -13.07
CA GLN A 80 48.99 -27.40 -13.13
C GLN A 80 49.43 -27.82 -14.53
N ASP A 81 49.73 -29.08 -14.70
CA ASP A 81 50.05 -29.58 -16.02
C ASP A 81 48.82 -29.44 -16.92
N PRO A 82 48.95 -28.86 -18.12
CA PRO A 82 47.79 -28.74 -19.00
C PRO A 82 47.10 -30.06 -19.29
N ALA A 83 47.88 -31.14 -19.45
CA ALA A 83 47.29 -32.42 -19.81
C ALA A 83 46.42 -32.99 -18.71
N THR A 84 46.76 -32.76 -17.45
CA THR A 84 46.09 -33.38 -16.32
C THR A 84 44.86 -32.61 -15.85
N LEU A 85 44.29 -31.76 -16.69
CA LEU A 85 43.09 -31.04 -16.36
C LEU A 85 41.92 -31.73 -17.08
N GLN A 86 40.75 -31.12 -17.04
CA GLN A 86 39.60 -31.63 -17.79
C GLN A 86 39.80 -31.34 -19.28
N ASP A 87 38.79 -31.64 -20.08
CA ASP A 87 38.77 -31.27 -21.49
C ASP A 87 37.52 -30.49 -21.83
N GLY A 88 37.14 -29.57 -20.95
CA GLY A 88 35.95 -28.80 -21.16
C GLY A 88 35.65 -27.95 -19.95
N GLY A 89 34.49 -27.31 -19.98
CA GLY A 89 34.07 -26.50 -18.86
C GLY A 89 33.77 -25.07 -19.25
N ASN A 90 32.82 -24.45 -18.57
CA ASN A 90 32.39 -23.11 -18.90
C ASN A 90 33.04 -22.12 -17.93
N LEU A 91 33.70 -21.11 -18.48
CA LEU A 91 34.37 -20.08 -17.69
C LEU A 91 33.44 -18.88 -17.60
N ARG A 92 32.68 -18.81 -16.51
CA ARG A 92 31.76 -17.70 -16.28
C ARG A 92 32.46 -16.62 -15.50
N LEU A 93 32.64 -15.46 -16.13
CA LEU A 93 33.31 -14.34 -15.48
C LEU A 93 32.71 -13.05 -16.02
N SER A 94 32.57 -12.05 -15.14
CA SER A 94 31.70 -10.92 -15.37
C SER A 94 32.39 -9.84 -16.20
N LEU A 95 31.70 -8.72 -16.38
CA LEU A 95 32.17 -7.61 -17.19
C LEU A 95 31.50 -6.33 -16.70
N THR A 96 32.18 -5.19 -16.89
CA THR A 96 31.65 -3.92 -16.41
C THR A 96 30.32 -3.60 -17.09
N ASP A 97 30.35 -3.41 -18.40
CA ASP A 97 29.15 -3.21 -19.21
C ASP A 97 29.47 -3.60 -20.64
N PHE A 98 28.43 -3.80 -21.43
CA PHE A 98 28.60 -4.26 -22.80
C PHE A 98 29.42 -3.26 -23.60
N PRO A 99 30.50 -3.68 -24.25
CA PRO A 99 31.38 -2.72 -24.93
C PRO A 99 30.65 -2.01 -26.05
N PRO A 100 30.92 -0.72 -26.24
CA PRO A 100 30.29 0.01 -27.35
C PRO A 100 31.03 -0.18 -28.67
N ASN A 101 32.33 -0.38 -28.60
CA ASN A 101 33.15 -0.58 -29.78
C ASN A 101 34.11 -1.72 -29.49
N PHE A 102 34.40 -2.52 -30.51
CA PHE A 102 35.28 -3.68 -30.39
C PHE A 102 36.62 -3.47 -31.03
N ASN A 103 36.96 -2.25 -31.42
CA ASN A 103 38.28 -1.93 -31.93
C ASN A 103 39.09 -1.37 -30.77
N ILE A 104 40.04 -2.16 -30.29
CA ILE A 104 40.84 -1.75 -29.15
C ILE A 104 41.82 -0.64 -29.52
N LEU A 105 42.05 -0.42 -30.81
CA LEU A 105 42.89 0.69 -31.24
C LEU A 105 42.12 2.00 -31.33
N HIS A 106 40.80 1.97 -31.16
CA HIS A 106 39.96 3.15 -31.24
C HIS A 106 39.85 3.81 -29.87
N ILE A 107 39.54 5.10 -29.88
CA ILE A 107 39.55 5.88 -28.65
C ILE A 107 38.48 5.42 -27.69
N ASP A 108 37.32 4.99 -28.19
CA ASP A 108 36.25 4.51 -27.32
C ASP A 108 36.24 3.00 -27.16
N GLY A 109 36.94 2.26 -28.03
CA GLY A 109 37.13 0.85 -27.84
C GLY A 109 38.34 0.50 -27.00
N ASN A 110 39.17 1.48 -26.69
CA ASN A 110 40.35 1.33 -25.86
C ASN A 110 39.89 1.22 -24.41
N ASN A 111 39.86 -0.01 -23.90
CA ASN A 111 39.36 -0.27 -22.55
C ASN A 111 40.13 -1.44 -21.98
N ALA A 112 40.14 -1.54 -20.65
CA ALA A 112 40.86 -2.62 -20.01
C ALA A 112 40.10 -3.93 -20.15
N GLU A 113 38.85 -3.97 -19.72
CA GLU A 113 38.05 -5.18 -19.85
C GLU A 113 37.31 -5.21 -21.18
N VAL A 114 38.05 -4.89 -22.23
CA VAL A 114 37.68 -5.18 -23.60
C VAL A 114 38.90 -5.83 -24.22
N ALA A 115 40.04 -5.17 -24.06
CA ALA A 115 41.30 -5.76 -24.48
C ALA A 115 41.59 -7.06 -23.74
N ALA A 116 41.18 -7.15 -22.47
CA ALA A 116 41.39 -8.39 -21.74
C ALA A 116 40.64 -9.55 -22.37
N MET A 117 39.37 -9.33 -22.75
CA MET A 117 38.62 -10.37 -23.45
C MET A 117 39.19 -10.64 -24.83
N MET A 118 39.63 -9.60 -25.52
CA MET A 118 40.14 -9.76 -26.87
C MET A 118 41.56 -10.31 -26.91
N LYS A 119 42.21 -10.47 -25.75
CA LYS A 119 43.56 -11.04 -25.73
C LYS A 119 43.57 -12.43 -26.34
N ALA A 120 42.57 -13.25 -26.02
CA ALA A 120 42.56 -14.63 -26.45
C ALA A 120 42.47 -14.74 -27.96
N THR A 121 41.68 -13.88 -28.58
CA THR A 121 41.30 -14.05 -29.97
C THR A 121 42.30 -13.50 -30.97
N LEU A 122 43.15 -12.55 -30.57
CA LEU A 122 44.00 -11.84 -31.52
C LEU A 122 45.47 -12.20 -31.35
N PRO A 123 46.29 -12.01 -32.38
CA PRO A 123 47.71 -12.35 -32.29
C PRO A 123 48.45 -11.45 -31.31
N ARG A 124 49.70 -11.83 -31.06
CA ARG A 124 50.58 -11.07 -30.18
C ARG A 124 52.02 -11.50 -30.40
N ALA A 125 52.91 -10.51 -30.53
CA ALA A 125 54.27 -10.80 -30.96
C ALA A 125 55.08 -11.48 -29.85
N PHE A 126 54.92 -11.04 -28.61
CA PHE A 126 55.81 -11.40 -27.52
C PHE A 126 55.05 -11.95 -26.34
N ILE A 127 55.63 -12.97 -25.71
CA ILE A 127 55.15 -13.48 -24.43
C ILE A 127 55.90 -12.77 -23.32
N ILE A 128 55.17 -12.20 -22.37
CA ILE A 128 55.76 -11.41 -21.30
C ILE A 128 55.84 -12.29 -20.05
N GLY A 129 57.06 -12.46 -19.53
CA GLY A 129 57.26 -13.33 -18.40
C GLY A 129 56.80 -12.70 -17.11
N PRO A 130 56.92 -13.46 -16.02
CA PRO A 130 56.48 -12.95 -14.71
C PRO A 130 57.24 -11.72 -14.23
N ASP A 131 58.43 -11.44 -14.79
CA ASP A 131 59.23 -10.32 -14.34
C ASP A 131 59.51 -9.33 -15.48
N GLY A 132 58.71 -9.33 -16.52
CA GLY A 132 58.90 -8.43 -17.64
C GLY A 132 59.80 -8.94 -18.74
N SER A 133 60.19 -10.21 -18.71
CA SER A 133 61.02 -10.76 -19.77
C SER A 133 60.20 -10.95 -21.04
N THR A 134 60.89 -10.98 -22.17
CA THR A 134 60.26 -11.05 -23.48
C THR A 134 60.82 -12.22 -24.27
N THR A 135 59.93 -13.06 -24.80
CA THR A 135 60.28 -14.14 -25.71
C THR A 135 59.36 -14.08 -26.91
N VAL A 136 59.91 -14.32 -28.10
CA VAL A 136 59.09 -14.28 -29.31
C VAL A 136 58.02 -15.35 -29.22
N ASP A 137 56.82 -15.02 -29.68
CA ASP A 137 55.74 -15.99 -29.71
C ASP A 137 55.95 -16.87 -30.92
N THR A 138 56.52 -18.06 -30.70
CA THR A 138 56.80 -18.97 -31.80
C THR A 138 55.53 -19.50 -32.44
N ASN A 139 54.39 -19.29 -31.82
CA ASN A 139 53.13 -19.79 -32.33
C ASN A 139 52.47 -18.81 -33.31
N TYR A 140 52.75 -17.52 -33.19
CA TYR A 140 52.29 -16.52 -34.14
C TYR A 140 53.38 -16.07 -35.09
N PHE A 141 54.59 -15.87 -34.58
CA PHE A 141 55.75 -15.48 -35.36
C PHE A 141 56.79 -16.57 -35.26
N THR A 142 57.91 -16.40 -35.98
CA THR A 142 58.98 -17.37 -35.87
C THR A 142 60.29 -16.69 -35.53
N SER A 143 60.46 -15.43 -35.93
CA SER A 143 61.76 -14.78 -35.80
C SER A 143 61.57 -13.27 -35.85
N ILE A 144 61.84 -12.59 -34.75
CA ILE A 144 61.74 -11.13 -34.64
C ILE A 144 63.08 -10.62 -34.14
N GLU A 145 63.93 -10.19 -35.06
CA GLU A 145 65.28 -9.77 -34.71
C GLU A 145 65.49 -8.29 -35.00
N LEU A 146 66.32 -7.67 -34.16
CA LEU A 146 66.76 -6.29 -34.34
C LEU A 146 68.02 -6.32 -35.20
N THR A 147 67.86 -6.03 -36.50
CA THR A 147 68.98 -6.22 -37.42
C THR A 147 69.94 -5.03 -37.41
N ARG A 148 69.47 -3.85 -37.81
CA ARG A 148 70.33 -2.68 -37.89
C ARG A 148 70.31 -1.90 -36.59
N THR A 149 71.39 -1.16 -36.34
CA THR A 149 71.62 -0.54 -35.04
C THR A 149 71.18 0.92 -34.97
N ALA A 150 71.73 1.79 -35.80
CA ALA A 150 71.43 3.21 -35.62
C ALA A 150 70.03 3.52 -36.14
N PRO A 151 69.68 3.30 -37.42
CA PRO A 151 68.26 3.14 -37.74
C PRO A 151 67.85 1.70 -37.54
N GLN A 152 67.03 1.42 -36.53
CA GLN A 152 66.68 0.05 -36.22
C GLN A 152 65.77 -0.51 -37.31
N VAL A 153 66.11 -1.68 -37.81
CA VAL A 153 65.28 -2.39 -38.78
C VAL A 153 64.92 -3.72 -38.13
N VAL A 154 63.80 -3.75 -37.43
CA VAL A 154 63.31 -4.97 -36.81
C VAL A 154 62.51 -5.75 -37.84
N THR A 155 62.78 -7.04 -37.94
CA THR A 155 62.25 -7.88 -39.01
C THR A 155 61.25 -8.87 -38.43
N TYR A 156 59.97 -8.64 -38.69
CA TYR A 156 58.90 -9.51 -38.22
C TYR A 156 58.64 -10.58 -39.25
N THR A 157 58.94 -11.83 -38.91
CA THR A 157 58.77 -12.97 -39.81
C THR A 157 57.59 -13.79 -39.32
N ILE A 158 56.48 -13.73 -40.03
CA ILE A 158 55.24 -14.34 -39.58
C ILE A 158 55.24 -15.83 -39.89
N ASN A 159 54.51 -16.58 -39.08
CA ASN A 159 54.33 -18.02 -39.26
C ASN A 159 53.56 -18.28 -40.55
N PRO A 160 53.95 -19.30 -41.34
CA PRO A 160 53.12 -19.69 -42.50
C PRO A 160 51.82 -20.35 -42.14
N GLU A 161 51.61 -20.69 -40.87
CA GLU A 161 50.42 -21.42 -40.46
C GLU A 161 49.41 -20.52 -39.78
N ALA A 162 49.59 -19.22 -39.89
CA ALA A 162 48.71 -18.26 -39.23
C ALA A 162 47.67 -17.76 -40.24
N VAL A 163 46.41 -18.06 -39.99
CA VAL A 163 45.30 -17.59 -40.81
C VAL A 163 44.39 -16.74 -39.94
N TRP A 164 43.44 -16.07 -40.58
CA TRP A 164 42.44 -15.27 -39.89
C TRP A 164 41.11 -16.00 -39.93
N SER A 165 40.22 -15.60 -39.04
CA SER A 165 38.92 -16.25 -38.88
C SER A 165 38.23 -16.48 -40.22
N ASP A 166 38.41 -15.55 -41.15
CA ASP A 166 37.79 -15.63 -42.46
C ASP A 166 38.55 -16.53 -43.44
N GLY A 167 39.80 -16.88 -43.13
CA GLY A 167 40.62 -17.67 -44.02
C GLY A 167 41.74 -16.92 -44.70
N THR A 168 41.74 -15.60 -44.67
CA THR A 168 42.82 -14.85 -45.28
C THR A 168 44.06 -14.91 -44.40
N PRO A 169 45.21 -15.26 -44.94
CA PRO A 169 46.42 -15.37 -44.13
C PRO A 169 46.86 -14.03 -43.54
N ILE A 170 47.87 -14.12 -42.68
CA ILE A 170 48.51 -12.94 -42.08
C ILE A 170 49.81 -12.67 -42.82
N THR A 171 50.12 -11.40 -43.04
CA THR A 171 51.22 -11.07 -43.93
C THR A 171 51.70 -9.64 -43.65
N TRP A 172 52.70 -9.22 -44.44
CA TRP A 172 53.36 -7.94 -44.22
C TRP A 172 52.40 -6.77 -44.26
N ARG A 173 51.45 -6.78 -45.21
CA ARG A 173 50.54 -5.65 -45.33
C ARG A 173 49.62 -5.56 -44.13
N ASP A 174 49.37 -6.67 -43.44
CA ASP A 174 48.60 -6.64 -42.20
C ASP A 174 49.29 -5.81 -41.13
N ILE A 175 50.62 -5.80 -41.13
CA ILE A 175 51.37 -5.02 -40.16
C ILE A 175 51.53 -3.59 -40.64
N ALA A 176 51.78 -3.41 -41.94
CA ALA A 176 51.92 -2.06 -42.48
C ALA A 176 50.65 -1.25 -42.32
N SER A 177 49.50 -1.86 -42.57
CA SER A 177 48.24 -1.14 -42.45
C SER A 177 48.00 -0.69 -41.03
N GLN A 178 48.34 -1.53 -40.04
CA GLN A 178 48.16 -1.15 -38.64
C GLN A 178 49.11 -0.03 -38.24
N ILE A 179 50.38 -0.15 -38.64
CA ILE A 179 51.36 0.87 -38.27
C ILE A 179 50.99 2.20 -38.90
N HIS A 180 50.42 2.19 -40.10
CA HIS A 180 49.96 3.43 -40.71
C HIS A 180 48.66 3.91 -40.06
N ALA A 181 47.80 2.99 -39.61
CA ALA A 181 46.55 3.40 -39.00
C ALA A 181 46.78 4.17 -37.71
N ILE A 182 47.73 3.73 -36.90
CA ILE A 182 48.04 4.44 -35.66
C ILE A 182 49.25 5.35 -35.83
N SER A 183 49.65 5.63 -37.07
CA SER A 183 50.80 6.49 -37.31
C SER A 183 50.56 7.90 -36.81
N GLY A 184 49.32 8.38 -36.89
CA GLY A 184 48.98 9.72 -36.49
C GLY A 184 49.11 10.76 -37.58
N ALA A 185 49.62 10.38 -38.76
CA ALA A 185 49.74 11.31 -39.87
C ALA A 185 48.44 11.48 -40.63
N ASP A 186 47.42 10.69 -40.31
CA ASP A 186 46.07 10.82 -40.87
C ASP A 186 45.11 10.99 -39.71
N LYS A 187 44.48 12.16 -39.61
CA LYS A 187 43.64 12.46 -38.47
C LYS A 187 42.23 11.89 -38.60
N ALA A 188 41.92 11.18 -39.68
CA ALA A 188 40.59 10.59 -39.82
C ALA A 188 40.37 9.46 -38.82
N PHE A 189 41.41 8.71 -38.49
CA PHE A 189 41.28 7.65 -37.48
C PHE A 189 41.22 8.26 -36.10
N GLU A 190 40.26 7.80 -35.29
CA GLU A 190 40.13 8.26 -33.92
C GLU A 190 40.85 7.29 -32.99
N ILE A 191 42.17 7.28 -33.12
CA ILE A 191 43.03 6.36 -32.39
C ILE A 191 43.06 6.73 -30.92
N ALA A 192 43.60 5.83 -30.09
CA ALA A 192 43.81 6.08 -28.68
C ALA A 192 45.27 6.08 -28.27
N SER A 193 46.16 5.57 -29.11
CA SER A 193 47.58 5.54 -28.78
C SER A 193 48.38 5.46 -30.07
N SER A 194 49.55 6.07 -30.05
CA SER A 194 50.42 6.10 -31.22
C SER A 194 51.79 5.55 -30.83
N SER A 195 51.79 4.39 -30.18
CA SER A 195 53.00 3.86 -29.56
C SER A 195 53.98 3.41 -30.63
N GLY A 196 54.94 4.26 -30.95
CA GLY A 196 56.01 3.92 -31.85
C GLY A 196 55.67 3.99 -33.31
N ALA A 197 54.41 4.17 -33.68
CA ALA A 197 54.04 4.29 -35.08
C ALA A 197 54.39 5.65 -35.65
N GLU A 198 54.61 6.66 -34.81
CA GLU A 198 55.02 7.97 -35.28
C GLU A 198 56.53 8.12 -35.35
N ARG A 199 57.28 7.10 -34.96
CA ARG A 199 58.73 7.13 -35.03
C ARG A 199 59.29 6.12 -36.03
N VAL A 200 58.46 5.56 -36.89
CA VAL A 200 58.87 4.58 -37.89
C VAL A 200 58.83 5.24 -39.26
N ALA A 201 59.95 5.18 -39.99
CA ALA A 201 60.00 5.81 -41.29
C ALA A 201 59.09 5.11 -42.29
N SER A 202 59.20 3.79 -42.40
CA SER A 202 58.41 3.05 -43.37
C SER A 202 58.37 1.57 -42.99
N VAL A 203 57.39 0.87 -43.53
CA VAL A 203 57.24 -0.57 -43.39
C VAL A 203 57.38 -1.19 -44.77
N THR A 204 58.42 -1.99 -44.97
CA THR A 204 58.73 -2.59 -46.25
C THR A 204 58.55 -4.10 -46.17
N ARG A 205 58.03 -4.70 -47.23
CA ARG A 205 57.90 -6.15 -47.26
C ARG A 205 59.27 -6.82 -47.24
N GLY A 206 59.38 -7.91 -46.48
CA GLY A 206 60.60 -8.69 -46.42
C GLY A 206 60.76 -9.56 -47.65
N VAL A 207 61.70 -10.50 -47.56
CA VAL A 207 61.97 -11.35 -48.72
C VAL A 207 60.73 -12.15 -49.09
N ASP A 208 59.85 -12.41 -48.12
CA ASP A 208 58.61 -13.12 -48.35
C ASP A 208 57.48 -12.29 -47.77
N ASP A 209 56.25 -12.53 -48.25
CA ASP A 209 55.10 -11.78 -47.73
C ASP A 209 55.02 -11.92 -46.22
N ARG A 210 55.35 -13.12 -45.71
CA ARG A 210 55.47 -13.32 -44.28
C ARG A 210 56.42 -12.31 -43.63
N GLN A 211 57.61 -12.15 -44.21
CA GLN A 211 58.58 -11.22 -43.65
C GLN A 211 58.15 -9.77 -43.85
N ALA A 212 58.54 -8.90 -42.91
CA ALA A 212 58.18 -7.49 -42.99
C ALA A 212 59.17 -6.68 -42.14
N VAL A 213 60.14 -6.04 -42.79
CA VAL A 213 61.07 -5.20 -42.07
C VAL A 213 60.38 -3.89 -41.70
N VAL A 214 60.86 -3.26 -40.62
CA VAL A 214 60.31 -2.03 -40.09
C VAL A 214 61.47 -1.09 -39.78
N THR A 215 61.67 -0.08 -40.62
CA THR A 215 62.78 0.86 -40.45
C THR A 215 62.35 2.01 -39.55
N PHE A 216 63.13 2.29 -38.53
CA PHE A 216 62.81 3.29 -37.53
C PHE A 216 63.49 4.61 -37.86
N ALA A 217 62.70 5.69 -37.87
CA ALA A 217 63.27 7.00 -38.15
C ALA A 217 63.95 7.57 -36.91
N LYS A 218 63.19 7.82 -35.87
CA LYS A 218 63.71 8.30 -34.60
C LYS A 218 63.95 7.13 -33.66
N PRO A 219 64.95 7.21 -32.79
CA PRO A 219 65.31 6.05 -31.96
C PRO A 219 64.23 5.67 -30.96
N TYR A 220 63.64 4.49 -31.13
CA TYR A 220 62.65 3.96 -30.21
C TYR A 220 63.19 2.69 -29.58
N ALA A 221 63.58 2.78 -28.31
CA ALA A 221 64.10 1.62 -27.60
C ALA A 221 63.00 0.68 -27.13
N GLU A 222 61.80 1.20 -26.96
CA GLU A 222 60.65 0.41 -26.50
C GLU A 222 59.85 -0.14 -27.69
N TRP A 223 60.53 -0.83 -28.59
CA TRP A 223 59.87 -1.28 -29.80
C TRP A 223 59.12 -2.59 -29.63
N ARG A 224 59.30 -3.28 -28.52
CA ARG A 224 58.69 -4.59 -28.33
C ARG A 224 57.23 -4.51 -27.94
N GLY A 225 56.71 -3.31 -27.68
CA GLY A 225 55.39 -3.14 -27.13
C GLY A 225 54.30 -2.80 -28.13
N MET A 226 54.60 -2.79 -29.43
CA MET A 226 53.55 -2.52 -30.41
C MET A 226 52.52 -3.63 -30.45
N PHE A 227 52.99 -4.86 -30.57
CA PHE A 227 52.11 -6.02 -30.68
C PHE A 227 52.36 -6.99 -29.54
N ALA A 228 52.50 -6.44 -28.34
CA ALA A 228 52.75 -7.20 -27.13
C ALA A 228 52.27 -6.40 -25.95
N GLY A 229 52.13 -7.06 -24.81
CA GLY A 229 51.66 -6.38 -23.63
C GLY A 229 50.21 -5.95 -23.78
N ASN A 230 49.98 -4.66 -23.94
CA ASN A 230 48.62 -4.14 -24.07
C ASN A 230 48.12 -4.21 -25.50
N GLY A 231 48.99 -3.94 -26.47
CA GLY A 231 48.57 -3.90 -27.85
C GLY A 231 48.80 -5.21 -28.57
N MET A 232 47.89 -5.52 -29.50
CA MET A 232 48.00 -6.73 -30.31
C MET A 232 47.82 -6.40 -31.78
N LEU A 233 47.72 -7.42 -32.62
CA LEU A 233 47.59 -7.27 -34.06
C LEU A 233 46.14 -7.43 -34.49
N LEU A 234 45.73 -6.64 -35.48
CA LEU A 234 44.38 -6.63 -36.03
C LEU A 234 44.45 -6.77 -37.54
N PRO A 235 43.45 -7.39 -38.16
CA PRO A 235 43.52 -7.64 -39.60
C PRO A 235 43.52 -6.34 -40.40
N ALA A 236 44.19 -6.38 -41.56
CA ALA A 236 44.25 -5.21 -42.41
C ALA A 236 42.88 -4.76 -42.90
N SER A 237 41.92 -5.69 -42.96
CA SER A 237 40.56 -5.34 -43.36
C SER A 237 39.86 -4.45 -42.36
N MET A 238 40.42 -4.28 -41.17
CA MET A 238 39.84 -3.39 -40.15
C MET A 238 40.69 -2.16 -39.90
N THR A 239 41.86 -2.04 -40.51
CA THR A 239 42.70 -0.87 -40.35
C THR A 239 43.08 -0.22 -41.68
N ALA A 240 42.53 -0.71 -42.79
CA ALA A 240 42.90 -0.16 -44.09
C ALA A 240 42.33 1.24 -44.30
N THR A 241 41.05 1.43 -43.97
CA THR A 241 40.37 2.68 -44.23
C THR A 241 39.69 3.18 -42.96
N PRO A 242 39.52 4.50 -42.83
CA PRO A 242 38.89 5.04 -41.61
C PRO A 242 37.48 4.56 -41.39
N GLU A 243 36.75 4.20 -42.44
CA GLU A 243 35.39 3.74 -42.23
C GLU A 243 35.37 2.47 -41.38
N ALA A 244 36.20 1.48 -41.74
CA ALA A 244 36.26 0.25 -40.97
C ALA A 244 36.88 0.45 -39.60
N PHE A 245 37.82 1.38 -39.48
CA PHE A 245 38.40 1.70 -38.20
C PHE A 245 37.36 2.25 -37.24
N ASN A 246 36.85 3.44 -37.55
CA ASN A 246 35.96 4.13 -36.62
C ASN A 246 34.60 3.44 -36.51
N LYS A 247 33.99 3.12 -37.65
CA LYS A 247 32.60 2.66 -37.67
C LYS A 247 32.47 1.19 -38.02
N GLY A 248 33.56 0.43 -37.95
CA GLY A 248 33.54 -0.95 -38.38
C GLY A 248 32.95 -1.95 -37.39
N GLN A 249 33.25 -1.80 -36.11
CA GLN A 249 32.99 -2.87 -35.14
C GLN A 249 32.20 -2.36 -33.95
N LEU A 250 31.10 -1.66 -34.20
CA LEU A 250 30.22 -1.24 -33.12
C LEU A 250 29.17 -2.28 -32.77
N ASP A 251 29.13 -3.39 -33.49
CA ASP A 251 28.14 -4.44 -33.23
C ASP A 251 28.76 -5.82 -33.07
N GLY A 252 30.08 -5.95 -33.17
CA GLY A 252 30.73 -7.23 -33.05
C GLY A 252 32.10 -7.22 -33.67
N PRO A 253 32.99 -8.08 -33.17
CA PRO A 253 34.37 -8.07 -33.62
C PRO A 253 34.52 -8.62 -35.03
N GLY A 254 35.67 -8.31 -35.63
CA GLY A 254 35.96 -8.75 -36.97
C GLY A 254 36.67 -10.09 -36.97
N PRO A 255 37.54 -10.31 -37.94
CA PRO A 255 38.34 -11.54 -37.97
C PRO A 255 39.27 -11.60 -36.77
N SER A 256 39.60 -12.82 -36.35
CA SER A 256 40.50 -13.03 -35.22
C SER A 256 41.31 -14.28 -35.47
N ALA A 257 42.47 -14.37 -34.83
CA ALA A 257 43.42 -15.45 -35.05
C ALA A 257 43.93 -16.01 -33.73
N GLY A 258 43.04 -16.30 -32.80
CA GLY A 258 43.43 -16.86 -31.54
C GLY A 258 42.79 -18.21 -31.26
N PRO A 259 43.13 -18.82 -30.13
CA PRO A 259 42.50 -20.10 -29.77
C PRO A 259 41.01 -20.02 -29.56
N PHE A 260 40.47 -18.85 -29.27
CA PHE A 260 39.05 -18.70 -28.97
C PHE A 260 38.45 -17.61 -29.86
N VAL A 261 37.18 -17.78 -30.20
CA VAL A 261 36.43 -16.74 -30.90
C VAL A 261 35.11 -16.52 -30.22
N VAL A 262 34.52 -15.37 -30.50
CA VAL A 262 33.21 -15.01 -29.98
C VAL A 262 32.16 -15.48 -30.97
N SER A 263 31.13 -16.13 -30.46
CA SER A 263 30.08 -16.69 -31.31
C SER A 263 28.68 -16.22 -30.96
N ALA A 264 28.46 -15.66 -29.78
CA ALA A 264 27.13 -15.26 -29.35
C ALA A 264 27.21 -13.90 -28.67
N LEU A 265 26.88 -12.86 -29.42
CA LEU A 265 26.79 -11.51 -28.86
C LEU A 265 25.34 -11.23 -28.48
N ASP A 266 24.91 -11.90 -27.43
CA ASP A 266 23.54 -11.79 -26.93
C ASP A 266 23.40 -10.47 -26.17
N ARG A 267 22.73 -9.50 -26.77
CA ARG A 267 22.45 -8.23 -26.11
C ARG A 267 21.11 -8.22 -25.40
N THR A 268 20.24 -9.21 -25.62
CA THR A 268 18.99 -9.24 -24.87
C THR A 268 19.22 -9.70 -23.44
N ALA A 269 20.10 -10.67 -23.24
CA ALA A 269 20.46 -11.15 -21.92
C ALA A 269 21.77 -10.57 -21.43
N GLN A 270 22.43 -9.74 -22.24
CA GLN A 270 23.68 -9.08 -21.88
C GLN A 270 24.77 -10.12 -21.58
N ARG A 271 25.14 -10.86 -22.62
CA ARG A 271 26.10 -11.93 -22.49
C ARG A 271 26.91 -12.07 -23.77
N ILE A 272 28.22 -12.28 -23.63
CA ILE A 272 29.12 -12.55 -24.73
C ILE A 272 29.72 -13.92 -24.51
N VAL A 273 29.71 -14.76 -25.53
CA VAL A 273 30.13 -16.15 -25.42
C VAL A 273 31.29 -16.40 -26.38
N LEU A 274 32.39 -16.90 -25.84
CA LEU A 274 33.58 -17.22 -26.62
C LEU A 274 33.74 -18.72 -26.69
N THR A 275 33.99 -19.24 -27.89
CA THR A 275 34.17 -20.67 -28.10
C THR A 275 35.48 -20.91 -28.84
N ARG A 276 35.83 -22.17 -28.98
CA ARG A 276 37.13 -22.54 -29.51
C ARG A 276 37.26 -22.17 -30.98
N ASN A 277 38.51 -21.97 -31.42
CA ASN A 277 38.81 -21.72 -32.82
C ASN A 277 38.87 -23.04 -33.57
N PRO A 278 38.03 -23.24 -34.59
CA PRO A 278 38.21 -24.43 -35.45
C PRO A 278 39.52 -24.43 -36.20
N ARG A 279 40.02 -23.26 -36.58
CA ARG A 279 41.24 -23.16 -37.35
C ARG A 279 42.48 -23.06 -36.47
N TRP A 280 42.29 -23.22 -35.16
CA TRP A 280 43.43 -23.06 -34.20
C TRP A 280 44.68 -23.80 -34.69
N TRP A 281 45.87 -23.23 -34.47
CA TRP A 281 47.12 -23.81 -35.02
C TRP A 281 48.07 -24.32 -33.92
N GLY A 282 47.92 -23.89 -32.66
CA GLY A 282 48.75 -24.32 -31.57
C GLY A 282 48.08 -25.46 -30.80
N ALA A 283 48.58 -25.67 -29.59
CA ALA A 283 48.02 -26.69 -28.72
C ALA A 283 46.58 -26.36 -28.36
N ARG A 284 45.67 -27.25 -28.71
CA ARG A 284 44.25 -26.93 -28.60
C ARG A 284 43.89 -26.70 -27.14
N PRO A 285 42.97 -25.78 -26.86
CA PRO A 285 42.67 -25.43 -25.47
C PRO A 285 42.05 -26.58 -24.70
N ARG A 286 42.29 -26.59 -23.40
CA ARG A 286 41.59 -27.51 -22.52
C ARG A 286 40.16 -27.06 -22.28
N LEU A 287 39.94 -25.76 -22.10
CA LEU A 287 38.61 -25.22 -21.91
C LEU A 287 37.80 -25.39 -23.18
N ASP A 288 36.50 -25.10 -23.10
CA ASP A 288 35.67 -25.18 -24.29
C ASP A 288 34.93 -23.87 -24.55
N SER A 289 34.58 -23.14 -23.50
CA SER A 289 33.79 -21.94 -23.64
C SER A 289 34.20 -20.91 -22.60
N ILE A 290 34.02 -19.63 -22.95
CA ILE A 290 34.28 -18.53 -22.05
C ILE A 290 33.14 -17.52 -22.20
N THR A 291 32.21 -17.50 -21.25
CA THR A 291 31.05 -16.63 -21.33
C THR A 291 31.22 -15.46 -20.38
N TYR A 292 31.17 -14.26 -20.92
CA TYR A 292 31.17 -13.03 -20.13
C TYR A 292 29.74 -12.55 -19.98
N LEU A 293 29.33 -12.32 -18.73
CA LEU A 293 28.03 -11.72 -18.46
C LEU A 293 28.26 -10.38 -17.76
N VAL A 294 27.82 -9.30 -18.40
CA VAL A 294 28.02 -7.98 -17.82
C VAL A 294 27.19 -7.86 -16.56
N LEU A 295 27.72 -7.18 -15.56
CA LEU A 295 27.20 -7.27 -14.21
C LEU A 295 27.72 -6.08 -13.43
N ASP A 296 26.83 -5.36 -12.76
CA ASP A 296 27.29 -4.19 -12.03
C ASP A 296 28.08 -4.60 -10.80
N ASP A 297 28.82 -3.65 -10.23
CA ASP A 297 29.64 -3.95 -9.07
C ASP A 297 28.79 -4.35 -7.87
N ALA A 298 27.57 -3.85 -7.77
CA ALA A 298 26.78 -4.06 -6.58
C ALA A 298 26.54 -5.53 -6.32
N ALA A 299 26.24 -6.30 -7.37
CA ALA A 299 26.02 -7.73 -7.26
C ALA A 299 26.99 -8.42 -8.19
N ARG A 300 28.20 -8.64 -7.70
CA ARG A 300 29.26 -9.37 -8.37
C ARG A 300 29.87 -10.43 -7.47
N LEU A 301 29.99 -10.15 -6.19
CA LEU A 301 30.46 -11.11 -5.20
C LEU A 301 29.32 -12.05 -4.79
N PRO A 302 28.09 -11.58 -4.62
CA PRO A 302 26.99 -12.55 -4.48
C PRO A 302 26.87 -13.49 -5.66
N ALA A 303 27.16 -13.01 -6.87
CA ALA A 303 27.18 -13.88 -8.04
C ALA A 303 28.21 -14.99 -7.89
N LEU A 304 29.36 -14.67 -7.29
CA LEU A 304 30.37 -15.69 -7.03
C LEU A 304 29.91 -16.62 -5.91
N GLN A 305 29.26 -16.08 -4.89
CA GLN A 305 28.82 -16.91 -3.76
C GLN A 305 27.81 -17.95 -4.20
N ASN A 306 26.86 -17.57 -5.05
CA ASN A 306 25.80 -18.47 -5.48
C ASN A 306 26.15 -19.22 -6.76
N ASN A 307 27.42 -19.28 -7.13
CA ASN A 307 27.89 -20.06 -8.27
C ASN A 307 27.19 -19.62 -9.56
N THR A 308 27.42 -18.37 -9.93
CA THR A 308 27.07 -17.91 -11.26
C THR A 308 28.26 -17.42 -12.07
N ILE A 309 29.33 -16.97 -11.42
CA ILE A 309 30.58 -16.67 -12.10
C ILE A 309 31.69 -17.49 -11.45
N ASP A 310 32.91 -17.32 -11.93
CA ASP A 310 34.05 -18.10 -11.46
C ASP A 310 35.14 -17.25 -10.84
N ALA A 311 35.55 -16.17 -11.51
CA ALA A 311 36.64 -15.34 -11.03
C ALA A 311 36.30 -13.88 -11.20
N THR A 312 36.67 -13.07 -10.21
CA THR A 312 36.52 -11.63 -10.26
C THR A 312 37.76 -11.00 -9.62
N GLY A 313 37.66 -9.72 -9.30
CA GLY A 313 38.69 -9.03 -8.56
C GLY A 313 38.11 -8.52 -7.25
N VAL A 314 38.97 -8.43 -6.24
CA VAL A 314 38.59 -7.99 -4.91
C VAL A 314 39.05 -6.56 -4.72
N GLY A 315 38.15 -5.68 -4.33
CA GLY A 315 38.47 -4.28 -4.24
C GLY A 315 38.47 -3.71 -2.85
N THR A 316 37.62 -4.23 -1.97
CA THR A 316 37.47 -3.71 -0.63
C THR A 316 37.63 -4.85 0.38
N LEU A 317 37.45 -4.52 1.65
CA LEU A 317 37.59 -5.52 2.71
C LEU A 317 36.49 -6.57 2.62
N ASP A 318 35.24 -6.12 2.45
CA ASP A 318 34.12 -7.06 2.38
C ASP A 318 34.26 -8.02 1.22
N GLN A 319 34.64 -7.50 0.06
CA GLN A 319 34.82 -8.37 -1.09
C GLN A 319 35.83 -9.47 -0.80
N LEU A 320 36.77 -9.20 0.11
CA LEU A 320 37.78 -10.17 0.50
C LEU A 320 37.30 -11.11 1.59
N THR A 321 36.52 -10.62 2.55
CA THR A 321 35.97 -11.52 3.55
C THR A 321 34.99 -12.50 2.92
N ILE A 322 34.04 -12.00 2.15
CA ILE A 322 33.15 -12.94 1.50
C ILE A 322 33.76 -13.34 0.16
N ALA A 323 34.93 -13.92 0.24
CA ALA A 323 35.51 -14.78 -0.79
C ALA A 323 36.32 -15.91 -0.20
N ALA A 324 36.87 -15.75 1.00
CA ALA A 324 37.53 -16.80 1.73
C ALA A 324 36.72 -17.30 2.91
N ARG A 325 35.71 -16.55 3.33
CA ARG A 325 34.75 -17.08 4.29
C ARG A 325 33.83 -18.12 3.68
N THR A 326 33.79 -18.21 2.35
CA THR A 326 33.04 -19.24 1.66
C THR A 326 33.97 -20.36 1.22
N LYS A 327 33.38 -21.44 0.76
CA LYS A 327 34.09 -22.66 0.43
C LYS A 327 34.09 -22.88 -1.07
N GLY A 328 35.17 -23.47 -1.57
CA GLY A 328 35.34 -23.69 -2.98
C GLY A 328 36.05 -22.57 -3.72
N ILE A 329 36.27 -21.44 -3.06
CA ILE A 329 36.85 -20.25 -3.69
C ILE A 329 38.17 -19.94 -3.02
N SER A 330 39.22 -19.78 -3.81
CA SER A 330 40.56 -19.48 -3.34
C SER A 330 40.98 -18.11 -3.83
N ILE A 331 41.79 -17.42 -3.04
CA ILE A 331 42.13 -16.03 -3.29
C ILE A 331 43.60 -15.94 -3.66
N ARG A 332 43.87 -15.46 -4.88
CA ARG A 332 45.21 -15.32 -5.40
C ARG A 332 45.59 -13.85 -5.45
N ARG A 333 46.88 -13.57 -5.33
CA ARG A 333 47.37 -12.20 -5.27
C ARG A 333 48.68 -12.08 -6.03
N ALA A 334 48.72 -11.20 -7.02
CA ALA A 334 49.94 -10.83 -7.71
C ALA A 334 49.79 -9.44 -8.30
N PRO A 335 50.41 -8.42 -7.72
CA PRO A 335 50.18 -7.04 -8.17
C PRO A 335 50.75 -6.76 -9.55
N GLY A 336 50.14 -5.80 -10.23
CA GLY A 336 50.58 -5.39 -11.54
C GLY A 336 50.69 -3.88 -11.66
N PRO A 337 51.08 -3.39 -12.83
CA PRO A 337 51.26 -1.94 -13.05
C PRO A 337 49.96 -1.20 -13.34
N SER A 338 49.03 -1.27 -12.40
CA SER A 338 47.76 -0.58 -12.52
C SER A 338 47.59 0.36 -11.33
N TRP A 339 46.88 1.47 -11.54
CA TRP A 339 46.69 2.43 -10.47
C TRP A 339 45.48 3.32 -10.74
N TYR A 340 44.96 3.88 -9.66
CA TYR A 340 43.85 4.82 -9.66
C TYR A 340 44.39 6.24 -9.53
N HIS A 341 43.56 7.22 -9.91
CA HIS A 341 44.00 8.60 -9.84
C HIS A 341 42.80 9.54 -9.99
N PHE A 342 43.05 10.80 -9.65
CA PHE A 342 42.16 11.92 -9.95
C PHE A 342 42.72 12.65 -11.16
N THR A 343 41.93 12.76 -12.21
CA THR A 343 42.34 13.47 -13.41
C THR A 343 41.64 14.82 -13.45
N LEU A 344 42.40 15.87 -13.68
CA LEU A 344 41.82 17.22 -13.59
C LEU A 344 41.70 17.81 -14.99
N ASN A 345 40.62 18.53 -15.26
CA ASN A 345 40.38 19.11 -16.62
C ASN A 345 40.90 20.55 -16.63
N GLY A 346 41.99 20.80 -17.36
CA GLY A 346 42.54 22.17 -17.47
C GLY A 346 42.14 22.81 -18.80
N ALA A 347 41.34 22.10 -19.60
CA ALA A 347 40.89 22.64 -20.91
C ALA A 347 40.16 23.97 -20.67
N PRO A 348 40.38 25.00 -21.51
CA PRO A 348 39.75 26.31 -21.31
C PRO A 348 38.23 26.14 -21.13
N GLY A 349 37.65 26.80 -20.12
CA GLY A 349 36.21 26.64 -19.84
C GLY A 349 35.99 25.86 -18.55
N SER A 350 37.03 25.17 -18.07
CA SER A 350 36.94 24.43 -16.78
C SER A 350 37.24 25.36 -15.62
N ILE A 351 36.48 25.28 -14.53
CA ILE A 351 36.77 26.11 -13.33
C ILE A 351 38.24 25.88 -12.95
N LEU A 352 38.81 24.75 -13.38
CA LEU A 352 40.18 24.41 -13.02
C LEU A 352 41.18 24.76 -14.11
N ALA A 353 40.81 25.63 -15.06
CA ALA A 353 41.77 26.06 -16.06
C ALA A 353 42.91 26.85 -15.45
N ASP A 354 42.77 27.29 -14.20
CA ASP A 354 43.81 28.02 -13.50
C ASP A 354 44.81 27.05 -12.92
N LYS A 355 46.07 27.16 -13.35
CA LYS A 355 47.11 26.28 -12.82
C LYS A 355 47.26 26.48 -11.31
N ALA A 356 47.22 27.73 -10.86
CA ALA A 356 47.35 28.00 -9.43
C ALA A 356 46.20 27.41 -8.64
N LEU A 357 44.98 27.43 -9.19
CA LEU A 357 43.85 26.81 -8.52
C LEU A 357 44.03 25.30 -8.42
N ARG A 358 44.51 24.66 -9.49
CA ARG A 358 44.77 23.23 -9.43
C ARG A 358 45.82 22.91 -8.39
N LEU A 359 46.91 23.67 -8.38
CA LEU A 359 47.97 23.42 -7.42
C LEU A 359 47.57 23.74 -5.98
N ALA A 360 46.61 24.64 -5.78
CA ALA A 360 46.16 24.96 -4.44
C ALA A 360 45.09 24.02 -3.94
N ILE A 361 44.35 23.38 -4.84
CA ILE A 361 43.40 22.35 -4.43
C ILE A 361 44.07 20.99 -4.30
N ALA A 362 45.20 20.78 -4.97
CA ALA A 362 45.95 19.55 -4.78
C ALA A 362 46.51 19.44 -3.38
N LYS A 363 46.82 20.56 -2.73
CA LYS A 363 47.32 20.54 -1.37
C LYS A 363 46.23 20.27 -0.34
N GLY A 364 44.97 20.35 -0.72
CA GLY A 364 43.87 20.11 0.19
C GLY A 364 43.29 18.72 0.12
N ILE A 365 43.97 17.77 -0.52
CA ILE A 365 43.54 16.39 -0.61
C ILE A 365 44.59 15.53 0.06
N ASP A 366 44.20 14.79 1.09
CA ASP A 366 45.11 13.95 1.85
C ASP A 366 45.18 12.61 1.15
N ARG A 367 46.25 12.39 0.39
CA ARG A 367 46.37 11.15 -0.35
C ARG A 367 46.78 9.99 0.55
N TYR A 368 47.56 10.26 1.60
CA TYR A 368 47.96 9.21 2.52
C TYR A 368 46.76 8.63 3.25
N THR A 369 45.90 9.50 3.76
CA THR A 369 44.67 9.05 4.41
C THR A 369 43.77 8.31 3.43
N ILE A 370 43.70 8.80 2.19
CA ILE A 370 42.87 8.15 1.18
C ILE A 370 43.36 6.74 0.92
N ALA A 371 44.68 6.56 0.79
CA ALA A 371 45.23 5.23 0.58
C ALA A 371 44.93 4.33 1.77
N ARG A 372 45.14 4.84 2.98
CA ARG A 372 44.94 4.02 4.17
C ARG A 372 43.50 3.55 4.29
N VAL A 373 42.54 4.43 3.99
CA VAL A 373 41.15 4.00 4.03
C VAL A 373 40.82 3.07 2.87
N ALA A 374 41.36 3.35 1.68
CA ALA A 374 40.96 2.62 0.49
C ALA A 374 41.42 1.18 0.53
N GLN A 375 42.70 0.94 0.81
CA GLN A 375 43.19 -0.42 0.91
C GLN A 375 43.47 -0.70 2.39
N TYR A 376 42.42 -1.05 3.11
CA TYR A 376 42.50 -1.41 4.52
C TYR A 376 42.19 -2.88 4.63
N GLY A 377 43.12 -3.64 5.21
CA GLY A 377 42.97 -5.07 5.27
C GLY A 377 43.41 -5.80 4.02
N LEU A 378 43.70 -5.08 2.93
CA LEU A 378 44.23 -5.69 1.73
C LEU A 378 45.74 -5.63 1.67
N THR A 379 46.36 -4.67 2.33
CA THR A 379 47.79 -4.47 2.23
C THR A 379 48.30 -3.95 3.57
N SER A 380 49.35 -4.59 4.08
CA SER A 380 49.96 -4.12 5.31
C SER A 380 50.63 -2.78 5.08
N ASP A 381 50.40 -1.82 5.98
CA ASP A 381 50.94 -0.47 5.87
C ASP A 381 50.62 0.13 4.50
N PRO A 382 49.36 0.40 4.20
CA PRO A 382 49.02 0.96 2.88
C PRO A 382 49.58 2.37 2.72
N VAL A 383 50.19 2.61 1.56
CA VAL A 383 50.79 3.90 1.23
C VAL A 383 50.34 4.31 -0.16
N PRO A 384 50.32 5.59 -0.50
CA PRO A 384 49.83 6.04 -1.80
C PRO A 384 50.91 5.92 -2.87
N LEU A 385 50.53 6.29 -4.09
CA LEU A 385 51.43 6.30 -5.23
C LEU A 385 51.98 7.71 -5.43
N ASN A 386 53.27 7.79 -5.74
CA ASN A 386 53.99 9.06 -5.78
C ASN A 386 54.82 9.17 -7.03
N ASN A 387 54.26 8.76 -8.16
CA ASN A 387 54.97 8.76 -9.44
C ASN A 387 53.95 8.48 -10.53
N HIS A 388 54.06 9.22 -11.63
CA HIS A 388 53.19 9.00 -12.77
C HIS A 388 53.74 7.97 -13.73
N VAL A 389 55.05 7.91 -13.90
CA VAL A 389 55.64 7.04 -14.91
C VAL A 389 55.77 5.62 -14.40
N PHE A 390 56.29 5.44 -13.19
CA PHE A 390 56.55 4.13 -12.63
C PHE A 390 55.65 3.88 -11.42
N VAL A 391 55.63 2.63 -10.98
CA VAL A 391 54.90 2.23 -9.79
C VAL A 391 55.86 1.51 -8.86
N ALA A 392 55.45 1.34 -7.61
CA ALA A 392 56.32 0.76 -6.61
C ALA A 392 56.69 -0.66 -6.97
N GLY A 393 57.95 -0.89 -7.27
CA GLY A 393 58.38 -2.20 -7.71
C GLY A 393 59.17 -2.14 -9.01
N GLN A 394 58.76 -1.27 -9.91
CA GLN A 394 59.50 -1.06 -11.14
C GLN A 394 60.77 -0.26 -10.87
N ASP A 395 61.79 -0.49 -11.67
CA ASP A 395 63.07 0.17 -11.46
C ASP A 395 62.96 1.66 -11.75
N GLY A 396 63.53 2.47 -10.87
CA GLY A 396 63.55 3.91 -11.07
C GLY A 396 62.33 4.62 -10.53
N TYR A 397 61.81 4.19 -9.38
CA TYR A 397 60.65 4.79 -8.76
C TYR A 397 61.09 5.57 -7.52
N GLN A 398 60.50 6.75 -7.34
CA GLN A 398 60.84 7.59 -6.20
C GLN A 398 59.68 8.54 -5.92
N ASP A 399 59.80 9.30 -4.85
CA ASP A 399 58.77 10.24 -4.41
C ASP A 399 59.03 11.60 -5.03
N ASN A 400 58.21 11.97 -6.01
CA ASN A 400 58.32 13.25 -6.69
C ASN A 400 57.21 14.21 -6.32
N SER A 401 56.42 13.89 -5.30
CA SER A 401 55.23 14.66 -4.94
C SER A 401 55.47 15.64 -3.81
N GLY A 402 56.68 16.18 -3.69
CA GLY A 402 56.95 17.15 -2.65
C GLY A 402 56.30 18.49 -2.89
N VAL A 403 56.01 18.84 -4.14
CA VAL A 403 55.41 20.11 -4.48
C VAL A 403 53.93 20.16 -4.09
N VAL A 404 53.29 19.01 -3.92
CA VAL A 404 51.87 18.89 -3.67
C VAL A 404 51.59 18.31 -2.28
N ALA A 405 52.56 18.39 -1.38
CA ALA A 405 52.39 17.85 -0.04
C ALA A 405 51.18 18.46 0.63
N TYR A 406 50.40 17.61 1.31
CA TYR A 406 49.16 18.05 1.93
C TYR A 406 49.44 19.06 3.02
N ASN A 407 48.85 20.25 2.87
CA ASN A 407 49.05 21.35 3.81
C ASN A 407 47.86 22.29 3.68
N PRO A 408 46.76 21.97 4.35
CA PRO A 408 45.53 22.74 4.11
C PRO A 408 45.62 24.20 4.53
N GLU A 409 46.55 24.57 5.41
CA GLU A 409 46.67 25.99 5.76
C GLU A 409 47.26 26.79 4.61
N GLN A 410 48.31 26.26 3.97
CA GLN A 410 48.87 26.92 2.79
C GLN A 410 47.86 26.97 1.67
N ALA A 411 47.00 25.96 1.56
CA ALA A 411 45.94 26.00 0.56
C ALA A 411 45.02 27.20 0.77
N LYS A 412 44.59 27.43 2.01
CA LYS A 412 43.76 28.59 2.30
C LYS A 412 44.51 29.88 2.03
N ARG A 413 45.79 29.93 2.41
CA ARG A 413 46.55 31.16 2.24
C ARG A 413 46.64 31.57 0.78
N GLU A 414 47.01 30.63 -0.09
CA GLU A 414 47.10 30.98 -1.51
C GLU A 414 45.80 30.76 -2.27
N LEU A 415 44.73 30.41 -1.58
CA LEU A 415 43.40 30.47 -2.15
C LEU A 415 42.70 31.77 -1.82
N ASP A 416 43.16 32.49 -0.79
CA ASP A 416 42.73 33.85 -0.52
C ASP A 416 43.71 34.88 -1.06
N ALA A 417 44.89 34.48 -1.47
CA ALA A 417 45.73 35.31 -2.32
C ALA A 417 45.56 34.97 -3.80
N LEU A 418 44.48 34.29 -4.13
CA LEU A 418 44.02 34.04 -5.48
C LEU A 418 42.65 34.66 -5.73
N GLY A 419 41.81 34.70 -4.71
CA GLY A 419 40.61 35.49 -4.73
C GLY A 419 39.42 34.85 -4.05
N TRP A 420 39.23 33.55 -4.20
CA TRP A 420 38.09 32.91 -3.56
C TRP A 420 38.21 33.08 -2.07
N ARG A 421 37.30 33.86 -1.47
CA ARG A 421 37.33 34.10 -0.03
C ARG A 421 36.14 33.44 0.63
N ARG A 422 36.31 33.10 1.90
CA ARG A 422 35.37 32.28 2.64
C ARG A 422 34.23 33.14 3.13
N SER A 423 33.15 33.19 2.35
CA SER A 423 31.95 33.94 2.71
C SER A 423 30.78 32.97 2.71
N GLY A 424 30.61 32.27 3.82
CA GLY A 424 29.59 31.25 3.91
C GLY A 424 30.18 29.88 4.19
N ALA A 425 29.45 28.83 3.83
CA ALA A 425 29.96 27.48 4.02
C ALA A 425 31.02 27.09 3.01
N PHE A 426 31.03 27.73 1.83
CA PHE A 426 32.02 27.46 0.80
C PHE A 426 32.45 28.78 0.18
N ARG A 427 33.65 28.80 -0.39
CA ARG A 427 34.19 30.03 -0.94
C ARG A 427 33.52 30.38 -2.26
N GLU A 428 33.49 31.68 -2.57
CA GLU A 428 32.94 32.20 -3.82
C GLU A 428 33.76 33.38 -4.30
N LYS A 429 33.89 33.50 -5.61
CA LYS A 429 34.61 34.61 -6.23
C LYS A 429 33.73 35.21 -7.33
N ASP A 430 33.53 36.53 -7.26
CA ASP A 430 32.79 37.31 -8.25
C ASP A 430 31.34 36.85 -8.42
N GLY A 431 30.86 35.96 -7.56
CA GLY A 431 29.50 35.49 -7.68
C GLY A 431 29.40 33.99 -7.82
N ARG A 432 30.32 33.37 -8.57
CA ARG A 432 30.30 31.93 -8.74
C ARG A 432 30.85 31.25 -7.49
N GLN A 433 30.24 30.14 -7.11
CA GLN A 433 30.68 29.38 -5.96
C GLN A 433 31.75 28.38 -6.38
N LEU A 434 32.67 28.10 -5.46
CA LEU A 434 33.75 27.14 -5.69
C LEU A 434 33.17 25.74 -5.60
N VAL A 435 32.65 25.24 -6.71
CA VAL A 435 32.08 23.90 -6.78
C VAL A 435 32.73 23.16 -7.93
N ILE A 436 33.12 21.91 -7.68
CA ILE A 436 33.85 21.09 -8.65
C ILE A 436 33.09 19.79 -8.83
N ARG A 437 32.84 19.40 -10.07
CA ARG A 437 32.10 18.18 -10.35
C ARG A 437 33.06 17.00 -10.36
N ASP A 438 32.67 15.92 -9.69
CA ASP A 438 33.46 14.70 -9.65
C ASP A 438 32.75 13.61 -10.45
N LEU A 439 33.48 13.02 -11.40
CA LEU A 439 32.95 12.00 -12.28
C LEU A 439 33.60 10.67 -11.94
N PHE A 440 32.80 9.68 -11.58
CA PHE A 440 33.34 8.37 -11.24
C PHE A 440 32.31 7.29 -11.51
N TYR A 441 32.79 6.06 -11.58
CA TYR A 441 31.94 4.90 -11.74
C TYR A 441 31.25 4.55 -10.42
N ASP A 442 29.96 4.24 -10.50
CA ASP A 442 29.19 3.92 -9.30
C ASP A 442 29.52 2.50 -8.88
N ALA A 443 30.53 2.36 -8.02
CA ALA A 443 30.89 1.06 -7.48
C ALA A 443 30.97 1.16 -5.97
N GLN A 444 31.43 0.10 -5.31
CA GLN A 444 31.59 0.13 -3.86
C GLN A 444 32.92 0.72 -3.45
N SER A 445 33.97 0.42 -4.20
CA SER A 445 35.30 0.91 -3.88
C SER A 445 35.58 2.30 -4.41
N THR A 446 35.03 2.65 -5.57
CA THR A 446 35.36 3.92 -6.20
C THR A 446 34.73 5.10 -5.49
N ARG A 447 33.56 4.91 -4.89
CA ARG A 447 32.93 6.04 -4.23
C ARG A 447 33.55 6.37 -2.89
N GLN A 448 34.29 5.44 -2.29
CA GLN A 448 34.98 5.74 -1.04
C GLN A 448 36.04 6.83 -1.25
N PHE A 449 36.76 6.76 -2.37
CA PHE A 449 37.71 7.82 -2.71
C PHE A 449 37.00 9.16 -2.78
N ALA A 450 35.85 9.20 -3.44
CA ALA A 450 35.11 10.44 -3.60
C ALA A 450 34.65 10.98 -2.26
N GLN A 451 34.16 10.13 -1.38
CA GLN A 451 33.67 10.60 -0.09
C GLN A 451 34.81 11.13 0.77
N ILE A 452 35.94 10.42 0.81
CA ILE A 452 37.07 10.93 1.59
C ILE A 452 37.56 12.25 1.01
N ALA A 453 37.65 12.34 -0.31
CA ALA A 453 38.14 13.56 -0.94
C ALA A 453 37.22 14.73 -0.67
N GLN A 454 35.91 14.52 -0.75
CA GLN A 454 34.99 15.64 -0.50
C GLN A 454 34.99 16.03 0.97
N HIS A 455 35.09 15.06 1.87
CA HIS A 455 35.18 15.41 3.29
C HIS A 455 36.42 16.23 3.57
N THR A 456 37.56 15.83 3.00
CA THR A 456 38.79 16.57 3.26
C THR A 456 38.77 17.93 2.59
N LEU A 457 38.13 18.05 1.43
CA LEU A 457 38.08 19.34 0.73
C LEU A 457 37.12 20.31 1.40
N ALA A 458 36.07 19.82 2.03
CA ALA A 458 35.16 20.70 2.76
C ALA A 458 35.87 21.46 3.86
N GLN A 459 36.98 20.93 4.37
CA GLN A 459 37.72 21.61 5.43
C GLN A 459 38.38 22.89 4.97
N ILE A 460 38.46 23.14 3.66
CA ILE A 460 38.96 24.40 3.14
C ILE A 460 37.90 25.12 2.30
N GLY A 461 36.64 24.76 2.49
CA GLY A 461 35.56 25.41 1.80
C GLY A 461 35.56 25.21 0.30
N VAL A 462 35.73 23.98 -0.15
CA VAL A 462 35.65 23.62 -1.55
C VAL A 462 34.58 22.56 -1.69
N LYS A 463 33.55 22.84 -2.48
CA LYS A 463 32.47 21.88 -2.68
C LYS A 463 32.82 20.94 -3.83
N LEU A 464 32.73 19.65 -3.58
CA LEU A 464 33.00 18.62 -4.57
C LEU A 464 31.69 17.89 -4.82
N GLU A 465 31.06 18.19 -5.94
CA GLU A 465 29.80 17.55 -6.29
C GLU A 465 30.07 16.20 -6.93
N LEU A 466 29.52 15.15 -6.35
CA LEU A 466 29.76 13.79 -6.81
C LEU A 466 28.72 13.40 -7.85
N GLN A 467 29.19 12.82 -8.96
CA GLN A 467 28.32 12.35 -10.03
C GLN A 467 28.75 10.93 -10.38
N ALA A 468 28.02 9.95 -9.87
CA ALA A 468 28.34 8.55 -10.06
C ALA A 468 27.66 8.05 -11.33
N LYS A 469 28.44 7.86 -12.39
CA LYS A 469 27.86 7.44 -13.70
C LYS A 469 27.79 5.91 -13.78
N SER A 470 27.13 5.39 -14.82
CA SER A 470 27.03 3.92 -15.01
C SER A 470 28.26 3.41 -15.75
N GLY A 471 28.27 2.12 -16.12
CA GLY A 471 29.42 1.54 -16.82
C GLY A 471 29.32 1.70 -18.32
N SER A 472 28.13 2.01 -18.82
CA SER A 472 27.96 2.10 -20.26
C SER A 472 28.26 3.51 -20.73
N GLY A 473 29.18 3.64 -21.67
CA GLY A 473 29.56 4.95 -22.14
C GLY A 473 29.95 5.84 -20.98
N PHE A 474 30.83 5.34 -20.12
CA PHE A 474 31.41 6.19 -19.10
C PHE A 474 32.55 6.99 -19.71
N PHE A 475 33.44 6.28 -20.40
CA PHE A 475 34.50 6.95 -21.13
C PHE A 475 33.95 7.66 -22.36
N SER A 476 33.41 6.90 -23.30
CA SER A 476 33.04 7.46 -24.61
C SER A 476 32.07 8.61 -24.49
N ASP A 477 31.28 8.64 -23.42
CA ASP A 477 30.31 9.71 -23.23
C ASP A 477 30.76 10.80 -22.28
N TYR A 478 31.69 10.55 -21.37
CA TYR A 478 32.00 11.63 -20.44
C TYR A 478 33.48 11.98 -20.38
N VAL A 479 34.37 11.00 -20.52
CA VAL A 479 35.78 11.25 -20.31
C VAL A 479 36.47 11.65 -21.61
N ASN A 480 36.23 10.93 -22.70
CA ASN A 480 36.88 11.30 -23.95
C ASN A 480 36.37 12.62 -24.50
N VAL A 481 35.25 13.13 -24.01
CA VAL A 481 34.63 14.33 -24.56
C VAL A 481 34.88 15.57 -23.70
N GLY A 482 35.26 15.41 -22.44
CA GLY A 482 35.54 16.53 -21.58
C GLY A 482 34.44 16.92 -20.63
N ALA A 483 33.48 16.05 -20.37
CA ALA A 483 32.31 16.40 -19.56
C ALA A 483 32.54 16.11 -18.09
N PHE A 484 33.59 16.75 -17.54
CA PHE A 484 33.94 16.56 -16.15
C PHE A 484 34.82 17.72 -15.69
N ASP A 485 34.86 17.91 -14.38
CA ASP A 485 35.83 18.78 -13.73
C ASP A 485 36.95 18.00 -13.07
N ILE A 486 36.62 16.88 -12.43
CA ILE A 486 37.58 15.91 -11.92
C ILE A 486 37.06 14.53 -12.30
N ALA A 487 37.95 13.66 -12.75
CA ALA A 487 37.59 12.33 -13.17
C ALA A 487 38.30 11.29 -12.32
N GLN A 488 37.66 10.14 -12.17
CA GLN A 488 38.16 9.03 -11.36
C GLN A 488 38.18 7.77 -12.19
N PHE A 489 39.37 7.33 -12.57
CA PHE A 489 39.50 6.08 -13.32
C PHE A 489 40.93 5.59 -13.16
N GLY A 490 41.23 4.46 -13.77
CA GLY A 490 42.53 3.86 -13.59
C GLY A 490 43.28 3.62 -14.88
N TRP A 491 44.59 3.46 -14.79
CA TRP A 491 45.43 3.11 -15.92
C TRP A 491 45.95 1.71 -15.72
N VAL A 492 46.05 0.95 -16.81
CA VAL A 492 46.65 -0.38 -16.79
C VAL A 492 47.83 -0.36 -17.73
N GLY A 493 49.03 -0.56 -17.19
CA GLY A 493 50.23 -0.60 -17.97
C GLY A 493 50.70 -2.01 -18.24
N ASP A 494 51.95 -2.12 -18.64
CA ASP A 494 52.57 -3.40 -18.96
C ASP A 494 54.04 -3.30 -18.58
N ALA A 495 54.85 -4.22 -19.10
CA ALA A 495 56.28 -4.18 -18.84
C ALA A 495 56.97 -3.06 -19.55
N PHE A 496 56.19 -2.17 -20.16
CA PHE A 496 56.69 -1.15 -21.07
C PHE A 496 56.18 0.20 -20.56
N PRO A 497 56.89 0.83 -19.63
CA PRO A 497 56.32 2.00 -18.94
C PRO A 497 56.49 3.32 -19.68
N LEU A 498 57.46 3.45 -20.57
CA LEU A 498 57.71 4.72 -21.23
C LEU A 498 56.79 4.97 -22.42
N SER A 499 55.82 4.09 -22.66
CA SER A 499 54.86 4.32 -23.72
C SER A 499 53.73 5.24 -23.30
N SER A 500 53.55 5.47 -22.00
CA SER A 500 52.50 6.35 -21.52
C SER A 500 52.81 7.81 -21.77
N LEU A 501 54.08 8.14 -21.98
CA LEU A 501 54.51 9.53 -22.04
C LEU A 501 53.79 10.29 -23.14
N THR A 502 54.00 9.92 -24.40
CA THR A 502 53.35 10.62 -25.49
C THR A 502 51.84 10.44 -25.44
N GLN A 503 51.38 9.26 -25.01
CA GLN A 503 49.95 8.97 -25.06
C GLN A 503 49.16 9.88 -24.14
N ILE A 504 49.66 10.14 -22.93
CA ILE A 504 48.92 10.88 -21.92
C ILE A 504 49.51 12.25 -21.67
N TYR A 505 50.78 12.32 -21.33
CA TYR A 505 51.33 13.53 -20.74
C TYR A 505 51.85 14.53 -21.75
N ALA A 506 51.87 14.19 -23.04
CA ALA A 506 52.18 15.17 -24.06
C ALA A 506 51.02 16.14 -24.22
N SER A 507 51.33 17.36 -24.69
CA SER A 507 50.29 18.36 -24.85
C SER A 507 49.25 17.93 -25.87
N ASP A 508 49.68 17.29 -26.95
CA ASP A 508 48.79 16.78 -27.99
C ASP A 508 48.57 15.29 -27.87
N GLY A 509 48.68 14.74 -26.66
CA GLY A 509 48.52 13.31 -26.49
C GLY A 509 47.09 12.86 -26.77
N GLU A 510 46.97 11.65 -27.30
CA GLU A 510 45.67 11.13 -27.68
C GLU A 510 44.83 10.73 -26.48
N SER A 511 45.43 10.59 -25.31
CA SER A 511 44.69 10.29 -24.08
C SER A 511 44.81 11.41 -23.06
N ASN A 512 45.29 12.58 -23.46
CA ASN A 512 45.36 13.75 -22.60
C ASN A 512 43.95 14.32 -22.49
N PHE A 513 43.12 13.63 -21.69
CA PHE A 513 41.70 13.97 -21.61
C PHE A 513 41.46 15.35 -21.00
N GLY A 514 42.41 15.87 -20.22
CA GLY A 514 42.23 17.14 -19.56
C GLY A 514 42.89 18.29 -20.29
N LYS A 515 43.67 17.98 -21.32
CA LYS A 515 44.30 18.98 -22.16
C LYS A 515 45.21 19.90 -21.36
N ILE A 516 45.89 19.35 -20.37
CA ILE A 516 46.91 20.08 -19.60
C ILE A 516 48.27 19.73 -20.18
N GLY A 517 49.12 20.73 -20.34
CA GLY A 517 50.46 20.47 -20.84
C GLY A 517 51.20 21.77 -21.04
N SER A 518 52.47 21.62 -21.39
CA SER A 518 53.34 22.77 -21.58
C SER A 518 54.48 22.35 -22.51
N PRO A 519 55.09 23.30 -23.22
CA PRO A 519 56.18 22.94 -24.14
C PRO A 519 57.36 22.27 -23.48
N GLN A 520 57.66 22.64 -22.23
CA GLN A 520 58.80 22.07 -21.52
C GLN A 520 58.60 20.58 -21.30
N ILE A 521 57.38 20.18 -20.96
CA ILE A 521 57.08 18.77 -20.80
C ILE A 521 57.33 18.03 -22.11
N ASP A 522 56.86 18.59 -23.22
CA ASP A 522 57.04 17.93 -24.51
C ASP A 522 58.51 17.79 -24.87
N ALA A 523 59.31 18.84 -24.64
CA ALA A 523 60.73 18.76 -24.92
C ALA A 523 61.41 17.72 -24.04
N ALA A 524 61.04 17.66 -22.76
CA ALA A 524 61.60 16.66 -21.87
C ALA A 524 61.25 15.25 -22.32
N ILE A 525 60.01 15.03 -22.72
CA ILE A 525 59.60 13.71 -23.19
C ILE A 525 60.40 13.31 -24.41
N GLU A 526 60.63 14.26 -25.32
CA GLU A 526 61.45 13.94 -26.49
C GLU A 526 62.87 13.59 -26.07
N ARG A 527 63.41 14.29 -25.07
CA ARG A 527 64.76 13.98 -24.61
C ARG A 527 64.83 12.57 -24.04
N THR A 528 63.83 12.15 -23.26
CA THR A 528 63.84 10.80 -22.72
C THR A 528 63.72 9.76 -23.84
N LEU A 529 62.81 9.99 -24.79
CA LEU A 529 62.62 9.01 -25.85
C LEU A 529 63.77 8.96 -26.83
N ALA A 530 64.61 10.00 -26.88
CA ALA A 530 65.74 10.03 -27.77
C ALA A 530 66.98 9.38 -27.18
N GLU A 531 66.87 8.77 -26.00
CA GLU A 531 68.01 8.16 -25.33
C GLU A 531 67.84 6.65 -25.22
N LEU A 532 68.92 5.92 -25.51
CA LEU A 532 68.91 4.46 -25.59
C LEU A 532 69.26 3.78 -24.27
N ASP A 533 70.30 4.25 -23.58
CA ASP A 533 70.74 3.60 -22.34
C ASP A 533 69.64 3.71 -21.29
N PRO A 534 69.19 2.59 -20.72
CA PRO A 534 68.10 2.66 -19.74
C PRO A 534 68.43 3.47 -18.50
N GLY A 535 69.68 3.49 -18.07
CA GLY A 535 70.02 4.20 -16.84
C GLY A 535 69.74 5.68 -16.92
N LYS A 536 70.12 6.32 -18.03
CA LYS A 536 69.83 7.73 -18.21
C LYS A 536 68.37 7.97 -18.57
N ALA A 537 67.76 7.06 -19.33
CA ALA A 537 66.36 7.22 -19.69
C ALA A 537 65.46 7.22 -18.47
N ARG A 538 65.79 6.40 -17.46
CA ARG A 538 64.99 6.36 -16.24
C ARG A 538 65.07 7.68 -15.48
N ALA A 539 66.28 8.25 -15.36
CA ALA A 539 66.41 9.53 -14.67
C ALA A 539 65.69 10.63 -15.44
N LEU A 540 65.78 10.60 -16.77
CA LEU A 540 65.06 11.59 -17.57
C LEU A 540 63.55 11.46 -17.38
N ALA A 541 63.05 10.23 -17.33
CA ALA A 541 61.62 10.02 -17.08
C ALA A 541 61.23 10.53 -15.71
N ASN A 542 62.11 10.34 -14.72
CA ASN A 542 61.82 10.88 -13.40
C ASN A 542 61.74 12.40 -13.42
N GLN A 543 62.63 13.05 -14.17
CA GLN A 543 62.57 14.49 -14.33
C GLN A 543 61.26 14.93 -14.98
N VAL A 544 60.83 14.20 -16.01
CA VAL A 544 59.54 14.51 -16.63
C VAL A 544 58.41 14.37 -15.62
N ASP A 545 58.51 13.38 -14.74
CA ASP A 545 57.47 13.21 -13.72
C ASP A 545 57.48 14.36 -12.72
N GLU A 546 58.66 14.88 -12.38
CA GLU A 546 58.70 16.07 -11.54
C GLU A 546 58.01 17.24 -12.23
N LEU A 547 58.26 17.40 -13.52
CA LEU A 547 57.59 18.46 -14.28
C LEU A 547 56.08 18.27 -14.28
N ILE A 548 55.61 17.03 -14.43
CA ILE A 548 54.18 16.75 -14.41
C ILE A 548 53.60 17.10 -13.05
N TRP A 549 54.30 16.74 -11.99
CA TRP A 549 53.81 17.03 -10.65
C TRP A 549 53.66 18.53 -10.44
N ALA A 550 54.67 19.30 -10.84
CA ALA A 550 54.56 20.75 -10.67
C ALA A 550 53.79 21.35 -11.82
N GLU A 551 52.63 20.78 -12.13
CA GLU A 551 51.73 21.31 -13.15
C GLU A 551 50.28 21.22 -12.77
N GLY A 552 49.91 20.44 -11.75
CA GLY A 552 48.51 20.20 -11.48
C GLY A 552 47.87 19.23 -12.45
N PHE A 553 48.66 18.36 -13.06
CA PHE A 553 48.13 17.42 -14.05
C PHE A 553 47.12 16.47 -13.43
N SER A 554 47.56 15.63 -12.52
CA SER A 554 46.69 14.64 -11.91
C SER A 554 47.30 14.21 -10.58
N LEU A 555 46.54 13.42 -9.84
CA LEU A 555 46.95 12.94 -8.52
C LEU A 555 46.83 11.43 -8.45
N PRO A 556 47.93 10.70 -8.59
CA PRO A 556 47.89 9.25 -8.41
C PRO A 556 47.54 8.90 -6.98
N LEU A 557 46.43 8.20 -6.80
CA LEU A 557 45.99 7.86 -5.44
C LEU A 557 46.69 6.60 -4.93
N THR A 558 46.39 5.45 -5.54
CA THR A 558 46.86 4.17 -5.02
C THR A 558 47.27 3.26 -6.16
N GLN A 559 48.16 2.33 -5.84
CA GLN A 559 48.54 1.28 -6.76
C GLN A 559 47.47 0.18 -6.72
N SER A 560 47.76 -0.97 -7.32
CA SER A 560 46.80 -2.06 -7.33
C SER A 560 47.34 -3.23 -6.53
N PRO A 561 46.59 -3.76 -5.57
CA PRO A 561 47.09 -4.90 -4.79
C PRO A 561 47.07 -6.20 -5.57
N GLY A 562 46.29 -6.28 -6.64
CA GLY A 562 46.25 -7.45 -7.50
C GLY A 562 45.73 -8.70 -6.85
N THR A 563 44.68 -8.61 -6.06
CA THR A 563 44.08 -9.76 -5.40
C THR A 563 42.79 -10.11 -6.12
N VAL A 564 42.77 -11.26 -6.78
CA VAL A 564 41.59 -11.75 -7.46
C VAL A 564 41.07 -12.97 -6.71
N ALA A 565 39.77 -13.20 -6.82
CA ALA A 565 39.10 -14.31 -6.16
C ALA A 565 38.66 -15.31 -7.22
N VAL A 566 39.23 -16.50 -7.18
CA VAL A 566 38.97 -17.52 -8.19
C VAL A 566 38.48 -18.79 -7.51
N ARG A 567 37.66 -19.56 -8.22
CA ARG A 567 37.24 -20.85 -7.71
C ARG A 567 38.44 -21.78 -7.60
N SER A 568 38.50 -22.53 -6.50
CA SER A 568 39.69 -23.29 -6.17
C SER A 568 39.98 -24.42 -7.15
N THR A 569 39.03 -24.74 -8.02
CA THR A 569 39.16 -25.87 -8.94
C THR A 569 39.58 -25.44 -10.33
N LEU A 570 39.96 -24.18 -10.49
CA LEU A 570 40.32 -23.58 -11.77
C LEU A 570 41.83 -23.39 -11.81
N ALA A 571 42.46 -23.83 -12.89
CA ALA A 571 43.91 -23.88 -12.94
C ALA A 571 44.47 -23.01 -14.05
N ASN A 572 45.78 -22.76 -13.96
CA ASN A 572 46.54 -21.98 -14.94
C ASN A 572 45.92 -20.62 -15.21
N PHE A 573 45.12 -20.11 -14.28
CA PHE A 573 44.43 -18.84 -14.48
C PHE A 573 44.19 -18.22 -13.11
N GLY A 574 44.88 -17.12 -12.84
CA GLY A 574 44.70 -16.41 -11.59
C GLY A 574 45.10 -14.97 -11.73
N ALA A 575 45.82 -14.45 -10.74
CA ALA A 575 46.42 -13.13 -10.81
C ALA A 575 47.82 -13.25 -11.39
N THR A 576 48.05 -12.65 -12.55
CA THR A 576 49.34 -12.80 -13.22
C THR A 576 50.30 -11.66 -12.88
N GLY A 577 49.79 -10.44 -12.75
CA GLY A 577 50.66 -9.32 -12.46
C GLY A 577 51.40 -8.82 -13.69
N LEU A 578 52.69 -9.08 -13.77
CA LEU A 578 53.50 -8.62 -14.88
C LEU A 578 53.46 -9.56 -16.09
N ALA A 579 52.94 -10.77 -15.92
CA ALA A 579 52.93 -11.77 -16.98
C ALA A 579 51.56 -11.85 -17.63
N ASP A 580 51.45 -12.72 -18.62
CA ASP A 580 50.22 -12.90 -19.38
C ASP A 580 49.77 -14.36 -19.35
N LEU A 581 48.49 -14.58 -19.60
CA LEU A 581 47.94 -15.91 -19.57
C LEU A 581 48.40 -16.72 -20.77
N ASP A 582 48.33 -18.05 -20.63
CA ASP A 582 48.42 -18.97 -21.75
C ASP A 582 47.01 -19.57 -21.88
N TYR A 583 46.24 -19.04 -22.83
CA TYR A 583 44.83 -19.40 -22.92
C TYR A 583 44.63 -20.84 -23.38
N THR A 584 45.65 -21.45 -23.98
CA THR A 584 45.62 -22.86 -24.33
C THR A 584 45.96 -23.77 -23.16
N ALA A 585 45.96 -23.25 -21.94
CA ALA A 585 46.39 -24.02 -20.78
C ALA A 585 45.37 -23.94 -19.65
N ILE A 586 44.61 -22.85 -19.60
CA ILE A 586 43.55 -22.74 -18.61
C ILE A 586 42.67 -23.97 -18.70
N GLY A 587 42.49 -24.65 -17.59
CA GLY A 587 41.60 -25.80 -17.54
C GLY A 587 40.81 -25.84 -16.24
N PHE A 588 40.30 -27.02 -15.86
CA PHE A 588 39.53 -27.25 -14.64
C PHE A 588 40.00 -28.52 -13.92
N MET A 589 39.61 -28.63 -12.65
CA MET A 589 40.02 -29.72 -11.76
C MET A 589 39.61 -31.10 -12.30
N ARG A 590 40.53 -32.07 -12.32
CA ARG A 590 40.03 -33.40 -12.67
C ARG A 590 39.79 -34.19 -11.39
N ARG A 591 38.63 -33.93 -10.80
CA ARG A 591 38.10 -34.60 -9.62
C ARG A 591 38.51 -36.06 -9.46
N MET B 1 -21.71 -6.67 -18.09
CA MET B 1 -22.65 -6.22 -19.10
C MET B 1 -21.93 -5.51 -20.24
N THR B 2 -22.45 -5.62 -21.46
CA THR B 2 -21.81 -5.05 -22.63
C THR B 2 -22.07 -3.56 -22.80
N ARG B 3 -22.92 -2.97 -21.96
CA ARG B 3 -23.08 -1.52 -21.93
C ARG B 3 -22.47 -0.88 -20.70
N TYR B 4 -22.27 -1.65 -19.62
CA TYR B 4 -21.61 -1.12 -18.44
C TYR B 4 -20.12 -0.92 -18.70
N LEU B 5 -19.54 -1.70 -19.60
CA LEU B 5 -18.11 -1.63 -19.86
C LEU B 5 -17.75 -0.68 -20.98
N ALA B 6 -18.66 -0.42 -21.91
CA ALA B 6 -18.36 0.53 -22.99
C ALA B 6 -18.07 1.91 -22.42
N ARG B 7 -18.98 2.43 -21.60
CA ARG B 7 -18.75 3.72 -20.96
C ARG B 7 -17.69 3.64 -19.88
N ARG B 8 -17.36 2.43 -19.44
CA ARG B 8 -16.30 2.27 -18.45
C ARG B 8 -14.92 2.39 -19.07
N LEU B 9 -14.73 1.96 -20.31
CA LEU B 9 -13.45 2.08 -20.97
C LEU B 9 -13.34 3.28 -21.89
N LEU B 10 -14.47 3.85 -22.31
CA LEU B 10 -14.40 5.07 -23.10
C LEU B 10 -13.77 6.20 -22.32
N ASN B 11 -13.90 6.21 -21.00
CA ASN B 11 -13.24 7.23 -20.20
C ASN B 11 -11.86 6.81 -19.72
N TYR B 12 -11.57 5.52 -19.66
CA TYR B 12 -10.21 5.08 -19.42
C TYR B 12 -9.30 5.53 -20.56
N LEU B 13 -9.78 5.43 -21.79
CA LEU B 13 -8.98 5.91 -22.92
C LEU B 13 -8.69 7.40 -22.79
N VAL B 14 -9.69 8.18 -22.40
CA VAL B 14 -9.50 9.62 -22.22
C VAL B 14 -8.50 9.89 -21.11
N LEU B 15 -8.61 9.16 -20.00
CA LEU B 15 -7.67 9.34 -18.90
C LEU B 15 -6.24 9.04 -19.33
N LEU B 16 -6.04 7.98 -20.11
CA LEU B 16 -4.70 7.68 -20.60
C LEU B 16 -4.19 8.77 -21.52
N ALA B 17 -5.03 9.21 -22.45
CA ALA B 17 -4.61 10.20 -23.42
C ALA B 17 -4.28 11.53 -22.76
N LEU B 18 -4.91 11.84 -21.65
CA LEU B 18 -4.59 13.09 -20.96
C LEU B 18 -3.43 12.96 -20.00
N ALA B 19 -3.28 11.80 -19.36
CA ALA B 19 -2.13 11.59 -18.48
C ALA B 19 -0.84 11.59 -19.28
N SER B 20 -0.87 11.03 -20.48
CA SER B 20 0.34 11.07 -21.30
C SER B 20 0.74 12.50 -21.64
N PHE B 21 -0.22 13.34 -21.99
CA PHE B 21 0.07 14.73 -22.31
C PHE B 21 0.64 15.47 -21.10
N LEU B 22 -0.03 15.33 -19.95
CA LEU B 22 0.43 16.03 -18.76
C LEU B 22 1.81 15.56 -18.34
N THR B 23 2.07 14.25 -18.43
CA THR B 23 3.38 13.73 -18.08
C THR B 23 4.45 14.21 -19.04
N TYR B 24 4.14 14.31 -20.33
CA TYR B 24 5.12 14.84 -21.27
C TYR B 24 5.47 16.28 -20.93
N CYS B 25 4.48 17.09 -20.61
CA CYS B 25 4.78 18.47 -20.20
C CYS B 25 5.63 18.49 -18.93
N LEU B 26 5.34 17.60 -17.99
CA LEU B 26 6.09 17.56 -16.75
C LEU B 26 7.55 17.19 -16.98
N THR B 27 7.80 16.12 -17.73
CA THR B 27 9.17 15.70 -17.99
C THR B 27 9.84 16.53 -19.06
N SER B 28 9.14 17.50 -19.65
CA SER B 28 9.81 18.49 -20.47
C SER B 28 10.18 19.75 -19.70
N LEU B 29 9.41 20.08 -18.67
CA LEU B 29 9.81 21.18 -17.79
C LEU B 29 10.88 20.76 -16.80
N ALA B 30 10.83 19.53 -16.31
CA ALA B 30 11.71 19.09 -15.24
C ALA B 30 12.99 18.44 -15.73
N PHE B 31 13.23 18.39 -17.03
CA PHE B 31 14.41 17.76 -17.59
C PHE B 31 15.22 18.77 -18.37
N SER B 32 16.54 18.66 -18.29
CA SER B 32 17.47 19.47 -19.07
C SER B 32 18.43 18.51 -19.75
N PRO B 33 18.06 17.99 -20.92
CA PRO B 33 18.88 16.94 -21.53
C PRO B 33 20.18 17.44 -22.14
N LEU B 34 20.32 18.73 -22.37
CA LEU B 34 21.52 19.29 -22.98
C LEU B 34 22.48 19.85 -21.96
N GLU B 35 22.24 19.62 -20.67
CA GLU B 35 23.10 20.19 -19.64
C GLU B 35 24.48 19.54 -19.64
N SER B 36 24.52 18.21 -19.65
CA SER B 36 25.79 17.50 -19.64
C SER B 36 26.56 17.69 -20.92
N LEU B 37 25.88 18.12 -21.97
CA LEU B 37 26.49 18.33 -23.28
C LEU B 37 27.01 19.76 -23.34
N MET B 38 26.19 20.69 -22.87
CA MET B 38 26.57 22.10 -22.83
C MET B 38 27.74 22.29 -21.90
N GLN B 39 27.75 21.64 -20.74
CA GLN B 39 28.83 21.88 -19.74
C GLN B 39 29.98 20.91 -19.98
N ARG B 40 30.61 20.99 -21.15
CA ARG B 40 31.81 20.19 -21.48
C ARG B 40 32.91 21.22 -21.39
N SER B 41 34.09 20.87 -20.90
CA SER B 41 35.11 21.94 -20.73
C SER B 41 35.42 22.57 -22.09
N PRO B 42 35.96 21.86 -23.10
CA PRO B 42 36.13 22.51 -24.40
C PRO B 42 34.69 22.73 -24.91
N ARG B 43 34.02 23.80 -24.48
CA ARG B 43 32.59 23.98 -24.80
C ARG B 43 32.36 23.60 -26.24
N PRO B 44 31.45 22.64 -26.52
CA PRO B 44 31.20 22.15 -27.88
C PRO B 44 30.63 23.26 -28.77
N PRO B 45 30.96 23.26 -30.09
CA PRO B 45 30.45 24.29 -31.02
C PRO B 45 28.93 24.53 -31.06
N GLN B 46 28.46 25.66 -31.61
CA GLN B 46 27.02 25.99 -31.78
C GLN B 46 26.37 24.91 -32.65
N ALA B 47 27.11 24.34 -33.60
CA ALA B 47 26.53 23.33 -34.49
C ALA B 47 26.08 22.15 -33.64
N VAL B 48 27.03 21.43 -33.03
CA VAL B 48 26.56 20.25 -32.33
C VAL B 48 25.44 20.60 -31.35
N ILE B 49 25.45 21.81 -30.80
CA ILE B 49 24.34 22.26 -29.96
C ILE B 49 23.05 22.22 -30.74
N ASP B 50 23.04 22.87 -31.92
CA ASP B 50 21.82 22.95 -32.71
C ASP B 50 21.42 21.59 -33.26
N ALA B 51 22.40 20.79 -33.69
CA ALA B 51 22.10 19.48 -34.25
C ALA B 51 21.49 18.56 -33.21
N LYS B 52 22.02 18.57 -31.98
CA LYS B 52 21.46 17.73 -30.94
C LYS B 52 20.14 18.27 -30.43
N ALA B 53 19.93 19.59 -30.47
CA ALA B 53 18.63 20.12 -30.12
C ALA B 53 17.58 19.80 -31.17
N HIS B 54 18.00 19.70 -32.44
CA HIS B 54 17.11 19.33 -33.53
C HIS B 54 16.77 17.85 -33.50
N ASP B 55 17.76 17.00 -33.20
CA ASP B 55 17.51 15.56 -33.20
C ASP B 55 16.60 15.13 -32.07
N LEU B 56 16.31 16.01 -31.12
CA LEU B 56 15.40 15.72 -30.03
C LEU B 56 14.13 16.57 -30.09
N GLY B 57 14.00 17.44 -31.08
CA GLY B 57 12.86 18.31 -31.16
C GLY B 57 12.83 19.42 -30.13
N LEU B 58 13.99 19.81 -29.60
CA LEU B 58 14.03 20.81 -28.55
C LEU B 58 13.99 22.23 -29.08
N ASP B 59 13.96 22.42 -30.39
CA ASP B 59 13.84 23.74 -30.99
C ASP B 59 12.39 24.15 -31.19
N ARG B 60 11.44 23.33 -30.76
CA ARG B 60 10.01 23.52 -30.97
C ARG B 60 9.32 23.85 -29.65
N PRO B 61 8.15 24.47 -29.70
CA PRO B 61 7.35 24.65 -28.49
C PRO B 61 6.97 23.31 -27.87
N ILE B 62 6.53 23.37 -26.62
CA ILE B 62 6.19 22.15 -25.89
C ILE B 62 5.06 21.40 -26.59
N LEU B 63 4.00 22.12 -26.96
CA LEU B 63 2.83 21.48 -27.56
C LEU B 63 3.12 21.00 -28.98
N ALA B 64 3.82 21.81 -29.75
CA ALA B 64 4.15 21.43 -31.13
C ALA B 64 5.18 20.32 -31.20
N ARG B 65 5.82 19.98 -30.09
CA ARG B 65 6.70 18.83 -30.07
C ARG B 65 6.07 17.62 -29.40
N TYR B 66 5.10 17.81 -28.50
CA TYR B 66 4.31 16.68 -28.07
C TYR B 66 3.46 16.15 -29.20
N ALA B 67 2.92 17.04 -30.02
CA ALA B 67 2.18 16.59 -31.20
C ALA B 67 3.06 15.73 -32.09
N ASN B 68 4.29 16.16 -32.33
CA ASN B 68 5.21 15.39 -33.16
C ASN B 68 5.65 14.10 -32.48
N TRP B 69 5.77 14.09 -31.15
CA TRP B 69 6.10 12.86 -30.47
C TRP B 69 5.00 11.82 -30.64
N VAL B 70 3.77 12.20 -30.33
CA VAL B 70 2.68 11.23 -30.43
C VAL B 70 2.43 10.85 -31.88
N SER B 71 2.63 11.78 -32.82
CA SER B 71 2.27 11.55 -34.21
C SER B 71 2.92 10.29 -34.77
N HIS B 72 4.15 9.99 -34.36
CA HIS B 72 4.76 8.73 -34.78
C HIS B 72 5.16 7.84 -33.62
N ALA B 73 4.82 8.20 -32.38
CA ALA B 73 4.80 7.18 -31.35
C ALA B 73 3.61 6.26 -31.54
N VAL B 74 2.55 6.76 -32.17
CA VAL B 74 1.44 5.90 -32.56
C VAL B 74 1.77 5.04 -33.78
N ARG B 75 2.87 5.31 -34.47
CA ARG B 75 3.22 4.59 -35.67
C ARG B 75 4.29 3.53 -35.45
N GLY B 76 4.93 3.50 -34.29
CA GLY B 76 5.90 2.46 -34.04
C GLY B 76 7.24 2.91 -33.49
N ASP B 77 7.71 4.09 -33.87
CA ASP B 77 9.02 4.57 -33.43
C ASP B 77 8.88 5.63 -32.35
N PHE B 78 9.75 5.58 -31.36
CA PHE B 78 9.65 6.42 -30.18
C PHE B 78 10.83 7.36 -30.04
N GLY B 79 11.66 7.49 -31.07
CA GLY B 79 12.73 8.45 -31.08
C GLY B 79 13.99 7.93 -30.42
N THR B 80 15.04 8.72 -30.58
CA THR B 80 16.34 8.35 -30.06
C THR B 80 16.39 8.47 -28.55
N THR B 81 17.48 8.01 -27.97
CA THR B 81 17.82 8.37 -26.61
C THR B 81 18.76 9.57 -26.66
N ILE B 82 19.32 9.95 -25.50
CA ILE B 82 20.24 11.08 -25.47
C ILE B 82 21.44 10.83 -26.36
N THR B 83 21.83 9.57 -26.51
CA THR B 83 22.98 9.21 -27.33
C THR B 83 22.61 8.98 -28.79
N GLY B 84 21.33 8.89 -29.13
CA GLY B 84 20.91 8.61 -30.49
C GLY B 84 20.42 7.21 -30.72
N GLN B 85 20.58 6.30 -29.76
CA GLN B 85 20.06 4.96 -29.90
C GLN B 85 18.53 4.97 -29.91
N PRO B 86 17.90 4.08 -30.69
CA PRO B 86 16.44 4.05 -30.71
C PRO B 86 15.86 3.53 -29.41
N VAL B 87 14.61 3.90 -29.16
CA VAL B 87 13.90 3.43 -27.97
C VAL B 87 13.08 2.18 -28.27
N GLY B 88 12.42 2.15 -29.42
CA GLY B 88 11.58 1.02 -29.78
C GLY B 88 12.33 -0.28 -29.91
N THR B 89 13.64 -0.22 -30.16
CA THR B 89 14.42 -1.44 -30.27
C THR B 89 14.55 -2.18 -28.94
N GLU B 90 14.29 -1.50 -27.83
CA GLU B 90 14.42 -2.07 -26.49
C GLU B 90 13.11 -2.09 -25.72
N LEU B 91 12.18 -1.22 -26.07
CA LEU B 91 10.92 -1.14 -25.34
C LEU B 91 10.14 -2.45 -25.45
N GLY B 92 10.10 -3.05 -26.64
CA GLY B 92 9.32 -4.25 -26.83
C GLY B 92 9.80 -5.42 -26.01
N ARG B 93 11.10 -5.53 -25.79
CA ARG B 93 11.65 -6.64 -25.05
C ARG B 93 11.80 -6.35 -23.57
N ARG B 94 11.68 -5.09 -23.14
CA ARG B 94 11.62 -4.83 -21.71
C ARG B 94 10.20 -4.85 -21.16
N ILE B 95 9.21 -4.58 -22.02
CA ILE B 95 7.81 -4.70 -21.60
C ILE B 95 7.53 -6.09 -21.07
N GLY B 96 7.97 -7.11 -21.80
CA GLY B 96 7.73 -8.47 -21.37
C GLY B 96 8.44 -8.80 -20.06
N VAL B 97 9.68 -8.35 -19.92
CA VAL B 97 10.44 -8.64 -18.71
C VAL B 97 9.71 -8.08 -17.49
N SER B 98 9.20 -6.86 -17.60
CA SER B 98 8.48 -6.29 -16.46
C SER B 98 7.12 -6.95 -16.28
N LEU B 99 6.46 -7.31 -17.38
CA LEU B 99 5.10 -7.83 -17.30
C LEU B 99 5.07 -9.21 -16.65
N ARG B 100 6.08 -10.04 -16.91
CA ARG B 100 6.12 -11.35 -16.27
C ARG B 100 6.14 -11.20 -14.76
N LEU B 101 7.04 -10.37 -14.25
CA LEU B 101 7.14 -10.15 -12.81
C LEU B 101 5.85 -9.58 -12.26
N LEU B 102 5.28 -8.58 -12.95
CA LEU B 102 4.07 -7.95 -12.45
C LEU B 102 2.91 -8.94 -12.38
N VAL B 103 2.70 -9.72 -13.44
CA VAL B 103 1.58 -10.63 -13.46
C VAL B 103 1.74 -11.71 -12.40
N VAL B 104 2.94 -12.28 -12.26
CA VAL B 104 3.12 -13.33 -11.26
C VAL B 104 2.89 -12.77 -9.87
N GLY B 105 3.54 -11.65 -9.55
CA GLY B 105 3.44 -11.10 -8.21
C GLY B 105 2.02 -10.69 -7.87
N SER B 106 1.33 -10.03 -8.80
CA SER B 106 -0.03 -9.59 -8.53
C SER B 106 -0.97 -10.76 -8.36
N VAL B 107 -0.91 -11.74 -9.26
CA VAL B 107 -1.82 -12.88 -9.17
C VAL B 107 -1.62 -13.63 -7.87
N PHE B 108 -0.37 -13.82 -7.44
CA PHE B 108 -0.18 -14.57 -6.21
C PHE B 108 -0.53 -13.73 -4.99
N GLY B 109 -0.14 -12.45 -4.97
CA GLY B 109 -0.37 -11.63 -3.80
C GLY B 109 -1.82 -11.35 -3.54
N THR B 110 -2.57 -10.97 -4.58
CA THR B 110 -3.97 -10.63 -4.37
C THR B 110 -4.80 -11.83 -3.99
N VAL B 111 -4.37 -13.04 -4.33
CA VAL B 111 -5.09 -14.23 -3.93
C VAL B 111 -4.72 -14.62 -2.50
N ALA B 112 -3.42 -14.66 -2.20
CA ALA B 112 -3.00 -15.02 -0.86
C ALA B 112 -3.52 -14.04 0.18
N GLY B 113 -3.49 -12.75 -0.12
CA GLY B 113 -3.94 -11.77 0.84
C GLY B 113 -5.43 -11.87 1.12
N VAL B 114 -6.23 -12.09 0.08
CA VAL B 114 -7.66 -12.26 0.28
C VAL B 114 -7.95 -13.50 1.11
N VAL B 115 -7.29 -14.61 0.80
CA VAL B 115 -7.51 -15.83 1.58
C VAL B 115 -7.14 -15.61 3.04
N ILE B 116 -5.98 -15.00 3.28
CA ILE B 116 -5.50 -14.79 4.63
C ILE B 116 -6.44 -13.87 5.40
N GLY B 117 -6.87 -12.78 4.76
CA GLY B 117 -7.76 -11.86 5.44
C GLY B 117 -9.09 -12.48 5.81
N ALA B 118 -9.70 -13.20 4.87
CA ALA B 118 -10.98 -13.83 5.17
C ALA B 118 -10.84 -14.86 6.27
N TRP B 119 -9.79 -15.68 6.22
CA TRP B 119 -9.60 -16.71 7.23
C TRP B 119 -9.37 -16.09 8.61
N GLY B 120 -8.53 -15.06 8.68
CA GLY B 120 -8.30 -14.39 9.94
C GLY B 120 -9.51 -13.63 10.45
N ALA B 121 -10.43 -13.26 9.57
CA ALA B 121 -11.67 -12.64 10.03
C ALA B 121 -12.62 -13.67 10.60
N ILE B 122 -12.69 -14.86 10.00
CA ILE B 122 -13.55 -15.90 10.56
C ILE B 122 -12.97 -16.52 11.81
N ARG B 123 -11.69 -16.33 12.09
CA ARG B 123 -11.12 -16.73 13.38
C ARG B 123 -10.62 -15.46 14.08
N GLN B 124 -11.50 -14.76 14.79
CA GLN B 124 -11.26 -13.34 15.04
C GLN B 124 -10.16 -13.10 16.06
N TYR B 125 -10.01 -13.95 17.08
CA TYR B 125 -9.02 -13.63 18.11
C TYR B 125 -8.24 -14.85 18.56
N ARG B 126 -8.24 -15.92 17.80
CA ARG B 126 -7.53 -17.12 18.19
C ARG B 126 -6.05 -17.00 17.84
N LEU B 127 -5.27 -17.98 18.30
CA LEU B 127 -3.83 -17.96 18.06
C LEU B 127 -3.54 -18.50 16.66
N SER B 128 -4.29 -18.01 15.69
CA SER B 128 -3.95 -18.14 14.27
C SER B 128 -4.20 -16.87 13.50
N ASP B 129 -5.08 -16.00 13.96
CA ASP B 129 -5.25 -14.67 13.39
C ASP B 129 -4.28 -13.68 13.99
N ARG B 130 -3.93 -13.83 15.26
CA ARG B 130 -2.95 -12.94 15.86
C ARG B 130 -1.62 -13.04 15.15
N VAL B 131 -1.19 -14.26 14.83
CA VAL B 131 0.08 -14.45 14.14
C VAL B 131 0.05 -13.75 12.79
N MET B 132 -1.01 -13.95 12.01
CA MET B 132 -1.06 -13.35 10.69
C MET B 132 -1.24 -11.85 10.75
N THR B 133 -1.93 -11.34 11.77
CA THR B 133 -2.07 -9.89 11.92
C THR B 133 -0.74 -9.24 12.23
N THR B 134 -0.03 -9.76 13.24
CA THR B 134 1.26 -9.18 13.57
C THR B 134 2.35 -9.52 12.56
N LEU B 135 2.09 -10.44 11.64
CA LEU B 135 3.00 -10.67 10.54
C LEU B 135 2.74 -9.72 9.38
N ALA B 136 1.47 -9.49 9.05
CA ALA B 136 1.13 -8.52 8.03
C ALA B 136 1.55 -7.12 8.45
N LEU B 137 1.45 -6.82 9.74
CA LEU B 137 1.89 -5.51 10.23
C LEU B 137 3.37 -5.29 9.94
N LEU B 138 4.21 -6.27 10.30
CA LEU B 138 5.64 -6.09 10.11
C LEU B 138 6.11 -6.41 8.71
N VAL B 139 5.24 -6.91 7.84
CA VAL B 139 5.60 -6.98 6.43
C VAL B 139 5.23 -5.69 5.72
N LEU B 140 4.07 -5.14 6.04
CA LEU B 140 3.68 -3.84 5.50
C LEU B 140 4.55 -2.71 6.02
N SER B 141 5.16 -2.88 7.20
CA SER B 141 5.94 -1.83 7.83
C SER B 141 7.43 -1.95 7.55
N THR B 142 7.82 -2.64 6.47
CA THR B 142 9.20 -2.58 6.01
C THR B 142 9.22 -2.26 4.53
N PRO B 143 10.12 -1.39 4.10
CA PRO B 143 10.19 -1.04 2.68
C PRO B 143 10.70 -2.21 1.85
N THR B 144 10.44 -2.14 0.55
CA THR B 144 10.63 -3.30 -0.30
C THR B 144 12.10 -3.61 -0.55
N PHE B 145 12.97 -2.61 -0.52
CA PHE B 145 14.39 -2.88 -0.72
C PHE B 145 14.98 -3.64 0.46
N VAL B 146 14.52 -3.33 1.67
CA VAL B 146 14.93 -4.07 2.85
C VAL B 146 14.50 -5.52 2.74
N VAL B 147 13.25 -5.75 2.31
CA VAL B 147 12.75 -7.11 2.15
C VAL B 147 13.57 -7.86 1.12
N ALA B 148 13.88 -7.23 -0.01
CA ALA B 148 14.64 -7.90 -1.05
C ALA B 148 16.03 -8.26 -0.57
N ASN B 149 16.70 -7.35 0.13
CA ASN B 149 18.05 -7.64 0.60
C ASN B 149 18.05 -8.73 1.66
N LEU B 150 17.10 -8.68 2.59
CA LEU B 150 16.99 -9.74 3.59
C LEU B 150 16.73 -11.09 2.94
N LEU B 151 15.83 -11.11 1.95
CA LEU B 151 15.55 -12.36 1.27
C LEU B 151 16.79 -12.90 0.59
N ILE B 152 17.57 -12.03 -0.06
CA ILE B 152 18.78 -12.50 -0.74
C ILE B 152 19.76 -13.10 0.26
N LEU B 153 20.06 -12.35 1.32
CA LEU B 153 21.10 -12.80 2.23
C LEU B 153 20.62 -13.89 3.18
N GLY B 154 19.34 -14.21 3.19
CA GLY B 154 18.87 -15.35 3.94
C GLY B 154 18.71 -16.57 3.06
N ALA B 155 18.35 -16.35 1.80
CA ALA B 155 18.11 -17.44 0.86
C ALA B 155 19.39 -17.96 0.24
N LEU B 156 20.50 -17.25 0.39
CA LEU B 156 21.79 -17.85 0.03
C LEU B 156 22.09 -19.07 0.91
N ARG B 157 21.81 -18.95 2.21
CA ARG B 157 22.16 -20.01 3.15
C ARG B 157 21.32 -21.26 2.95
N VAL B 158 20.09 -21.11 2.46
CA VAL B 158 19.28 -22.28 2.13
C VAL B 158 19.96 -23.09 1.04
N ASN B 159 20.44 -22.40 0.00
CA ASN B 159 21.16 -23.08 -1.08
C ASN B 159 22.42 -23.75 -0.56
N TRP B 160 23.10 -23.11 0.39
CA TRP B 160 24.25 -23.77 0.99
C TRP B 160 23.83 -25.04 1.73
N ALA B 161 22.72 -24.98 2.46
CA ALA B 161 22.28 -26.14 3.25
C ALA B 161 21.90 -27.31 2.37
N VAL B 162 21.16 -27.05 1.30
CA VAL B 162 20.68 -28.15 0.45
C VAL B 162 21.68 -28.50 -0.65
N GLY B 163 22.20 -27.50 -1.35
CA GLY B 163 23.26 -27.70 -2.33
C GLY B 163 22.81 -27.98 -3.75
N ILE B 164 21.51 -28.13 -3.99
CA ILE B 164 21.02 -28.42 -5.34
C ILE B 164 20.75 -27.14 -6.13
N GLN B 165 21.08 -25.97 -5.58
CA GLN B 165 20.83 -24.69 -6.24
C GLN B 165 19.34 -24.53 -6.56
N LEU B 166 18.54 -24.54 -5.49
CA LEU B 166 17.09 -24.46 -5.66
C LEU B 166 16.67 -23.16 -6.32
N PHE B 167 17.26 -22.04 -5.90
CA PHE B 167 16.93 -20.75 -6.48
C PHE B 167 18.15 -19.86 -6.44
N ASP B 168 18.25 -18.99 -7.44
CA ASP B 168 19.29 -17.97 -7.47
C ASP B 168 18.65 -16.62 -7.74
N TYR B 169 19.47 -15.58 -7.67
CA TYR B 169 18.96 -14.21 -7.66
C TYR B 169 19.72 -13.31 -8.62
N THR B 170 20.38 -13.87 -9.62
CA THR B 170 21.18 -13.10 -10.56
C THR B 170 20.52 -13.17 -11.93
N GLY B 171 19.97 -12.06 -12.37
CA GLY B 171 19.39 -12.00 -13.69
C GLY B 171 18.05 -12.71 -13.77
N GLU B 172 17.56 -12.81 -14.99
CA GLU B 172 16.29 -13.47 -15.27
C GLU B 172 16.49 -14.91 -15.75
N THR B 173 17.55 -15.18 -16.49
CA THR B 173 17.90 -16.52 -16.94
C THR B 173 19.37 -16.78 -16.63
N SER B 174 19.83 -17.96 -16.98
CA SER B 174 21.23 -18.33 -16.78
C SER B 174 21.79 -18.97 -18.04
N PRO B 175 23.08 -18.77 -18.31
CA PRO B 175 23.67 -19.30 -19.53
C PRO B 175 23.75 -20.81 -19.54
N GLY B 176 23.67 -21.37 -20.75
CA GLY B 176 23.88 -22.80 -20.94
C GLY B 176 22.65 -23.66 -20.78
N VAL B 177 21.45 -23.09 -20.85
CA VAL B 177 20.22 -23.89 -20.75
C VAL B 177 19.86 -24.30 -22.17
N ALA B 178 20.50 -25.37 -22.63
CA ALA B 178 20.41 -25.81 -24.02
C ALA B 178 19.61 -27.10 -24.18
N GLY B 179 18.99 -27.58 -23.10
CA GLY B 179 18.19 -28.79 -23.21
C GLY B 179 16.86 -28.56 -23.89
N GLY B 180 15.87 -29.39 -23.57
CA GLY B 180 14.55 -29.22 -24.10
C GLY B 180 13.84 -28.04 -23.48
N VAL B 181 12.57 -27.87 -23.86
CA VAL B 181 11.78 -26.77 -23.36
C VAL B 181 11.56 -26.88 -21.86
N TRP B 182 11.69 -28.08 -21.29
CA TRP B 182 11.48 -28.26 -19.87
C TRP B 182 12.68 -27.77 -19.05
N ASP B 183 13.89 -27.95 -19.57
CA ASP B 183 15.07 -27.37 -18.92
C ASP B 183 15.00 -25.84 -18.93
N ARG B 184 14.64 -25.27 -20.08
CA ARG B 184 14.56 -23.83 -20.23
C ARG B 184 13.41 -23.22 -19.45
N LEU B 185 12.40 -24.02 -19.08
CA LEU B 185 11.34 -23.55 -18.22
C LEU B 185 11.71 -23.69 -16.75
N GLY B 186 12.33 -24.81 -16.37
CA GLY B 186 12.78 -24.95 -15.00
C GLY B 186 13.79 -23.89 -14.62
N ASP B 187 14.64 -23.49 -15.57
CA ASP B 187 15.63 -22.44 -15.29
C ASP B 187 14.95 -21.13 -14.91
N ARG B 188 14.00 -20.67 -15.72
CA ARG B 188 13.34 -19.41 -15.42
C ARG B 188 12.44 -19.53 -14.21
N LEU B 189 11.86 -20.70 -13.96
CA LEU B 189 11.09 -20.89 -12.75
C LEU B 189 11.97 -20.74 -11.52
N GLN B 190 13.17 -21.31 -11.57
CA GLN B 190 14.11 -21.17 -10.46
C GLN B 190 14.51 -19.72 -10.27
N HIS B 191 14.72 -18.98 -11.36
CA HIS B 191 15.13 -17.58 -11.24
C HIS B 191 14.00 -16.67 -10.81
N LEU B 192 12.75 -17.04 -11.04
CA LEU B 192 11.61 -16.15 -10.84
C LEU B 192 11.07 -16.13 -9.41
N ILE B 193 11.54 -17.02 -8.54
CA ILE B 193 10.88 -17.20 -7.25
C ILE B 193 11.07 -15.97 -6.37
N LEU B 194 12.32 -15.62 -6.08
CA LEU B 194 12.58 -14.61 -5.06
C LEU B 194 12.02 -13.22 -5.39
N PRO B 195 12.20 -12.66 -6.58
CA PRO B 195 11.54 -11.37 -6.86
C PRO B 195 10.04 -11.44 -6.75
N SER B 196 9.45 -12.54 -7.23
CA SER B 196 8.01 -12.70 -7.13
C SER B 196 7.58 -12.84 -5.68
N LEU B 197 8.38 -13.52 -4.86
CA LEU B 197 8.08 -13.57 -3.43
C LEU B 197 8.12 -12.19 -2.82
N THR B 198 9.10 -11.37 -3.21
CA THR B 198 9.21 -10.03 -2.67
C THR B 198 7.99 -9.20 -3.01
N LEU B 199 7.51 -9.29 -4.25
CA LEU B 199 6.34 -8.50 -4.63
C LEU B 199 5.07 -9.05 -4.00
N ALA B 200 4.91 -10.37 -4.00
CA ALA B 200 3.71 -11.00 -3.47
C ALA B 200 3.57 -10.77 -1.98
N LEU B 201 4.67 -10.73 -1.23
CA LEU B 201 4.58 -10.50 0.20
C LEU B 201 3.97 -9.14 0.49
N ALA B 202 4.44 -8.10 -0.20
CA ALA B 202 3.88 -6.77 0.00
C ALA B 202 2.43 -6.70 -0.43
N ALA B 203 2.12 -7.30 -1.59
CA ALA B 203 0.74 -7.28 -2.06
C ALA B 203 -0.21 -7.96 -1.08
N ALA B 204 0.17 -9.15 -0.60
CA ALA B 204 -0.68 -9.88 0.32
C ALA B 204 -0.81 -9.17 1.64
N ALA B 205 0.28 -8.60 2.17
CA ALA B 205 0.21 -7.90 3.43
C ALA B 205 -0.70 -6.68 3.32
N GLY B 206 -0.65 -5.98 2.20
CA GLY B 206 -1.55 -4.86 2.00
C GLY B 206 -3.01 -5.29 1.88
N PHE B 207 -3.26 -6.36 1.12
CA PHE B 207 -4.65 -6.73 0.81
C PHE B 207 -5.34 -7.42 1.97
N SER B 208 -4.61 -8.18 2.78
CA SER B 208 -5.26 -8.93 3.85
C SER B 208 -5.86 -7.99 4.90
N ARG B 209 -5.25 -6.84 5.12
CA ARG B 209 -5.78 -5.91 6.12
C ARG B 209 -7.12 -5.34 5.68
N TYR B 210 -7.30 -5.09 4.39
CA TYR B 210 -8.60 -4.65 3.90
C TYR B 210 -9.60 -5.79 3.91
N GLN B 211 -9.16 -7.00 3.52
CA GLN B 211 -10.08 -8.11 3.47
C GLN B 211 -10.59 -8.50 4.85
N ARG B 212 -9.77 -8.36 5.87
CA ARG B 212 -10.22 -8.68 7.22
C ARG B 212 -11.38 -7.79 7.64
N ASN B 213 -11.25 -6.48 7.41
CA ASN B 213 -12.33 -5.57 7.75
C ASN B 213 -13.56 -5.84 6.91
N ALA B 214 -13.38 -6.09 5.62
CA ALA B 214 -14.53 -6.33 4.75
C ALA B 214 -15.28 -7.58 5.18
N MET B 215 -14.57 -8.61 5.62
CA MET B 215 -15.23 -9.82 6.08
C MET B 215 -15.86 -9.64 7.45
N LEU B 216 -15.23 -8.88 8.34
CA LEU B 216 -15.84 -8.64 9.64
C LEU B 216 -17.14 -7.86 9.50
N ASP B 217 -17.22 -6.97 8.53
CA ASP B 217 -18.46 -6.21 8.32
C ASP B 217 -19.61 -7.14 7.99
N VAL B 218 -19.40 -8.11 7.10
CA VAL B 218 -20.49 -9.00 6.74
C VAL B 218 -20.70 -10.10 7.78
N LEU B 219 -19.70 -10.38 8.62
CA LEU B 219 -19.94 -11.27 9.75
C LEU B 219 -20.78 -10.57 10.80
N GLY B 220 -20.72 -9.24 10.87
CA GLY B 220 -21.60 -8.52 11.76
C GLY B 220 -23.07 -8.58 11.33
N GLN B 221 -23.33 -8.41 10.04
CA GLN B 221 -24.69 -8.45 9.54
C GLN B 221 -25.23 -9.88 9.56
N ASP B 222 -26.49 -10.02 9.98
CA ASP B 222 -27.05 -11.35 10.20
C ASP B 222 -27.82 -11.87 8.99
N PHE B 223 -27.21 -11.83 7.81
CA PHE B 223 -27.80 -12.51 6.66
C PHE B 223 -27.15 -13.87 6.40
N ILE B 224 -25.93 -14.09 6.88
CA ILE B 224 -25.34 -15.42 6.81
C ILE B 224 -26.14 -16.38 7.69
N ARG B 225 -26.59 -15.91 8.84
CA ARG B 225 -27.42 -16.74 9.70
C ARG B 225 -28.72 -17.10 9.03
N THR B 226 -29.34 -16.15 8.33
CA THR B 226 -30.55 -16.44 7.57
C THR B 226 -30.26 -17.43 6.46
N ALA B 227 -29.11 -17.30 5.81
CA ALA B 227 -28.74 -18.22 4.73
C ALA B 227 -28.59 -19.63 5.24
N ARG B 228 -27.98 -19.81 6.42
CA ARG B 228 -27.83 -21.16 6.94
C ARG B 228 -29.03 -21.64 7.73
N ALA B 229 -30.03 -20.79 7.94
CA ALA B 229 -31.28 -21.22 8.54
C ALA B 229 -32.26 -21.79 7.53
N LYS B 230 -31.90 -21.86 6.25
CA LYS B 230 -32.74 -22.47 5.24
C LYS B 230 -32.15 -23.77 4.71
N GLY B 231 -31.08 -24.27 5.31
CA GLY B 231 -30.48 -25.51 4.93
C GLY B 231 -29.13 -25.43 4.25
N LEU B 232 -28.42 -24.32 4.38
CA LEU B 232 -27.10 -24.17 3.78
C LEU B 232 -26.06 -24.38 4.86
N THR B 233 -25.18 -25.37 4.67
CA THR B 233 -24.16 -25.63 5.66
C THR B 233 -23.27 -24.40 5.84
N ARG B 234 -22.64 -24.33 7.01
CA ARG B 234 -21.97 -23.09 7.38
C ARG B 234 -20.75 -22.78 6.55
N ARG B 235 -20.25 -23.72 5.75
CA ARG B 235 -19.18 -23.42 4.80
C ARG B 235 -19.74 -22.86 3.51
N ARG B 236 -20.77 -23.52 2.98
CA ARG B 236 -21.40 -23.04 1.75
C ARG B 236 -22.03 -21.69 1.96
N ALA B 237 -22.62 -21.45 3.13
CA ALA B 237 -23.21 -20.15 3.40
C ALA B 237 -22.16 -19.06 3.33
N LEU B 238 -21.03 -19.26 4.00
CA LEU B 238 -19.95 -18.27 3.95
C LEU B 238 -19.53 -18.01 2.51
N LEU B 239 -19.20 -19.07 1.77
CA LEU B 239 -18.67 -18.89 0.43
C LEU B 239 -19.68 -18.21 -0.49
N LYS B 240 -20.93 -18.67 -0.47
CA LYS B 240 -21.93 -18.20 -1.42
C LYS B 240 -22.45 -16.82 -1.10
N HIS B 241 -22.52 -16.44 0.18
CA HIS B 241 -23.11 -15.16 0.56
C HIS B 241 -22.08 -14.20 1.15
N GLY B 242 -21.39 -14.61 2.21
CA GLY B 242 -20.57 -13.66 2.93
C GLY B 242 -19.34 -13.25 2.16
N LEU B 243 -18.65 -14.22 1.57
CA LEU B 243 -17.46 -13.89 0.79
C LEU B 243 -17.82 -13.13 -0.47
N ARG B 244 -18.92 -13.51 -1.12
CA ARG B 244 -19.35 -12.80 -2.31
C ARG B 244 -19.69 -11.35 -2.00
N THR B 245 -20.27 -11.10 -0.83
CA THR B 245 -20.58 -9.74 -0.44
C THR B 245 -19.34 -8.98 0.03
N ALA B 246 -18.39 -9.67 0.66
CA ALA B 246 -17.21 -9.00 1.20
C ALA B 246 -16.14 -8.76 0.17
N LEU B 247 -16.21 -9.42 -0.99
CA LEU B 247 -15.24 -9.15 -2.05
C LEU B 247 -15.53 -7.87 -2.80
N ILE B 248 -16.70 -7.26 -2.59
CA ILE B 248 -17.04 -6.03 -3.31
C ILE B 248 -16.10 -4.88 -3.00
N PRO B 249 -15.76 -4.57 -1.74
CA PRO B 249 -14.83 -3.45 -1.49
C PRO B 249 -13.44 -3.67 -2.04
N MET B 250 -13.05 -4.92 -2.30
CA MET B 250 -11.69 -5.19 -2.74
C MET B 250 -11.47 -4.86 -4.21
N ALA B 251 -12.52 -4.91 -5.02
CA ALA B 251 -12.40 -4.56 -6.42
C ALA B 251 -12.14 -3.08 -6.61
N THR B 252 -12.44 -2.25 -5.62
CA THR B 252 -12.14 -0.84 -5.69
C THR B 252 -10.74 -0.50 -5.16
N LEU B 253 -10.03 -1.48 -4.60
CA LEU B 253 -8.67 -1.27 -4.12
C LEU B 253 -7.65 -2.05 -4.93
N PHE B 254 -8.10 -2.96 -5.78
CA PHE B 254 -7.15 -3.73 -6.59
C PHE B 254 -6.29 -2.82 -7.47
N ALA B 255 -6.86 -1.77 -8.03
CA ALA B 255 -6.08 -0.89 -8.90
C ALA B 255 -4.98 -0.18 -8.13
N TYR B 256 -5.28 0.31 -6.94
CA TYR B 256 -4.25 0.95 -6.12
C TYR B 256 -3.20 -0.06 -5.68
N GLY B 257 -3.61 -1.29 -5.39
CA GLY B 257 -2.63 -2.32 -5.09
C GLY B 257 -1.70 -2.58 -6.24
N VAL B 258 -2.24 -2.60 -7.46
CA VAL B 258 -1.40 -2.81 -8.64
C VAL B 258 -0.45 -1.64 -8.84
N ALA B 259 -0.90 -0.42 -8.55
CA ALA B 259 -0.01 0.73 -8.64
C ALA B 259 1.14 0.62 -7.65
N GLY B 260 0.85 0.21 -6.42
CA GLY B 260 1.92 0.00 -5.46
C GLY B 260 2.88 -1.10 -5.87
N LEU B 261 2.35 -2.16 -6.49
CA LEU B 261 3.21 -3.21 -6.99
C LEU B 261 4.11 -2.72 -8.11
N VAL B 262 3.58 -1.89 -9.00
CA VAL B 262 4.38 -1.30 -10.06
C VAL B 262 5.49 -0.45 -9.46
N THR B 263 5.19 0.30 -8.41
CA THR B 263 6.21 1.08 -7.73
C THR B 263 7.28 0.19 -7.13
N GLY B 264 6.90 -0.91 -6.49
CA GLY B 264 7.88 -1.81 -5.91
C GLY B 264 8.71 -2.56 -6.92
N ALA B 265 8.18 -2.75 -8.13
CA ALA B 265 8.91 -3.49 -9.15
C ALA B 265 10.19 -2.78 -9.55
N VAL B 266 10.23 -1.46 -9.42
CA VAL B 266 11.46 -0.72 -9.73
C VAL B 266 12.60 -1.17 -8.83
N PHE B 267 12.35 -1.16 -7.52
CA PHE B 267 13.35 -1.62 -6.57
C PHE B 267 13.68 -3.08 -6.78
N VAL B 268 12.65 -3.91 -7.02
CA VAL B 268 12.90 -5.34 -7.17
C VAL B 268 13.80 -5.61 -8.37
N GLU B 269 13.49 -5.00 -9.51
CA GLU B 269 14.29 -5.20 -10.71
C GLU B 269 15.70 -4.70 -10.52
N LYS B 270 15.83 -3.55 -9.84
CA LYS B 270 17.17 -2.94 -9.62
C LYS B 270 18.02 -3.88 -8.74
N ILE B 271 17.42 -4.43 -7.69
CA ILE B 271 18.17 -5.25 -6.75
C ILE B 271 18.52 -6.61 -7.35
N PHE B 272 17.58 -7.22 -8.07
CA PHE B 272 17.83 -8.54 -8.64
C PHE B 272 18.41 -8.50 -10.04
N GLY B 273 18.69 -7.33 -10.58
CA GLY B 273 19.33 -7.22 -11.87
C GLY B 273 18.51 -7.73 -13.04
N TRP B 274 17.25 -7.34 -13.10
CA TRP B 274 16.37 -7.68 -14.20
C TRP B 274 16.31 -6.51 -15.17
N HIS B 275 16.66 -6.75 -16.43
CA HIS B 275 16.68 -5.68 -17.43
C HIS B 275 15.27 -5.48 -17.96
N GLY B 276 14.45 -4.80 -17.17
CA GLY B 276 13.10 -4.50 -17.58
C GLY B 276 12.80 -3.01 -17.53
N MET B 277 11.60 -2.66 -17.10
CA MET B 277 11.14 -1.28 -17.18
C MET B 277 11.56 -0.43 -15.98
N GLY B 278 11.66 -1.01 -14.79
CA GLY B 278 12.11 -0.23 -13.65
C GLY B 278 13.55 0.20 -13.77
N GLU B 279 14.41 -0.70 -14.23
CA GLU B 279 15.80 -0.33 -14.48
C GLU B 279 15.89 0.75 -15.54
N TRP B 280 15.08 0.65 -16.59
CA TRP B 280 15.09 1.70 -17.61
C TRP B 280 14.60 3.01 -17.03
N MET B 281 13.63 2.97 -16.12
CA MET B 281 13.15 4.20 -15.50
C MET B 281 14.25 4.87 -14.71
N VAL B 282 14.97 4.11 -13.89
CA VAL B 282 16.06 4.69 -13.12
C VAL B 282 17.12 5.26 -14.06
N ARG B 283 17.46 4.51 -15.11
CA ARG B 283 18.47 4.96 -16.05
C ARG B 283 18.06 6.24 -16.76
N GLY B 284 16.82 6.29 -17.25
CA GLY B 284 16.36 7.45 -17.99
C GLY B 284 16.11 8.67 -17.14
N ILE B 285 15.86 8.48 -15.84
CA ILE B 285 15.77 9.66 -14.98
C ILE B 285 17.16 10.14 -14.60
N SER B 286 18.10 9.23 -14.35
CA SER B 286 19.45 9.65 -14.01
C SER B 286 20.11 10.39 -15.16
N THR B 287 19.94 9.91 -16.39
CA THR B 287 20.54 10.59 -17.54
C THR B 287 19.66 11.69 -18.10
N GLN B 288 18.48 11.92 -17.51
CA GLN B 288 17.59 13.00 -17.90
C GLN B 288 17.21 12.90 -19.38
N ASP B 289 16.55 11.79 -19.71
CA ASP B 289 16.10 11.52 -21.06
C ASP B 289 14.59 11.60 -21.12
N THR B 290 14.07 12.43 -22.02
CA THR B 290 12.64 12.64 -22.11
C THR B 290 11.94 11.49 -22.80
N ASN B 291 12.57 10.89 -23.81
CA ASN B 291 11.89 9.87 -24.60
C ASN B 291 11.72 8.58 -23.81
N ILE B 292 12.74 8.18 -23.06
CA ILE B 292 12.64 6.95 -22.27
C ILE B 292 11.57 7.10 -21.21
N VAL B 293 11.58 8.21 -20.49
CA VAL B 293 10.60 8.42 -19.44
C VAL B 293 9.20 8.55 -20.03
N ALA B 294 9.08 9.23 -21.16
CA ALA B 294 7.78 9.36 -21.80
C ALA B 294 7.22 8.01 -22.20
N ALA B 295 8.08 7.12 -22.69
CA ALA B 295 7.61 5.78 -23.05
C ALA B 295 7.31 4.94 -21.83
N ILE B 296 7.95 5.23 -20.70
CA ILE B 296 7.77 4.37 -19.53
C ILE B 296 6.53 4.75 -18.75
N THR B 297 6.24 6.05 -18.61
CA THR B 297 5.04 6.45 -17.88
C THR B 297 3.78 6.01 -18.61
N VAL B 298 3.80 6.01 -19.93
CA VAL B 298 2.65 5.53 -20.70
C VAL B 298 2.38 4.07 -20.37
N PHE B 299 3.44 3.26 -20.35
CA PHE B 299 3.28 1.84 -20.03
C PHE B 299 2.77 1.65 -18.62
N SER B 300 3.31 2.39 -17.65
CA SER B 300 2.87 2.23 -16.27
C SER B 300 1.41 2.65 -16.09
N GLY B 301 1.02 3.77 -16.70
CA GLY B 301 -0.37 4.17 -16.64
C GLY B 301 -1.30 3.20 -17.32
N ALA B 302 -0.85 2.60 -18.43
CA ALA B 302 -1.66 1.59 -19.09
C ALA B 302 -1.84 0.37 -18.22
N VAL B 303 -0.79 -0.04 -17.51
CA VAL B 303 -0.92 -1.17 -16.59
C VAL B 303 -1.94 -0.87 -15.50
N VAL B 304 -1.86 0.33 -14.92
CA VAL B 304 -2.79 0.69 -13.85
C VAL B 304 -4.22 0.74 -14.37
N LEU B 305 -4.42 1.32 -15.56
CA LEU B 305 -5.77 1.41 -16.12
C LEU B 305 -6.32 0.04 -16.48
N LEU B 306 -5.48 -0.86 -16.99
CA LEU B 306 -5.94 -2.20 -17.28
C LEU B 306 -6.31 -2.94 -16.01
N ALA B 307 -5.54 -2.74 -14.93
CA ALA B 307 -5.90 -3.34 -13.67
C ALA B 307 -7.24 -2.82 -13.18
N GLY B 308 -7.47 -1.52 -13.33
CA GLY B 308 -8.77 -0.98 -12.98
C GLY B 308 -9.90 -1.56 -13.80
N LEU B 309 -9.68 -1.75 -15.10
CA LEU B 309 -10.72 -2.32 -15.95
C LEU B 309 -11.02 -3.76 -15.58
N LEU B 310 -9.99 -4.54 -15.28
CA LEU B 310 -10.23 -5.92 -14.84
C LEU B 310 -10.99 -5.94 -13.53
N SER B 311 -10.64 -5.05 -12.60
CA SER B 311 -11.37 -4.96 -11.35
C SER B 311 -12.83 -4.60 -11.59
N ASP B 312 -13.10 -3.73 -12.55
CA ASP B 312 -14.48 -3.38 -12.89
C ASP B 312 -15.22 -4.58 -13.46
N VAL B 313 -14.56 -5.35 -14.32
CA VAL B 313 -15.18 -6.56 -14.86
C VAL B 313 -15.57 -7.51 -13.73
N ILE B 314 -14.64 -7.77 -12.82
CA ILE B 314 -14.91 -8.68 -11.71
C ILE B 314 -15.99 -8.12 -10.80
N TYR B 315 -15.93 -6.81 -10.53
CA TYR B 315 -16.91 -6.17 -9.66
C TYR B 315 -18.30 -6.29 -10.22
N ALA B 316 -18.46 -6.12 -11.53
CA ALA B 316 -19.75 -6.34 -12.15
C ALA B 316 -20.13 -7.81 -12.08
N ALA B 317 -19.15 -8.71 -12.21
CA ALA B 317 -19.45 -10.13 -12.21
C ALA B 317 -20.05 -10.59 -10.90
N LEU B 318 -19.49 -10.12 -9.77
CA LEU B 318 -19.95 -10.59 -8.48
C LEU B 318 -20.92 -9.65 -7.79
N ASP B 319 -21.37 -8.59 -8.47
CA ASP B 319 -22.38 -7.69 -7.93
C ASP B 319 -23.38 -7.38 -9.04
N PRO B 320 -24.55 -8.00 -9.02
CA PRO B 320 -25.48 -7.85 -10.14
C PRO B 320 -26.29 -6.56 -10.15
N ARG B 321 -26.18 -5.70 -9.16
CA ARG B 321 -26.97 -4.47 -9.15
C ARG B 321 -26.15 -3.24 -9.50
N VAL B 322 -24.93 -3.42 -10.00
CA VAL B 322 -24.13 -2.31 -10.48
C VAL B 322 -24.13 -2.23 -12.00
N ARG B 323 -24.33 -3.34 -12.69
CA ARG B 323 -24.75 -3.29 -14.07
C ARG B 323 -26.13 -2.65 -14.14
N VAL B 324 -26.51 -2.22 -15.34
CA VAL B 324 -27.77 -1.49 -15.50
C VAL B 324 -28.94 -2.33 -15.01
N SER B 325 -28.87 -3.65 -15.17
CA SER B 325 -29.92 -4.52 -14.66
C SER B 325 -29.82 -4.69 -13.14
N THR C 2 -26.13 14.82 36.79
CA THR C 2 -25.67 16.17 37.10
C THR C 2 -24.16 16.26 36.85
N GLU C 3 -23.47 15.14 37.05
CA GLU C 3 -22.02 15.04 36.88
C GLU C 3 -21.65 14.45 35.53
N PHE C 4 -22.39 14.80 34.49
CA PHE C 4 -22.22 14.17 33.19
C PHE C 4 -20.87 14.55 32.59
N ALA C 5 -20.14 13.55 32.11
CA ALA C 5 -18.83 13.77 31.52
C ALA C 5 -18.99 14.32 30.11
N SER C 6 -17.93 14.99 29.64
CA SER C 6 -17.94 15.62 28.32
C SER C 6 -17.67 14.56 27.26
N ARG C 7 -17.43 15.00 26.03
CA ARG C 7 -17.15 14.09 24.93
C ARG C 7 -15.67 14.06 24.55
N ARG C 8 -14.99 15.21 24.55
CA ARG C 8 -13.56 15.21 24.27
C ARG C 8 -12.81 14.44 25.35
N THR C 9 -13.22 14.59 26.60
CA THR C 9 -12.62 13.81 27.68
C THR C 9 -13.19 12.41 27.79
N LEU C 10 -14.10 12.03 26.91
CA LEU C 10 -14.59 10.67 26.85
C LEU C 10 -13.87 9.82 25.80
N VAL C 11 -13.19 10.46 24.84
CA VAL C 11 -12.46 9.76 23.79
C VAL C 11 -10.99 9.58 24.17
N VAL C 12 -10.43 10.57 24.86
CA VAL C 12 -9.04 10.46 25.29
C VAL C 12 -8.86 9.32 26.28
N ARG C 13 -9.85 9.11 27.16
CA ARG C 13 -9.76 8.01 28.11
C ARG C 13 -9.82 6.67 27.41
N ARG C 14 -10.60 6.58 26.34
CA ARG C 14 -10.66 5.34 25.58
C ARG C 14 -9.36 5.07 24.85
N PHE C 15 -8.69 6.11 24.35
CA PHE C 15 -7.36 5.89 23.78
C PHE C 15 -6.39 5.41 24.85
N LEU C 16 -6.45 6.00 26.04
CA LEU C 16 -5.51 5.62 27.10
C LEU C 16 -5.68 4.17 27.52
N ARG C 17 -6.88 3.61 27.40
CA ARG C 17 -7.07 2.22 27.79
C ARG C 17 -6.73 1.23 26.67
N ASN C 18 -5.85 1.62 25.73
CA ASN C 18 -5.34 0.75 24.67
C ASN C 18 -3.82 0.85 24.75
N ARG C 19 -3.21 -0.02 25.55
CA ARG C 19 -1.80 0.16 25.92
C ARG C 19 -0.86 0.03 24.73
N ALA C 20 -1.25 -0.71 23.70
CA ALA C 20 -0.37 -0.88 22.55
C ALA C 20 -0.16 0.44 21.82
N ALA C 21 -1.24 1.16 21.51
CA ALA C 21 -1.13 2.44 20.83
C ALA C 21 -0.45 3.48 21.71
N VAL C 22 -0.72 3.46 23.01
CA VAL C 22 -0.07 4.41 23.91
C VAL C 22 1.44 4.17 23.93
N ALA C 23 1.86 2.90 24.01
CA ALA C 23 3.27 2.60 23.98
C ALA C 23 3.89 2.99 22.64
N SER C 24 3.18 2.77 21.54
CA SER C 24 3.72 3.13 20.23
C SER C 24 3.89 4.65 20.11
N LEU C 25 2.90 5.41 20.56
CA LEU C 25 3.02 6.87 20.57
C LEU C 25 4.18 7.32 21.44
N ALA C 26 4.32 6.73 22.62
CA ALA C 26 5.42 7.09 23.49
C ALA C 26 6.76 6.82 22.83
N ALA C 27 6.87 5.66 22.16
CA ALA C 27 8.12 5.32 21.48
C ALA C 27 8.42 6.31 20.37
N LEU C 28 7.42 6.68 19.57
CA LEU C 28 7.63 7.63 18.49
C LEU C 28 8.10 8.97 19.04
N LEU C 29 7.45 9.46 20.09
CA LEU C 29 7.83 10.76 20.64
C LEU C 29 9.22 10.71 21.25
N LEU C 30 9.56 9.62 21.93
CA LEU C 30 10.89 9.50 22.50
C LEU C 30 11.95 9.49 21.41
N LEU C 31 11.70 8.77 20.32
CA LEU C 31 12.64 8.76 19.20
C LEU C 31 12.82 10.17 18.62
N PHE C 32 11.71 10.87 18.41
CA PHE C 32 11.81 12.20 17.80
C PHE C 32 12.56 13.16 18.70
N VAL C 33 12.33 13.11 20.01
CA VAL C 33 13.05 14.01 20.90
C VAL C 33 14.50 13.60 21.01
N SER C 34 14.78 12.30 21.05
CA SER C 34 16.14 11.82 21.23
C SER C 34 17.01 12.15 20.03
N ALA C 35 16.45 12.13 18.82
CA ALA C 35 17.24 12.44 17.64
C ALA C 35 17.86 13.82 17.70
N TYR C 36 17.32 14.72 18.52
CA TYR C 36 17.89 16.04 18.73
C TYR C 36 18.57 16.20 20.08
N ALA C 37 18.18 15.43 21.08
CA ALA C 37 18.80 15.60 22.39
C ALA C 37 20.12 14.84 22.50
N LEU C 38 20.16 13.63 21.97
CA LEU C 38 21.34 12.78 22.15
C LEU C 38 22.61 13.30 21.51
N PRO C 39 22.64 13.83 20.29
CA PRO C 39 23.91 14.05 19.59
C PRO C 39 24.91 14.87 20.39
N PRO C 40 24.51 15.90 21.14
CA PRO C 40 25.52 16.58 21.95
C PRO C 40 25.80 15.89 23.28
N LEU C 41 25.87 14.57 23.26
CA LEU C 41 26.24 13.79 24.43
C LEU C 41 27.29 12.76 24.04
N LEU C 42 27.25 12.33 22.78
CA LEU C 42 28.07 11.24 22.31
C LEU C 42 29.54 11.64 22.25
N PRO C 43 30.45 10.69 22.44
CA PRO C 43 31.87 11.04 22.44
C PRO C 43 32.38 11.49 21.10
N TYR C 44 31.71 11.15 20.01
CA TYR C 44 32.15 11.47 18.67
C TYR C 44 31.01 12.13 17.91
N SER C 45 31.29 13.26 17.30
CA SER C 45 30.27 13.97 16.56
C SER C 45 29.97 13.24 15.25
N TYR C 46 28.89 13.66 14.61
CA TYR C 46 28.63 13.27 13.26
C TYR C 46 29.66 13.92 12.34
N ASP C 47 29.68 13.50 11.09
CA ASP C 47 30.44 14.10 9.99
C ASP C 47 31.95 14.13 10.22
N ASP C 48 32.47 13.47 11.24
CA ASP C 48 33.91 13.42 11.45
C ASP C 48 34.38 11.97 11.46
N LEU C 49 35.54 11.73 10.85
CA LEU C 49 36.04 10.40 10.55
C LEU C 49 37.16 10.00 11.49
N ASP C 50 37.14 8.76 11.95
CA ASP C 50 38.23 8.18 12.73
C ASP C 50 38.97 7.19 11.84
N PHE C 51 40.20 7.53 11.49
CA PHE C 51 40.92 6.81 10.45
C PHE C 51 41.76 5.67 10.99
N ASN C 52 41.86 5.50 12.30
CA ASN C 52 42.45 4.31 12.90
C ASN C 52 41.43 3.51 13.68
N ALA C 53 40.15 3.67 13.36
CA ALA C 53 39.03 2.95 13.94
C ALA C 53 38.09 2.49 12.86
N LEU C 54 38.64 1.83 11.84
CA LEU C 54 37.88 1.48 10.64
C LEU C 54 37.18 0.13 10.83
N LEU C 55 35.88 0.12 10.58
CA LEU C 55 35.05 -1.08 10.63
C LEU C 55 35.18 -1.82 11.95
N GLN C 56 35.14 -1.07 13.05
CA GLN C 56 35.21 -1.63 14.38
C GLN C 56 33.85 -2.13 14.84
N PRO C 57 33.82 -3.15 15.68
CA PRO C 57 32.55 -3.63 16.21
C PRO C 57 32.08 -2.75 17.36
N PRO C 58 30.84 -2.91 17.81
CA PRO C 58 30.40 -2.20 19.01
C PRO C 58 31.36 -2.38 20.17
N GLY C 59 31.43 -1.38 21.03
CA GLY C 59 32.44 -1.38 22.07
C GLY C 59 32.38 -0.20 23.01
N THR C 60 33.53 0.41 23.29
CA THR C 60 33.62 1.40 24.35
C THR C 60 34.00 2.80 23.87
N LYS C 61 34.54 2.95 22.66
CA LYS C 61 34.65 4.26 22.04
C LYS C 61 33.47 4.50 21.10
N HIS C 62 33.28 3.59 20.13
CA HIS C 62 32.09 3.68 19.24
C HIS C 62 31.10 2.60 19.70
N TRP C 63 30.07 2.98 20.45
CA TRP C 63 29.13 1.98 21.02
C TRP C 63 28.40 1.19 19.93
N LEU C 64 28.07 1.83 18.80
CA LEU C 64 27.28 1.13 17.74
C LEU C 64 28.20 0.70 16.61
N GLY C 65 29.52 0.87 16.79
CA GLY C 65 30.49 0.43 15.80
C GLY C 65 30.83 1.53 14.84
N THR C 66 31.77 1.25 13.94
CA THR C 66 32.15 2.22 12.94
C THR C 66 31.73 1.71 11.58
N ASN C 67 32.22 2.37 10.55
CA ASN C 67 31.77 2.21 9.19
C ASN C 67 32.99 1.98 8.31
N ALA C 68 32.74 1.62 7.05
CA ALA C 68 33.83 1.42 6.11
C ALA C 68 34.72 2.65 6.01
N LEU C 69 34.16 3.84 6.25
CA LEU C 69 34.89 5.09 6.17
C LEU C 69 35.27 5.64 7.54
N GLY C 70 35.02 4.90 8.61
CA GLY C 70 35.43 5.33 9.93
C GLY C 70 34.45 6.21 10.66
N GLN C 71 33.20 6.26 10.23
CA GLN C 71 32.20 7.09 10.88
C GLN C 71 31.51 6.31 11.98
N ASP C 72 31.24 6.98 13.10
CA ASP C 72 30.47 6.34 14.16
C ASP C 72 29.06 6.08 13.66
N LEU C 73 28.63 4.84 13.73
CA LEU C 73 27.34 4.49 13.17
C LEU C 73 26.18 4.88 14.06
N LEU C 74 26.43 5.43 15.24
CA LEU C 74 25.37 5.95 16.10
C LEU C 74 25.04 7.40 15.76
N ALA C 75 26.05 8.25 15.68
CA ALA C 75 25.82 9.62 15.30
C ALA C 75 25.23 9.71 13.90
N GLN C 76 25.74 8.89 12.98
CA GLN C 76 25.21 8.90 11.62
C GLN C 76 23.74 8.52 11.60
N THR C 77 23.36 7.48 12.34
CA THR C 77 21.98 7.06 12.30
C THR C 77 21.07 8.03 13.04
N LEU C 78 21.58 8.72 14.05
CA LEU C 78 20.77 9.75 14.70
C LEU C 78 20.50 10.90 13.73
N ARG C 79 21.51 11.35 12.99
CA ARG C 79 21.28 12.41 12.01
C ARG C 79 20.34 11.96 10.90
N GLY C 80 20.54 10.75 10.40
CA GLY C 80 19.65 10.24 9.38
C GLY C 80 18.22 10.13 9.86
N MET C 81 18.04 9.74 11.12
CA MET C 81 16.73 9.67 11.73
C MET C 81 16.09 11.05 11.84
N GLN C 82 16.88 12.05 12.26
CA GLN C 82 16.41 13.43 12.27
C GLN C 82 15.77 13.78 10.94
N LYS C 83 16.54 13.65 9.86
CA LYS C 83 16.04 14.07 8.56
C LYS C 83 14.84 13.24 8.12
N SER C 84 14.94 11.91 8.23
CA SER C 84 13.91 11.03 7.74
C SER C 84 12.61 11.15 8.51
N MET C 85 12.64 11.59 9.77
CA MET C 85 11.41 11.78 10.51
C MET C 85 10.82 13.16 10.33
N LEU C 86 11.67 14.19 10.29
CA LEU C 86 11.16 15.54 10.06
C LEU C 86 10.47 15.63 8.71
N ILE C 87 11.08 15.03 7.68
CA ILE C 87 10.46 15.06 6.37
C ILE C 87 9.09 14.40 6.40
N GLY C 88 8.99 13.25 7.06
CA GLY C 88 7.72 12.55 7.11
C GLY C 88 6.65 13.34 7.83
N VAL C 89 7.01 13.97 8.95
CA VAL C 89 6.02 14.74 9.70
C VAL C 89 5.52 15.92 8.89
N CYS C 90 6.44 16.68 8.29
CA CYS C 90 6.04 17.84 7.51
C CYS C 90 5.18 17.44 6.32
N VAL C 91 5.59 16.39 5.60
CA VAL C 91 4.83 15.96 4.44
C VAL C 91 3.45 15.49 4.86
N ALA C 92 3.35 14.75 5.95
CA ALA C 92 2.05 14.27 6.40
C ALA C 92 1.12 15.43 6.73
N VAL C 93 1.63 16.43 7.44
CA VAL C 93 0.80 17.56 7.82
C VAL C 93 0.30 18.29 6.58
N ILE C 94 1.20 18.62 5.66
CA ILE C 94 0.79 19.42 4.51
C ILE C 94 -0.16 18.62 3.60
N SER C 95 0.13 17.34 3.39
CA SER C 95 -0.72 16.52 2.54
C SER C 95 -2.10 16.34 3.15
N THR C 96 -2.19 16.20 4.47
CA THR C 96 -3.49 16.13 5.11
C THR C 96 -4.26 17.43 4.95
N GLY C 97 -3.56 18.56 5.07
CA GLY C 97 -4.23 19.83 4.85
C GLY C 97 -4.79 19.96 3.45
N ILE C 98 -4.00 19.59 2.44
CA ILE C 98 -4.45 19.66 1.05
C ILE C 98 -5.63 18.72 0.83
N ALA C 99 -5.54 17.50 1.35
CA ALA C 99 -6.62 16.54 1.17
C ALA C 99 -7.90 17.06 1.78
N ALA C 100 -7.83 17.63 2.98
CA ALA C 100 -9.02 18.19 3.61
C ALA C 100 -9.59 19.32 2.76
N THR C 101 -8.75 20.28 2.37
CA THR C 101 -9.28 21.44 1.68
C THR C 101 -9.73 21.14 0.26
N VAL C 102 -9.44 19.97 -0.28
CA VAL C 102 -9.98 19.55 -1.58
C VAL C 102 -11.23 18.70 -1.40
N GLY C 103 -11.16 17.69 -0.55
CA GLY C 103 -12.31 16.82 -0.37
C GLY C 103 -13.50 17.54 0.24
N ALA C 104 -13.27 18.43 1.19
CA ALA C 104 -14.37 19.13 1.83
C ALA C 104 -15.12 20.00 0.83
N ILE C 105 -14.40 20.77 0.02
CA ILE C 105 -15.07 21.64 -0.94
C ILE C 105 -15.76 20.81 -2.00
N SER C 106 -15.12 19.72 -2.44
CA SER C 106 -15.75 18.89 -3.46
C SER C 106 -17.02 18.25 -2.95
N GLY C 107 -17.02 17.76 -1.70
CA GLY C 107 -18.18 17.09 -1.16
C GLY C 107 -19.29 18.02 -0.71
N TYR C 108 -18.96 19.26 -0.38
CA TYR C 108 -20.00 20.20 0.02
C TYR C 108 -20.63 20.87 -1.19
N PHE C 109 -19.84 21.21 -2.21
CA PHE C 109 -20.42 21.83 -3.40
C PHE C 109 -21.37 20.88 -4.11
N GLY C 110 -20.90 19.68 -4.41
CA GLY C 110 -21.71 18.69 -5.09
C GLY C 110 -21.99 19.09 -6.53
N GLY C 111 -22.76 18.24 -7.20
CA GLY C 111 -23.15 18.56 -8.56
C GLY C 111 -22.03 18.36 -9.55
N TRP C 112 -21.92 19.29 -10.50
CA TRP C 112 -20.87 19.18 -11.50
C TRP C 112 -19.50 19.57 -10.93
N ARG C 113 -19.47 20.49 -9.97
CA ARG C 113 -18.21 20.87 -9.34
C ARG C 113 -17.54 19.66 -8.72
N ASP C 114 -18.31 18.87 -7.97
CA ASP C 114 -17.79 17.64 -7.40
C ASP C 114 -17.37 16.65 -8.48
N ARG C 115 -18.16 16.55 -9.55
CA ARG C 115 -17.84 15.61 -10.62
C ARG C 115 -16.49 15.91 -11.22
N THR C 116 -16.25 17.16 -11.61
CA THR C 116 -14.96 17.50 -12.20
C THR C 116 -13.84 17.43 -11.19
N LEU C 117 -14.09 17.84 -9.94
CA LEU C 117 -13.02 17.83 -8.95
C LEU C 117 -12.60 16.40 -8.60
N MET C 118 -13.49 15.43 -8.77
CA MET C 118 -13.10 14.04 -8.57
C MET C 118 -12.53 13.41 -9.83
N TRP C 119 -12.96 13.85 -11.00
CA TRP C 119 -12.34 13.36 -12.23
C TRP C 119 -10.89 13.81 -12.31
N VAL C 120 -10.58 15.00 -11.80
CA VAL C 120 -9.18 15.45 -11.77
C VAL C 120 -8.36 14.59 -10.83
N VAL C 121 -8.93 14.19 -9.69
CA VAL C 121 -8.22 13.29 -8.79
C VAL C 121 -7.97 11.94 -9.45
N ASP C 122 -8.99 11.40 -10.12
CA ASP C 122 -8.81 10.16 -10.86
C ASP C 122 -7.70 10.29 -11.88
N LEU C 123 -7.64 11.43 -12.57
CA LEU C 123 -6.58 11.66 -13.55
C LEU C 123 -5.22 11.68 -12.90
N LEU C 124 -5.10 12.35 -11.75
CA LEU C 124 -3.85 12.36 -11.02
C LEU C 124 -3.46 10.99 -10.47
N LEU C 125 -4.39 10.05 -10.42
CA LEU C 125 -4.09 8.71 -9.90
C LEU C 125 -3.69 7.72 -10.98
N VAL C 126 -3.58 8.13 -12.24
CA VAL C 126 -3.33 7.18 -13.32
C VAL C 126 -1.90 6.65 -13.27
N VAL C 127 -0.93 7.54 -13.11
CA VAL C 127 0.48 7.20 -13.14
C VAL C 127 0.97 7.08 -11.71
N PRO C 128 1.62 5.96 -11.33
CA PRO C 128 1.98 5.77 -9.92
C PRO C 128 2.79 6.94 -9.39
N SER C 129 2.54 7.28 -8.13
CA SER C 129 3.05 8.54 -7.60
C SER C 129 4.56 8.55 -7.51
N PHE C 130 5.17 7.43 -7.15
CA PHE C 130 6.61 7.38 -6.98
C PHE C 130 7.33 7.81 -8.25
N ILE C 131 6.83 7.38 -9.41
CA ILE C 131 7.52 7.73 -10.63
C ILE C 131 7.25 9.18 -11.02
N LEU C 132 6.08 9.72 -10.67
CA LEU C 132 5.82 11.14 -10.90
C LEU C 132 6.72 12.02 -10.04
N ILE C 133 7.01 11.61 -8.82
CA ILE C 133 7.90 12.36 -7.95
C ILE C 133 9.34 12.21 -8.40
N ALA C 134 9.75 10.99 -8.73
CA ALA C 134 11.11 10.76 -9.21
C ALA C 134 11.38 11.52 -10.49
N ILE C 135 10.33 11.81 -11.28
CA ILE C 135 10.52 12.60 -12.49
C ILE C 135 10.98 14.02 -12.15
N VAL C 136 10.50 14.58 -11.04
CA VAL C 136 10.84 15.95 -10.68
C VAL C 136 12.05 16.01 -9.74
N THR C 137 12.56 14.88 -9.27
CA THR C 137 13.81 14.97 -8.51
C THR C 137 15.03 15.50 -9.25
N PRO C 138 15.14 15.46 -10.59
CA PRO C 138 16.30 16.10 -11.22
C PRO C 138 16.52 17.53 -10.79
N ARG C 139 15.45 18.31 -10.67
CA ARG C 139 15.50 19.54 -9.91
C ARG C 139 15.30 19.23 -8.44
N THR C 140 15.67 20.18 -7.58
CA THR C 140 15.59 20.01 -6.14
C THR C 140 16.43 18.85 -5.63
N LYS C 141 17.39 18.39 -6.43
CA LYS C 141 18.24 17.29 -6.01
C LYS C 141 19.48 17.78 -5.29
N ASN C 142 20.10 18.84 -5.78
CA ASN C 142 21.34 19.37 -5.20
C ASN C 142 21.11 20.70 -4.51
N SER C 143 19.92 20.90 -3.95
CA SER C 143 19.62 22.07 -3.13
C SER C 143 19.91 21.78 -1.67
N ALA C 144 20.05 22.84 -0.89
CA ALA C 144 20.37 22.70 0.53
C ALA C 144 19.12 22.40 1.35
N ASN C 145 18.15 23.31 1.32
CA ASN C 145 16.94 23.15 2.10
C ASN C 145 16.11 21.97 1.61
N ILE C 146 15.43 21.32 2.55
CA ILE C 146 14.58 20.17 2.24
C ILE C 146 13.18 20.65 1.90
N MET C 147 13.00 21.97 1.78
CA MET C 147 11.68 22.52 1.55
C MET C 147 11.09 22.02 0.24
N PHE C 148 11.90 22.03 -0.81
CA PHE C 148 11.41 21.60 -2.12
C PHE C 148 11.05 20.12 -2.14
N LEU C 149 11.85 19.29 -1.49
CA LEU C 149 11.55 17.87 -1.41
C LEU C 149 10.26 17.63 -0.61
N VAL C 150 10.09 18.37 0.49
CA VAL C 150 8.88 18.22 1.29
C VAL C 150 7.66 18.60 0.48
N LEU C 151 7.72 19.73 -0.22
CA LEU C 151 6.60 20.17 -1.04
C LEU C 151 6.30 19.17 -2.15
N LEU C 152 7.35 18.62 -2.77
CA LEU C 152 7.15 17.67 -3.85
C LEU C 152 6.50 16.39 -3.35
N LEU C 153 6.94 15.89 -2.21
CA LEU C 153 6.33 14.67 -1.67
C LEU C 153 4.90 14.91 -1.24
N ALA C 154 4.61 16.10 -0.70
CA ALA C 154 3.26 16.38 -0.24
C ALA C 154 2.30 16.64 -1.39
N GLY C 155 2.76 17.24 -2.47
CA GLY C 155 1.89 17.54 -3.59
C GLY C 155 1.38 16.33 -4.33
N PHE C 156 1.92 15.15 -4.07
CA PHE C 156 1.49 13.91 -4.72
C PHE C 156 1.10 12.86 -3.69
N GLY C 157 0.49 13.29 -2.58
CA GLY C 157 0.16 12.34 -1.53
C GLY C 157 -1.21 12.50 -0.91
N TRP C 158 -2.02 13.39 -1.46
CA TRP C 158 -3.31 13.71 -0.88
C TRP C 158 -4.49 13.09 -1.61
N MET C 159 -4.25 12.45 -2.75
CA MET C 159 -5.36 12.07 -3.63
C MET C 159 -6.24 11.01 -2.99
N ILE C 160 -5.64 9.93 -2.49
CA ILE C 160 -6.41 8.81 -1.97
C ILE C 160 -7.22 9.23 -0.75
N SER C 161 -6.61 10.04 0.12
CA SER C 161 -7.32 10.45 1.33
C SER C 161 -8.37 11.51 1.04
N SER C 162 -8.15 12.38 0.06
CA SER C 162 -9.21 13.30 -0.33
C SER C 162 -10.40 12.56 -0.89
N ARG C 163 -10.15 11.43 -1.57
CA ARG C 163 -11.25 10.59 -2.03
C ARG C 163 -12.20 10.25 -0.89
N MET C 164 -11.67 9.75 0.22
CA MET C 164 -12.52 9.34 1.33
C MET C 164 -13.07 10.53 2.10
N VAL C 165 -12.30 11.61 2.22
CA VAL C 165 -12.81 12.81 2.88
C VAL C 165 -14.09 13.27 2.20
N ARG C 166 -14.07 13.39 0.87
CA ARG C 166 -15.26 13.79 0.17
C ARG C 166 -16.33 12.71 0.18
N GLY C 167 -15.92 11.45 0.05
CA GLY C 167 -16.89 10.37 0.05
C GLY C 167 -17.71 10.31 1.30
N MET C 168 -17.15 10.76 2.42
CA MET C 168 -17.92 10.80 3.65
C MET C 168 -18.60 12.13 3.91
N THR C 169 -18.03 13.25 3.47
CA THR C 169 -18.74 14.52 3.57
C THR C 169 -20.04 14.50 2.78
N MET C 170 -19.98 13.97 1.55
CA MET C 170 -21.17 13.92 0.70
C MET C 170 -22.26 13.10 1.32
N SER C 171 -21.92 11.92 1.86
CA SER C 171 -22.89 11.04 2.47
C SER C 171 -23.36 11.52 3.83
N LEU C 172 -22.58 12.36 4.49
CA LEU C 172 -22.98 12.87 5.79
C LEU C 172 -23.92 14.07 5.67
N ARG C 173 -23.79 14.88 4.62
CA ARG C 173 -24.68 16.02 4.53
C ARG C 173 -26.10 15.64 4.13
N GLU C 174 -26.31 14.47 3.54
CA GLU C 174 -27.66 13.97 3.25
C GLU C 174 -28.07 12.96 4.31
N ARG C 175 -28.16 13.42 5.55
CA ARG C 175 -28.49 12.56 6.68
C ARG C 175 -29.76 13.07 7.34
N GLU C 176 -30.17 12.37 8.40
CA GLU C 176 -31.40 12.68 9.12
C GLU C 176 -31.17 13.39 10.44
N PHE C 177 -30.07 13.10 11.13
CA PHE C 177 -29.83 13.77 12.40
C PHE C 177 -29.52 15.24 12.21
N ILE C 178 -28.94 15.62 11.07
CA ILE C 178 -28.71 17.04 10.81
C ILE C 178 -30.03 17.74 10.54
N ARG C 179 -30.97 17.06 9.88
CA ARG C 179 -32.30 17.63 9.70
C ARG C 179 -33.01 17.82 11.02
N ALA C 180 -32.90 16.84 11.92
CA ALA C 180 -33.45 17.00 13.26
C ALA C 180 -32.78 18.17 13.98
N ALA C 181 -31.48 18.33 13.78
CA ALA C 181 -30.76 19.46 14.37
C ALA C 181 -31.33 20.78 13.90
N ARG C 182 -31.66 20.88 12.62
CA ARG C 182 -32.32 22.08 12.14
C ARG C 182 -33.72 22.22 12.73
N TYR C 183 -34.40 21.10 12.95
CA TYR C 183 -35.73 21.15 13.56
C TYR C 183 -35.67 21.68 14.98
N MET C 184 -34.55 21.50 15.68
CA MET C 184 -34.43 21.98 17.04
C MET C 184 -34.20 23.48 17.11
N GLY C 185 -33.39 24.03 16.22
CA GLY C 185 -33.04 25.43 16.29
C GLY C 185 -31.55 25.67 16.22
N VAL C 186 -30.79 24.66 15.84
CA VAL C 186 -29.35 24.80 15.70
C VAL C 186 -29.04 25.56 14.41
N SER C 187 -28.10 26.49 14.48
CA SER C 187 -27.74 27.31 13.34
C SER C 187 -27.02 26.48 12.29
N SER C 188 -26.89 27.04 11.09
CA SER C 188 -26.23 26.33 10.00
C SER C 188 -24.78 26.05 10.33
N ARG C 189 -24.10 27.02 10.96
CA ARG C 189 -22.70 26.83 11.31
C ARG C 189 -22.53 25.93 12.53
N ARG C 190 -23.42 26.05 13.53
CA ARG C 190 -23.34 25.19 14.70
C ARG C 190 -23.57 23.74 14.34
N ILE C 191 -24.46 23.48 13.36
CA ILE C 191 -24.63 22.12 12.86
C ILE C 191 -23.31 21.59 12.33
N ILE C 192 -22.61 22.39 11.53
CA ILE C 192 -21.32 21.95 10.99
C ILE C 192 -20.34 21.68 12.13
N VAL C 193 -20.19 22.65 13.03
CA VAL C 193 -19.20 22.56 14.10
C VAL C 193 -19.45 21.35 14.98
N GLY C 194 -20.73 21.03 15.23
CA GLY C 194 -21.05 19.96 16.14
C GLY C 194 -21.30 18.60 15.52
N HIS C 195 -21.46 18.53 14.20
CA HIS C 195 -21.76 17.26 13.56
C HIS C 195 -20.76 16.88 12.48
N VAL C 196 -20.32 17.81 11.65
CA VAL C 196 -19.42 17.50 10.56
C VAL C 196 -17.97 17.53 11.00
N VAL C 197 -17.56 18.63 11.66
CA VAL C 197 -16.18 18.75 12.10
C VAL C 197 -15.78 17.61 13.02
N PRO C 198 -16.58 17.19 14.00
CA PRO C 198 -16.21 15.99 14.76
C PRO C 198 -16.07 14.75 13.91
N ASN C 199 -16.77 14.71 12.77
CA ASN C 199 -16.64 13.55 11.90
C ASN C 199 -15.40 13.66 11.02
N VAL C 200 -15.33 14.68 10.17
CA VAL C 200 -14.08 14.90 9.44
C VAL C 200 -13.22 15.89 10.22
N ALA C 201 -12.74 15.49 11.39
CA ALA C 201 -11.62 16.12 12.05
C ALA C 201 -10.85 15.04 12.76
N SER C 202 -11.42 13.83 12.74
CA SER C 202 -10.83 12.65 13.34
C SER C 202 -10.46 11.61 12.32
N ILE C 203 -11.21 11.54 11.22
CA ILE C 203 -10.78 10.79 10.06
C ILE C 203 -9.47 11.36 9.53
N LEU C 204 -9.34 12.68 9.52
CA LEU C 204 -8.06 13.30 9.19
C LEU C 204 -6.98 12.94 10.20
N ILE C 205 -7.34 12.89 11.48
CA ILE C 205 -6.36 12.59 12.52
C ILE C 205 -5.81 11.18 12.34
N ILE C 206 -6.67 10.21 12.07
CA ILE C 206 -6.19 8.85 11.86
C ILE C 206 -5.58 8.67 10.48
N ASP C 207 -5.88 9.56 9.53
CA ASP C 207 -5.22 9.51 8.23
C ASP C 207 -3.81 10.04 8.29
N ALA C 208 -3.58 11.09 9.07
CA ALA C 208 -2.23 11.62 9.26
C ALA C 208 -1.49 10.88 10.36
N ALA C 209 -1.54 9.55 10.30
CA ALA C 209 -0.69 8.69 11.08
C ALA C 209 -0.14 7.63 10.14
N LEU C 210 -0.93 7.33 9.12
CA LEU C 210 -0.46 6.53 7.99
C LEU C 210 0.16 7.38 6.91
N ASN C 211 -0.16 8.69 6.92
CA ASN C 211 0.51 9.61 5.98
C ASN C 211 2.00 9.64 6.35
N VAL C 212 2.30 9.64 7.65
CA VAL C 212 3.69 9.68 8.09
C VAL C 212 4.44 8.46 7.55
N ALA C 213 3.83 7.28 7.66
CA ALA C 213 4.48 6.07 7.19
C ALA C 213 4.67 6.11 5.68
N ALA C 214 3.65 6.56 4.94
CA ALA C 214 3.77 6.64 3.49
C ALA C 214 4.84 7.63 3.08
N ALA C 215 4.91 8.78 3.74
CA ALA C 215 5.91 9.77 3.41
C ALA C 215 7.31 9.26 3.70
N ILE C 216 7.48 8.57 4.83
CA ILE C 216 8.79 8.02 5.14
C ILE C 216 9.19 6.97 4.12
N LEU C 217 8.26 6.09 3.75
CA LEU C 217 8.56 5.09 2.74
C LEU C 217 8.98 5.74 1.43
N ALA C 218 8.26 6.77 1.00
CA ALA C 218 8.61 7.46 -0.24
C ALA C 218 9.99 8.10 -0.14
N GLU C 219 10.28 8.74 0.98
CA GLU C 219 11.56 9.44 1.11
C GLU C 219 12.72 8.46 1.10
N THR C 220 12.62 7.35 1.84
CA THR C 220 13.73 6.40 1.85
C THR C 220 13.85 5.70 0.50
N GLY C 221 12.73 5.42 -0.17
CA GLY C 221 12.81 4.84 -1.48
C GLY C 221 13.47 5.75 -2.49
N LEU C 222 13.22 7.05 -2.39
CA LEU C 222 13.88 8.00 -3.27
C LEU C 222 15.37 8.09 -2.96
N SER C 223 15.72 8.29 -1.69
CA SER C 223 17.12 8.46 -1.34
C SER C 223 17.92 7.19 -1.50
N PHE C 224 17.25 6.05 -1.60
CA PHE C 224 17.94 4.79 -1.81
C PHE C 224 18.47 4.66 -3.24
N LEU C 225 17.73 5.17 -4.21
CA LEU C 225 18.10 5.05 -5.61
C LEU C 225 19.08 6.12 -6.06
N GLY C 226 19.49 7.02 -5.19
CA GLY C 226 20.37 8.09 -5.55
C GLY C 226 19.70 9.44 -5.71
N PHE C 227 18.38 9.48 -5.74
CA PHE C 227 17.65 10.72 -5.79
C PHE C 227 17.46 11.22 -4.36
N GLY C 228 16.60 12.21 -4.16
CA GLY C 228 16.32 12.61 -2.81
C GLY C 228 17.46 13.28 -2.10
N ILE C 229 18.08 12.58 -1.16
CA ILE C 229 19.05 13.17 -0.24
C ILE C 229 20.46 12.76 -0.66
N GLN C 230 21.38 13.73 -0.64
CA GLN C 230 22.67 13.66 -1.32
C GLN C 230 23.80 13.19 -0.41
N PRO C 231 25.02 12.98 -0.92
CA PRO C 231 26.03 12.25 -0.15
C PRO C 231 26.53 12.98 1.10
N PRO C 232 26.85 14.27 1.05
CA PRO C 232 27.49 14.87 2.24
C PRO C 232 26.67 14.73 3.51
N ASP C 233 25.35 14.74 3.40
CA ASP C 233 24.45 14.58 4.52
C ASP C 233 23.71 13.26 4.41
N VAL C 234 23.22 12.77 5.55
CA VAL C 234 22.73 11.40 5.63
C VAL C 234 21.23 11.38 5.82
N SER C 235 20.63 10.29 5.36
CA SER C 235 19.26 9.93 5.64
C SER C 235 19.22 8.45 5.97
N LEU C 236 18.08 7.97 6.43
CA LEU C 236 18.00 6.55 6.76
C LEU C 236 18.14 5.68 5.52
N GLY C 237 17.50 6.07 4.42
CA GLY C 237 17.60 5.30 3.20
C GLY C 237 19.01 5.24 2.66
N THR C 238 19.73 6.36 2.71
CA THR C 238 21.11 6.37 2.25
C THR C 238 21.97 5.47 3.11
N LEU C 239 21.75 5.47 4.42
CA LEU C 239 22.51 4.59 5.30
C LEU C 239 22.27 3.13 4.98
N ILE C 240 21.01 2.75 4.76
CA ILE C 240 20.74 1.35 4.41
C ILE C 240 21.35 1.00 3.08
N ALA C 241 21.25 1.91 2.10
CA ALA C 241 21.83 1.65 0.78
C ALA C 241 23.33 1.46 0.85
N ASP C 242 24.01 2.27 1.67
CA ASP C 242 25.44 2.08 1.85
C ASP C 242 25.74 0.76 2.55
N GLY C 243 24.92 0.40 3.54
CA GLY C 243 25.23 -0.77 4.34
C GLY C 243 24.84 -2.10 3.75
N THR C 244 24.08 -2.11 2.65
CA THR C 244 23.71 -3.39 2.04
C THR C 244 24.92 -4.27 1.81
N ALA C 245 25.96 -3.73 1.20
CA ALA C 245 27.11 -4.49 0.75
C ALA C 245 27.98 -5.02 1.87
N SER C 246 27.63 -4.87 3.15
CA SER C 246 28.49 -5.38 4.21
C SER C 246 27.72 -6.05 5.33
N ALA C 247 26.44 -6.39 5.11
CA ALA C 247 25.64 -6.99 6.17
C ALA C 247 26.14 -8.37 6.54
N THR C 248 26.63 -9.12 5.55
CA THR C 248 27.04 -10.50 5.81
C THR C 248 28.29 -10.55 6.70
N ALA C 249 29.25 -9.68 6.46
CA ALA C 249 30.54 -9.73 7.14
C ALA C 249 30.53 -8.93 8.44
N PHE C 250 30.19 -7.65 8.36
CA PHE C 250 30.07 -6.75 9.52
C PHE C 250 28.62 -6.32 9.59
N PRO C 251 27.76 -7.07 10.28
CA PRO C 251 26.32 -6.80 10.18
C PRO C 251 25.89 -5.55 10.91
N TRP C 252 26.71 -4.99 11.79
CA TRP C 252 26.27 -3.83 12.54
C TRP C 252 26.02 -2.63 11.65
N VAL C 253 26.58 -2.60 10.43
CA VAL C 253 26.43 -1.46 9.55
C VAL C 253 25.16 -1.49 8.73
N PHE C 254 24.45 -2.60 8.69
CA PHE C 254 23.17 -2.67 7.99
C PHE C 254 22.01 -3.02 8.91
N LEU C 255 22.24 -3.86 9.92
CA LEU C 255 21.14 -4.26 10.79
C LEU C 255 20.65 -3.11 11.64
N PHE C 256 21.50 -2.16 11.95
CA PHE C 256 21.05 -1.13 12.86
C PHE C 256 20.16 -0.08 12.19
N PRO C 257 20.59 0.62 11.14
CA PRO C 257 19.68 1.60 10.53
C PRO C 257 18.40 0.96 10.02
N ALA C 258 18.48 -0.25 9.48
CA ALA C 258 17.29 -0.92 8.99
C ALA C 258 16.34 -1.23 10.13
N SER C 259 16.87 -1.71 11.26
CA SER C 259 16.02 -2.01 12.40
C SER C 259 15.37 -0.75 12.94
N ILE C 260 16.10 0.37 12.95
CA ILE C 260 15.52 1.62 13.38
C ILE C 260 14.36 2.02 12.49
N LEU C 261 14.55 1.93 11.17
CA LEU C 261 13.49 2.29 10.25
C LEU C 261 12.27 1.40 10.43
N VAL C 262 12.49 0.10 10.58
CA VAL C 262 11.38 -0.82 10.75
C VAL C 262 10.66 -0.55 12.06
N LEU C 263 11.39 -0.23 13.12
CA LEU C 263 10.75 0.10 14.39
C LEU C 263 9.89 1.34 14.27
N ILE C 264 10.39 2.37 13.58
CA ILE C 264 9.60 3.59 13.40
C ILE C 264 8.33 3.29 12.63
N LEU C 265 8.44 2.51 11.56
CA LEU C 265 7.25 2.21 10.76
C LEU C 265 6.24 1.36 11.54
N VAL C 266 6.73 0.39 12.33
CA VAL C 266 5.84 -0.42 13.15
C VAL C 266 5.10 0.46 14.15
N CYS C 267 5.82 1.36 14.80
CA CYS C 267 5.17 2.25 15.76
C CYS C 267 4.14 3.13 15.08
N ALA C 268 4.44 3.63 13.89
CA ALA C 268 3.47 4.47 13.19
C ALA C 268 2.21 3.70 12.85
N ASN C 269 2.34 2.46 12.37
CA ASN C 269 1.15 1.68 12.05
C ASN C 269 0.35 1.31 13.29
N LEU C 270 1.04 0.98 14.38
CA LEU C 270 0.34 0.68 15.63
C LEU C 270 -0.42 1.90 16.13
N THR C 271 0.20 3.07 16.04
CA THR C 271 -0.50 4.29 16.44
C THR C 271 -1.72 4.54 15.58
N GLY C 272 -1.60 4.33 14.27
CA GLY C 272 -2.74 4.51 13.40
C GLY C 272 -3.89 3.58 13.77
N ASP C 273 -3.57 2.32 14.03
CA ASP C 273 -4.61 1.36 14.42
C ASP C 273 -5.26 1.77 15.74
N GLY C 274 -4.45 2.17 16.72
CA GLY C 274 -5.00 2.54 18.01
C GLY C 274 -5.87 3.78 17.92
N LEU C 275 -5.45 4.77 17.15
CA LEU C 275 -6.25 5.98 16.99
C LEU C 275 -7.55 5.67 16.28
N ARG C 276 -7.51 4.78 15.28
CA ARG C 276 -8.75 4.38 14.61
C ARG C 276 -9.70 3.67 15.57
N ASP C 277 -9.15 2.81 16.44
CA ASP C 277 -9.99 2.12 17.39
C ASP C 277 -10.50 3.02 18.50
N ALA C 278 -9.80 4.10 18.80
CA ALA C 278 -10.24 5.02 19.84
C ALA C 278 -11.25 6.05 19.33
N LEU C 279 -11.09 6.54 18.11
CA LEU C 279 -12.04 7.49 17.55
C LEU C 279 -13.25 6.82 16.91
N ASP C 280 -13.15 5.53 16.58
CA ASP C 280 -14.27 4.75 16.06
C ASP C 280 -14.40 3.49 16.90
N PRO C 281 -14.90 3.62 18.14
CA PRO C 281 -14.73 2.55 19.13
C PRO C 281 -15.16 1.16 18.70
N ALA C 282 -16.45 0.98 18.43
CA ALA C 282 -16.95 -0.28 17.89
C ALA C 282 -17.17 -0.16 16.38
N SER C 283 -16.10 0.22 15.69
CA SER C 283 -16.12 0.39 14.24
C SER C 283 -17.25 1.31 13.78
N SER D 2 -44.82 -38.92 19.98
CA SER D 2 -43.69 -38.04 20.26
C SER D 2 -43.96 -36.63 19.79
N PRO D 3 -43.69 -35.66 20.64
CA PRO D 3 -43.94 -34.26 20.28
C PRO D 3 -42.97 -33.71 19.25
N LEU D 4 -43.08 -32.41 18.98
CA LEU D 4 -42.20 -31.75 18.04
C LEU D 4 -41.02 -31.07 18.70
N LEU D 5 -41.12 -30.65 19.96
CA LEU D 5 -39.98 -29.97 20.58
C LEU D 5 -39.42 -30.69 21.79
N GLU D 6 -40.22 -30.91 22.83
CA GLU D 6 -39.76 -31.47 24.09
C GLU D 6 -38.40 -30.91 24.50
N VAL D 7 -38.37 -29.60 24.75
CA VAL D 7 -37.19 -28.96 25.32
C VAL D 7 -37.16 -29.24 26.81
N THR D 8 -35.97 -29.54 27.34
CA THR D 8 -35.83 -29.92 28.74
C THR D 8 -34.56 -29.32 29.32
N ASP D 9 -34.72 -28.42 30.30
CA ASP D 9 -33.63 -27.87 31.10
C ASP D 9 -32.62 -27.11 30.24
N LEU D 10 -33.10 -26.37 29.26
CA LEU D 10 -32.22 -25.58 28.42
C LEU D 10 -31.55 -24.48 29.24
N ALA D 11 -30.28 -24.21 28.96
CA ALA D 11 -29.56 -23.16 29.66
C ALA D 11 -28.49 -22.60 28.75
N VAL D 12 -28.53 -21.30 28.49
CA VAL D 12 -27.59 -20.60 27.63
C VAL D 12 -26.77 -19.66 28.48
N THR D 13 -25.49 -19.52 28.14
CA THR D 13 -24.56 -18.66 28.87
C THR D 13 -23.60 -18.04 27.87
N PHE D 14 -23.71 -16.74 27.67
CA PHE D 14 -22.82 -16.03 26.78
C PHE D 14 -21.57 -15.61 27.56
N ARG D 15 -20.40 -15.82 26.97
CA ARG D 15 -19.13 -15.53 27.62
C ARG D 15 -18.57 -14.24 27.04
N THR D 16 -18.98 -13.12 27.62
CA THR D 16 -18.40 -11.83 27.28
C THR D 16 -17.17 -11.57 28.15
N ASP D 17 -16.54 -10.41 27.96
CA ASP D 17 -15.37 -10.06 28.75
C ASP D 17 -15.72 -9.97 30.23
N GLY D 18 -16.82 -9.31 30.55
CA GLY D 18 -17.34 -9.33 31.90
C GLY D 18 -17.87 -10.69 32.26
N ASP D 19 -18.27 -10.83 33.51
CA ASP D 19 -18.66 -12.14 34.02
C ASP D 19 -19.79 -12.71 33.16
N PRO D 20 -19.82 -14.03 32.95
CA PRO D 20 -20.77 -14.60 32.00
C PRO D 20 -22.20 -14.18 32.30
N VAL D 21 -22.94 -13.90 31.23
CA VAL D 21 -24.35 -13.52 31.33
C VAL D 21 -25.19 -14.74 31.00
N THR D 22 -25.99 -15.17 31.97
CA THR D 22 -26.80 -16.38 31.83
C THR D 22 -28.16 -15.96 31.30
N ALA D 23 -28.32 -15.97 29.98
CA ALA D 23 -29.57 -15.55 29.37
C ALA D 23 -30.71 -16.48 29.75
N VAL D 24 -30.48 -17.78 29.67
CA VAL D 24 -31.49 -18.79 30.00
C VAL D 24 -30.94 -19.61 31.16
N ARG D 25 -31.80 -19.90 32.13
CA ARG D 25 -31.36 -20.55 33.35
C ARG D 25 -32.25 -21.73 33.69
N GLY D 26 -32.55 -22.58 32.71
CA GLY D 26 -33.24 -23.81 33.01
C GLY D 26 -34.71 -23.86 32.66
N ILE D 27 -35.06 -23.41 31.46
CA ILE D 27 -36.43 -23.53 30.98
C ILE D 27 -36.66 -24.89 30.34
N SER D 28 -37.91 -25.32 30.30
CA SER D 28 -38.26 -26.61 29.72
C SER D 28 -39.74 -26.60 29.36
N TYR D 29 -40.05 -26.97 28.11
CA TYR D 29 -41.42 -26.95 27.61
C TYR D 29 -41.52 -27.93 26.44
N ARG D 30 -42.63 -27.87 25.71
CA ARG D 30 -42.83 -28.73 24.55
C ARG D 30 -43.91 -28.15 23.66
N VAL D 31 -43.90 -28.56 22.40
CA VAL D 31 -44.88 -28.15 21.40
C VAL D 31 -45.44 -29.38 20.73
N GLU D 32 -46.71 -29.36 20.41
CA GLU D 32 -47.41 -30.45 19.74
C GLU D 32 -47.68 -30.10 18.28
N PRO D 33 -48.14 -31.08 17.48
CA PRO D 33 -48.36 -30.82 16.05
C PRO D 33 -49.30 -29.66 15.72
N GLY D 34 -50.52 -29.67 16.24
CA GLY D 34 -51.49 -28.71 15.76
C GLY D 34 -51.73 -27.49 16.63
N GLU D 35 -50.81 -27.21 17.54
CA GLU D 35 -51.01 -26.17 18.53
C GLU D 35 -50.01 -25.04 18.36
N VAL D 36 -50.38 -23.88 18.90
CA VAL D 36 -49.56 -22.67 18.90
C VAL D 36 -49.22 -22.33 20.33
N VAL D 37 -47.94 -22.11 20.61
CA VAL D 37 -47.45 -21.82 21.94
C VAL D 37 -46.78 -20.46 21.92
N ALA D 38 -47.29 -19.52 22.70
CA ALA D 38 -46.78 -18.17 22.72
C ALA D 38 -45.80 -17.97 23.87
N MET D 39 -44.73 -17.23 23.60
CA MET D 39 -43.70 -16.92 24.59
C MET D 39 -43.66 -15.41 24.77
N VAL D 40 -44.27 -14.91 25.83
CA VAL D 40 -44.36 -13.48 26.10
C VAL D 40 -43.50 -13.12 27.29
N GLY D 41 -43.03 -11.89 27.31
CA GLY D 41 -42.22 -11.40 28.41
C GLY D 41 -41.79 -9.98 28.14
N GLU D 42 -40.99 -9.45 29.05
CA GLU D 42 -40.42 -8.12 28.86
C GLU D 42 -39.18 -8.24 27.98
N SER D 43 -38.39 -7.19 27.90
CA SER D 43 -37.15 -7.21 27.14
C SER D 43 -35.99 -7.62 28.03
N GLY D 44 -35.01 -8.31 27.44
CA GLY D 44 -33.95 -8.92 28.18
C GLY D 44 -34.32 -10.21 28.85
N SER D 45 -35.55 -10.67 28.67
CA SER D 45 -36.08 -11.82 29.38
C SER D 45 -35.55 -13.14 28.86
N GLY D 46 -34.62 -13.13 27.91
CA GLY D 46 -34.04 -14.34 27.37
C GLY D 46 -34.98 -15.21 26.58
N LYS D 47 -35.70 -14.61 25.62
CA LYS D 47 -36.69 -15.37 24.82
C LYS D 47 -36.06 -15.74 23.48
N SER D 48 -35.46 -14.77 22.79
CA SER D 48 -34.77 -15.05 21.51
C SER D 48 -33.58 -15.98 21.78
N ALA D 49 -32.85 -15.73 22.86
CA ALA D 49 -31.68 -16.58 23.21
C ALA D 49 -32.12 -18.03 23.39
N ALA D 50 -33.41 -18.25 23.71
CA ALA D 50 -33.91 -19.59 23.91
C ALA D 50 -34.52 -20.18 22.66
N ALA D 51 -34.76 -19.37 21.62
CA ALA D 51 -35.17 -19.87 20.31
C ALA D 51 -34.02 -20.07 19.35
N MET D 52 -33.18 -19.05 19.18
CA MET D 52 -31.94 -19.19 18.44
C MET D 52 -31.04 -20.26 19.00
N ALA D 53 -31.31 -20.75 20.19
CA ALA D 53 -30.59 -21.88 20.74
C ALA D 53 -31.21 -23.21 20.37
N VAL D 54 -32.52 -23.24 20.12
CA VAL D 54 -33.16 -24.46 19.65
C VAL D 54 -32.72 -24.77 18.23
N VAL D 55 -32.73 -23.76 17.37
CA VAL D 55 -32.30 -24.05 15.99
C VAL D 55 -30.80 -24.24 15.89
N GLY D 56 -30.03 -23.80 16.87
CA GLY D 56 -28.61 -24.00 16.86
C GLY D 56 -27.81 -22.90 16.21
N LEU D 57 -28.39 -21.72 16.01
CA LEU D 57 -27.72 -20.63 15.32
C LEU D 57 -27.17 -19.59 16.28
N LEU D 58 -26.85 -19.99 17.50
CA LEU D 58 -26.22 -19.10 18.45
C LEU D 58 -24.77 -18.85 18.05
N PRO D 59 -24.17 -17.75 18.51
CA PRO D 59 -22.76 -17.52 18.25
C PRO D 59 -21.90 -18.61 18.87
N GLU D 60 -20.64 -18.65 18.45
CA GLU D 60 -19.74 -19.67 18.93
C GLU D 60 -19.26 -19.44 20.35
N TYR D 61 -19.51 -18.26 20.91
CA TYR D 61 -19.08 -17.94 22.27
C TYR D 61 -20.17 -18.19 23.31
N ALA D 62 -21.14 -19.04 23.00
CA ALA D 62 -22.25 -19.34 23.90
C ALA D 62 -22.23 -20.81 24.27
N GLN D 63 -22.45 -21.10 25.56
CA GLN D 63 -22.47 -22.47 26.05
C GLN D 63 -23.90 -22.89 26.31
N VAL D 64 -24.41 -23.81 25.50
CA VAL D 64 -25.77 -24.31 25.59
C VAL D 64 -25.73 -25.71 26.15
N ARG D 65 -26.58 -25.99 27.14
CA ARG D 65 -26.62 -27.32 27.74
C ARG D 65 -28.05 -27.63 28.15
N GLY D 66 -28.71 -28.46 27.37
CA GLY D 66 -30.09 -28.86 27.64
C GLY D 66 -30.37 -30.22 27.07
N SER D 67 -31.63 -30.48 26.78
CA SER D 67 -32.04 -31.77 26.23
C SER D 67 -33.11 -31.57 25.16
N VAL D 68 -32.89 -30.63 24.24
CA VAL D 68 -33.86 -30.38 23.17
C VAL D 68 -33.80 -31.50 22.14
N ARG D 69 -34.95 -32.06 21.79
CA ARG D 69 -34.99 -33.16 20.84
C ARG D 69 -36.21 -33.02 19.93
N LEU D 70 -35.96 -32.80 18.64
CA LEU D 70 -37.02 -32.48 17.68
C LEU D 70 -38.08 -33.56 17.63
N GLN D 71 -37.74 -34.75 17.13
CA GLN D 71 -38.69 -35.84 17.07
C GLN D 71 -38.08 -37.09 17.68
N GLY D 72 -37.51 -36.92 18.87
CA GLY D 72 -36.66 -37.92 19.48
C GLY D 72 -35.20 -37.78 19.10
N THR D 73 -34.88 -36.86 18.20
CA THR D 73 -33.52 -36.66 17.71
C THR D 73 -32.91 -35.53 18.50
N GLU D 74 -31.98 -35.85 19.39
CA GLU D 74 -31.33 -34.83 20.19
C GLU D 74 -30.54 -33.89 19.29
N LEU D 75 -30.90 -32.62 19.32
CA LEU D 75 -30.39 -31.65 18.37
C LEU D 75 -29.15 -30.90 18.86
N LEU D 76 -28.66 -31.18 20.06
CA LEU D 76 -27.55 -30.41 20.60
C LEU D 76 -26.18 -30.99 20.26
N GLY D 77 -26.09 -32.29 20.02
CA GLY D 77 -24.84 -32.89 19.62
C GLY D 77 -24.62 -33.02 18.13
N LEU D 78 -25.50 -32.48 17.29
CA LEU D 78 -25.37 -32.63 15.86
C LEU D 78 -24.23 -31.78 15.33
N ALA D 79 -23.93 -31.93 14.03
CA ALA D 79 -22.64 -31.51 13.51
C ALA D 79 -22.74 -30.65 12.25
N ASP D 80 -23.85 -29.94 12.06
CA ASP D 80 -24.03 -29.05 10.91
C ASP D 80 -23.92 -29.79 9.59
N ASN D 81 -24.22 -31.08 9.61
CA ASN D 81 -24.43 -31.86 8.40
C ASN D 81 -25.77 -32.53 8.40
N ALA D 82 -26.23 -33.00 9.56
CA ALA D 82 -27.63 -33.34 9.75
C ALA D 82 -28.40 -32.14 10.29
N MET D 83 -27.74 -31.27 11.03
CA MET D 83 -28.39 -30.05 11.49
C MET D 83 -28.90 -29.24 10.32
N SER D 84 -28.07 -29.05 9.30
CA SER D 84 -28.54 -28.40 8.08
C SER D 84 -29.13 -29.41 7.12
N ARG D 85 -29.96 -30.29 7.66
CA ARG D 85 -30.88 -31.14 6.90
C ARG D 85 -32.22 -31.08 7.64
N PHE D 86 -32.15 -30.88 8.95
CA PHE D 86 -33.33 -30.52 9.71
C PHE D 86 -33.73 -29.08 9.42
N ARG D 87 -32.76 -28.17 9.43
CA ARG D 87 -33.03 -26.76 9.23
C ARG D 87 -33.66 -26.51 7.88
N GLY D 88 -34.71 -25.72 7.86
CA GLY D 88 -35.39 -25.39 6.63
C GLY D 88 -36.50 -26.33 6.23
N LYS D 89 -36.25 -27.63 6.33
CA LYS D 89 -37.25 -28.62 5.93
C LYS D 89 -38.19 -28.98 7.07
N ALA D 90 -37.67 -29.05 8.29
CA ALA D 90 -38.50 -29.33 9.47
C ALA D 90 -38.46 -28.19 10.48
N ILE D 91 -37.83 -27.07 10.15
CA ILE D 91 -37.74 -25.93 11.04
C ILE D 91 -37.75 -24.65 10.21
N GLY D 92 -38.74 -23.80 10.43
CA GLY D 92 -38.75 -22.46 9.86
C GLY D 92 -38.41 -21.46 10.96
N THR D 93 -37.60 -20.47 10.63
CA THR D 93 -37.14 -19.50 11.62
C THR D 93 -37.31 -18.09 11.09
N VAL D 94 -38.39 -17.45 11.48
CA VAL D 94 -38.57 -16.02 11.23
C VAL D 94 -37.79 -15.28 12.31
N PHE D 95 -36.85 -14.44 11.88
CA PHE D 95 -35.99 -13.69 12.85
C PHE D 95 -36.74 -12.47 13.38
N GLN D 96 -36.17 -11.79 14.38
CA GLN D 96 -36.87 -10.64 15.02
C GLN D 96 -36.67 -9.36 14.20
N ASP D 97 -35.43 -8.92 14.03
CA ASP D 97 -35.16 -7.65 13.29
C ASP D 97 -34.54 -7.96 11.93
N PRO D 98 -35.34 -8.02 10.85
CA PRO D 98 -34.83 -8.35 9.50
C PRO D 98 -34.43 -7.14 8.68
N MET D 99 -33.68 -6.22 9.28
CA MET D 99 -33.17 -5.10 8.53
C MET D 99 -31.86 -5.40 7.84
N SER D 100 -31.21 -6.51 8.17
CA SER D 100 -30.02 -6.98 7.48
C SER D 100 -30.04 -8.48 7.33
N ALA D 101 -31.22 -9.08 7.28
CA ALA D 101 -31.37 -10.53 7.24
C ALA D 101 -31.38 -11.09 5.84
N LEU D 102 -31.19 -10.27 4.83
CA LEU D 102 -31.21 -10.72 3.44
C LEU D 102 -29.89 -10.35 2.78
N THR D 103 -29.38 -11.24 1.95
CA THR D 103 -28.14 -10.98 1.24
C THR D 103 -28.34 -9.83 0.28
N PRO D 104 -27.54 -8.77 0.35
CA PRO D 104 -27.80 -7.60 -0.50
C PRO D 104 -27.56 -7.84 -1.99
N VAL D 105 -26.78 -8.84 -2.37
CA VAL D 105 -26.37 -9.02 -3.75
C VAL D 105 -27.23 -10.07 -4.46
N TYR D 106 -28.37 -10.44 -3.88
CA TYR D 106 -29.26 -11.43 -4.49
C TYR D 106 -30.66 -10.88 -4.59
N THR D 107 -31.32 -11.15 -5.71
CA THR D 107 -32.70 -10.79 -5.90
C THR D 107 -33.58 -11.58 -4.94
N VAL D 108 -34.61 -10.93 -4.40
CA VAL D 108 -35.42 -11.57 -3.36
C VAL D 108 -36.08 -12.84 -3.89
N GLY D 109 -36.50 -12.83 -5.15
CA GLY D 109 -37.07 -14.04 -5.72
C GLY D 109 -36.07 -15.17 -5.78
N ASP D 110 -34.84 -14.86 -6.15
CA ASP D 110 -33.78 -15.86 -6.21
C ASP D 110 -33.17 -16.17 -4.85
N GLN D 111 -33.71 -15.61 -3.77
CA GLN D 111 -33.43 -16.06 -2.42
C GLN D 111 -34.53 -16.98 -1.90
N ILE D 112 -35.79 -16.56 -2.03
CA ILE D 112 -36.91 -17.43 -1.74
C ILE D 112 -36.93 -18.65 -2.65
N ALA D 113 -36.12 -18.65 -3.71
CA ALA D 113 -35.96 -19.83 -4.54
C ALA D 113 -34.79 -20.70 -4.14
N GLU D 114 -33.66 -20.13 -3.74
CA GLU D 114 -32.58 -20.96 -3.21
C GLU D 114 -33.07 -21.72 -1.99
N ALA D 115 -33.91 -21.09 -1.18
CA ALA D 115 -34.51 -21.80 -0.05
C ALA D 115 -35.27 -23.03 -0.52
N ILE D 116 -36.07 -22.90 -1.56
CA ILE D 116 -36.86 -24.03 -2.03
C ILE D 116 -35.99 -25.12 -2.60
N GLU D 117 -34.99 -24.73 -3.41
CA GLU D 117 -34.20 -25.71 -4.13
C GLU D 117 -32.96 -26.15 -3.39
N VAL D 118 -32.90 -25.94 -2.08
CA VAL D 118 -31.93 -26.71 -1.29
C VAL D 118 -32.48 -28.06 -0.86
N HIS D 119 -33.73 -28.13 -0.38
CA HIS D 119 -34.28 -29.36 0.16
C HIS D 119 -35.12 -30.12 -0.85
N GLN D 120 -35.31 -29.59 -2.05
CA GLN D 120 -35.95 -30.30 -3.16
C GLN D 120 -35.01 -30.17 -4.36
N PRO D 121 -33.89 -30.89 -4.34
CA PRO D 121 -32.80 -30.57 -5.28
C PRO D 121 -33.19 -30.71 -6.75
N ARG D 122 -34.03 -31.68 -7.09
CA ARG D 122 -34.42 -31.90 -8.48
C ARG D 122 -35.79 -31.28 -8.73
N VAL D 123 -35.81 -29.95 -8.82
CA VAL D 123 -37.04 -29.19 -8.99
C VAL D 123 -36.99 -28.21 -10.14
N GLY D 124 -35.81 -27.78 -10.58
CA GLY D 124 -35.73 -26.85 -11.71
C GLY D 124 -35.65 -25.40 -11.27
N LYS D 125 -34.70 -24.65 -11.82
CA LYS D 125 -34.58 -23.24 -11.48
C LYS D 125 -35.70 -22.41 -12.07
N LYS D 126 -36.55 -22.97 -12.92
CA LYS D 126 -37.71 -22.26 -13.42
C LYS D 126 -38.94 -22.50 -12.56
N ALA D 127 -39.22 -23.76 -12.24
CA ALA D 127 -40.33 -24.06 -11.35
C ALA D 127 -40.08 -23.51 -9.96
N ALA D 128 -38.84 -23.54 -9.50
CA ALA D 128 -38.52 -22.98 -8.18
C ALA D 128 -38.79 -21.48 -8.16
N ARG D 129 -38.42 -20.77 -9.22
CA ARG D 129 -38.66 -19.33 -9.25
C ARG D 129 -40.14 -19.01 -9.41
N ARG D 130 -40.89 -19.82 -10.16
CA ARG D 130 -42.33 -19.60 -10.23
C ARG D 130 -42.99 -19.82 -8.88
N ARG D 131 -42.55 -20.84 -8.14
CA ARG D 131 -43.08 -21.05 -6.80
C ARG D 131 -42.67 -19.92 -5.86
N ALA D 132 -41.48 -19.38 -6.02
CA ALA D 132 -41.07 -18.24 -5.21
C ALA D 132 -41.96 -17.03 -5.46
N VAL D 133 -42.22 -16.72 -6.73
CA VAL D 133 -43.04 -15.55 -7.03
C VAL D 133 -44.48 -15.78 -6.60
N GLU D 134 -44.95 -17.03 -6.59
CA GLU D 134 -46.31 -17.27 -6.10
C GLU D 134 -46.38 -17.37 -4.58
N LEU D 135 -45.25 -17.55 -3.90
CA LEU D 135 -45.22 -17.35 -2.45
C LEU D 135 -45.25 -15.87 -2.10
N LEU D 136 -44.62 -15.04 -2.94
CA LEU D 136 -44.56 -13.61 -2.66
C LEU D 136 -45.93 -12.96 -2.64
N ASP D 137 -46.94 -13.53 -3.27
CA ASP D 137 -48.27 -12.94 -3.19
C ASP D 137 -49.12 -13.58 -2.11
N LEU D 138 -48.83 -14.83 -1.75
CA LEU D 138 -49.44 -15.42 -0.56
C LEU D 138 -49.01 -14.66 0.68
N VAL D 139 -47.77 -14.19 0.71
CA VAL D 139 -47.33 -13.34 1.80
C VAL D 139 -48.04 -12.00 1.77
N GLY D 140 -48.29 -11.47 0.57
CA GLY D 140 -49.10 -10.28 0.45
C GLY D 140 -48.40 -9.09 -0.17
N ILE D 141 -47.20 -9.30 -0.68
CA ILE D 141 -46.45 -8.22 -1.31
C ILE D 141 -47.16 -7.81 -2.59
N SER D 142 -47.16 -6.49 -2.87
CA SER D 142 -48.12 -5.89 -3.78
C SER D 142 -48.06 -6.51 -5.17
N GLN D 143 -46.93 -6.33 -5.86
CA GLN D 143 -46.78 -6.77 -7.25
C GLN D 143 -45.72 -7.86 -7.31
N PRO D 144 -46.09 -9.12 -7.06
CA PRO D 144 -45.07 -10.16 -6.95
C PRO D 144 -44.22 -10.33 -8.19
N GLN D 145 -44.79 -10.14 -9.38
CA GLN D 145 -44.07 -10.47 -10.61
C GLN D 145 -42.88 -9.55 -10.84
N ARG D 146 -43.00 -8.27 -10.52
CA ARG D 146 -41.91 -7.33 -10.71
C ARG D 146 -41.17 -6.99 -9.42
N ARG D 147 -41.75 -7.30 -8.26
CA ARG D 147 -41.00 -7.18 -7.02
C ARG D 147 -40.17 -8.42 -6.73
N SER D 148 -40.42 -9.52 -7.44
CA SER D 148 -39.55 -10.68 -7.40
C SER D 148 -38.26 -10.46 -8.15
N ARG D 149 -38.01 -9.24 -8.61
CA ARG D 149 -36.79 -8.88 -9.31
C ARG D 149 -36.06 -7.75 -8.60
N ALA D 150 -36.44 -7.44 -7.36
CA ALA D 150 -35.88 -6.33 -6.63
C ALA D 150 -34.85 -6.81 -5.63
N PHE D 151 -33.85 -6.01 -5.41
CA PHE D 151 -32.83 -6.30 -4.43
C PHE D 151 -33.26 -5.80 -3.06
N PRO D 152 -32.72 -6.37 -1.98
CA PRO D 152 -33.23 -6.03 -0.65
C PRO D 152 -33.13 -4.57 -0.27
N HIS D 153 -32.24 -3.81 -0.89
CA HIS D 153 -32.03 -2.42 -0.48
C HIS D 153 -33.14 -1.49 -0.94
N GLU D 154 -34.04 -1.93 -1.81
CA GLU D 154 -35.14 -1.12 -2.29
C GLU D 154 -36.48 -1.63 -1.78
N LEU D 155 -36.50 -2.13 -0.54
CA LEU D 155 -37.71 -2.64 0.08
C LEU D 155 -38.05 -1.79 1.29
N SER D 156 -39.35 -1.76 1.61
CA SER D 156 -39.86 -0.83 2.61
C SER D 156 -39.27 -1.09 3.99
N GLY D 157 -39.25 -2.34 4.41
CA GLY D 157 -38.85 -2.71 5.75
C GLY D 157 -39.93 -3.61 6.35
N GLY D 158 -41.18 -3.22 6.12
CA GLY D 158 -42.27 -4.14 6.33
C GLY D 158 -42.49 -5.08 5.19
N GLU D 159 -41.77 -4.90 4.08
CA GLU D 159 -41.76 -5.83 2.97
C GLU D 159 -40.61 -6.82 3.08
N ARG D 160 -39.43 -6.36 3.48
CA ARG D 160 -38.37 -7.29 3.78
C ARG D 160 -38.60 -7.97 5.12
N GLN D 161 -39.49 -7.45 5.95
CA GLN D 161 -39.97 -8.20 7.10
C GLN D 161 -40.86 -9.36 6.69
N ARG D 162 -41.41 -9.32 5.49
CA ARG D 162 -42.30 -10.35 4.97
C ARG D 162 -41.60 -11.33 4.04
N VAL D 163 -40.55 -10.88 3.38
CA VAL D 163 -39.73 -11.81 2.59
C VAL D 163 -39.14 -12.89 3.49
N VAL D 164 -38.80 -12.53 4.73
CA VAL D 164 -38.28 -13.50 5.67
C VAL D 164 -39.33 -14.55 5.99
N ILE D 165 -40.59 -14.13 6.15
CA ILE D 165 -41.67 -15.07 6.40
C ILE D 165 -41.84 -15.99 5.21
N ALA D 166 -41.75 -15.44 4.00
CA ALA D 166 -41.86 -16.26 2.80
C ALA D 166 -40.76 -17.31 2.76
N ILE D 167 -39.53 -16.90 3.06
CA ILE D 167 -38.41 -17.85 3.07
C ILE D 167 -38.65 -18.94 4.11
N ALA D 168 -39.11 -18.54 5.30
CA ALA D 168 -39.32 -19.52 6.37
C ALA D 168 -40.38 -20.54 6.00
N ILE D 169 -41.49 -20.09 5.40
CA ILE D 169 -42.57 -21.01 5.04
C ILE D 169 -42.39 -21.64 3.67
N ALA D 170 -41.27 -21.39 3.00
CA ALA D 170 -41.10 -21.85 1.62
C ALA D 170 -41.21 -23.36 1.51
N ASN D 171 -40.55 -24.09 2.40
CA ASN D 171 -40.42 -25.54 2.29
C ASN D 171 -41.45 -26.30 3.10
N ASP D 172 -42.51 -25.64 3.55
CA ASP D 172 -43.57 -26.26 4.33
C ASP D 172 -42.98 -26.91 5.57
N PRO D 173 -42.42 -26.14 6.51
CA PRO D 173 -41.74 -26.75 7.64
C PRO D 173 -42.71 -27.49 8.55
N ASP D 174 -42.19 -28.52 9.21
CA ASP D 174 -42.97 -29.26 10.19
C ASP D 174 -43.16 -28.47 11.48
N LEU D 175 -42.29 -27.50 11.74
CA LEU D 175 -42.41 -26.64 12.91
C LEU D 175 -41.72 -25.32 12.57
N LEU D 176 -42.50 -24.31 12.26
CA LEU D 176 -41.95 -22.99 12.06
C LEU D 176 -41.87 -22.28 13.40
N ILE D 177 -40.88 -21.40 13.54
CA ILE D 177 -40.61 -20.69 14.78
C ILE D 177 -40.52 -19.21 14.45
N CYS D 178 -41.44 -18.41 15.01
CA CYS D 178 -41.52 -17.00 14.72
C CYS D 178 -41.06 -16.19 15.93
N ASP D 179 -40.32 -15.13 15.67
CA ASP D 179 -39.84 -14.23 16.72
C ASP D 179 -40.25 -12.81 16.35
N ASP D 180 -41.28 -12.30 17.02
CA ASP D 180 -41.83 -10.97 16.81
C ASP D 180 -41.97 -10.70 15.30
N PRO D 181 -42.81 -11.49 14.61
CA PRO D 181 -42.92 -11.34 13.16
C PRO D 181 -43.88 -10.26 12.70
N THR D 182 -44.34 -9.38 13.59
CA THR D 182 -45.32 -8.36 13.25
C THR D 182 -44.94 -7.01 13.84
N THR D 183 -43.66 -6.64 13.76
CA THR D 183 -43.23 -5.33 14.24
C THR D 183 -43.34 -4.25 13.18
N ALA D 184 -42.78 -4.51 12.00
CA ALA D 184 -42.73 -3.53 10.94
C ALA D 184 -44.00 -3.48 10.12
N LEU D 185 -44.98 -4.31 10.43
CA LEU D 185 -46.22 -4.36 9.68
C LEU D 185 -47.26 -3.43 10.30
N ASP D 186 -48.27 -3.11 9.51
CA ASP D 186 -49.42 -2.37 9.99
C ASP D 186 -50.56 -3.35 10.24
N VAL D 187 -51.75 -2.82 10.53
CA VAL D 187 -52.83 -3.65 11.04
C VAL D 187 -53.32 -4.64 9.99
N THR D 188 -53.54 -4.17 8.76
CA THR D 188 -54.08 -5.06 7.72
C THR D 188 -53.05 -6.08 7.26
N VAL D 189 -51.81 -5.63 7.06
CA VAL D 189 -50.74 -6.53 6.65
C VAL D 189 -50.53 -7.62 7.67
N GLN D 190 -50.46 -7.23 8.96
CA GLN D 190 -50.26 -8.23 10.00
C GLN D 190 -51.49 -9.10 10.16
N ALA D 191 -52.68 -8.58 9.91
CA ALA D 191 -53.85 -9.42 9.91
C ALA D 191 -53.68 -10.56 8.93
N GLN D 192 -53.34 -10.23 7.69
CA GLN D 192 -53.25 -11.26 6.67
C GLN D 192 -52.03 -12.16 6.88
N ILE D 193 -50.97 -11.67 7.50
CA ILE D 193 -49.85 -12.53 7.87
C ILE D 193 -50.28 -13.54 8.92
N LEU D 194 -51.09 -13.11 9.89
CA LEU D 194 -51.65 -14.03 10.86
C LEU D 194 -52.55 -15.05 10.19
N ASP D 195 -53.28 -14.63 9.15
CA ASP D 195 -54.09 -15.58 8.39
C ASP D 195 -53.20 -16.62 7.71
N VAL D 196 -52.06 -16.19 7.19
CA VAL D 196 -51.12 -17.13 6.57
C VAL D 196 -50.60 -18.14 7.59
N LEU D 197 -50.24 -17.64 8.78
CA LEU D 197 -49.74 -18.53 9.83
C LEU D 197 -50.82 -19.52 10.27
N LYS D 198 -52.06 -19.05 10.39
CA LYS D 198 -53.15 -19.96 10.77
C LYS D 198 -53.42 -20.98 9.68
N ALA D 199 -53.27 -20.59 8.42
CA ALA D 199 -53.40 -21.56 7.33
C ALA D 199 -52.32 -22.61 7.42
N ALA D 200 -51.07 -22.21 7.68
CA ALA D 200 -50.00 -23.17 7.86
C ALA D 200 -50.28 -24.10 9.02
N ARG D 201 -50.81 -23.56 10.12
CA ARG D 201 -51.13 -24.36 11.29
C ARG D 201 -52.31 -25.30 11.05
N ASP D 202 -53.18 -24.99 10.09
CA ASP D 202 -54.39 -25.80 9.89
C ASP D 202 -54.27 -26.81 8.76
N VAL D 203 -53.87 -26.38 7.57
CA VAL D 203 -53.81 -27.32 6.45
C VAL D 203 -52.63 -28.27 6.60
N THR D 204 -51.49 -27.77 7.06
CA THR D 204 -50.32 -28.63 7.24
C THR D 204 -50.35 -29.32 8.60
N GLY D 205 -50.67 -28.59 9.66
CA GLY D 205 -50.61 -29.14 10.99
C GLY D 205 -49.22 -29.00 11.59
N ALA D 206 -48.73 -27.77 11.68
CA ALA D 206 -47.40 -27.48 12.20
C ALA D 206 -47.52 -26.68 13.50
N GLY D 207 -46.64 -27.00 14.45
CA GLY D 207 -46.51 -26.16 15.62
C GLY D 207 -45.86 -24.84 15.28
N VAL D 208 -46.14 -23.82 16.11
CA VAL D 208 -45.61 -22.46 15.84
C VAL D 208 -45.04 -21.88 17.14
N LEU D 209 -43.73 -21.95 17.33
CA LEU D 209 -43.12 -21.30 18.53
C LEU D 209 -43.03 -19.80 18.24
N ILE D 210 -44.11 -19.06 18.46
CA ILE D 210 -44.12 -17.61 18.07
C ILE D 210 -43.82 -16.74 19.31
N ILE D 211 -42.88 -15.80 19.17
CA ILE D 211 -42.59 -14.84 20.28
C ILE D 211 -43.24 -13.51 19.92
N THR D 212 -43.93 -12.86 20.86
CA THR D 212 -44.62 -11.62 20.53
C THR D 212 -44.30 -10.51 21.52
N HIS D 213 -44.39 -9.28 21.02
CA HIS D 213 -44.43 -8.10 21.88
C HIS D 213 -45.86 -7.61 22.11
N ASP D 214 -46.81 -8.07 21.30
CA ASP D 214 -48.21 -7.70 21.42
C ASP D 214 -48.98 -8.84 22.04
N LEU D 215 -49.85 -8.50 23.00
CA LEU D 215 -50.66 -9.50 23.68
C LEU D 215 -52.05 -9.62 23.10
N GLY D 216 -52.35 -8.89 22.03
CA GLY D 216 -53.60 -9.06 21.32
C GLY D 216 -53.49 -10.13 20.26
N VAL D 217 -52.29 -10.32 19.73
CA VAL D 217 -52.03 -11.43 18.82
C VAL D 217 -52.18 -12.75 19.56
N VAL D 218 -51.64 -12.83 20.78
CA VAL D 218 -51.67 -14.07 21.54
C VAL D 218 -53.10 -14.44 21.89
N ALA D 219 -53.91 -13.46 22.26
CA ALA D 219 -55.26 -13.75 22.74
C ALA D 219 -56.14 -14.36 21.67
N GLU D 220 -55.81 -14.16 20.39
CA GLU D 220 -56.66 -14.63 19.31
C GLU D 220 -55.98 -15.62 18.39
N PHE D 221 -54.69 -15.86 18.53
CA PHE D 221 -53.96 -16.81 17.72
C PHE D 221 -53.44 -18.00 18.51
N ALA D 222 -52.74 -17.75 19.61
CA ALA D 222 -52.05 -18.81 20.32
C ALA D 222 -53.03 -19.72 21.04
N ASP D 223 -52.51 -20.86 21.52
CA ASP D 223 -53.27 -21.86 22.25
C ASP D 223 -52.83 -21.98 23.70
N ARG D 224 -51.53 -22.06 23.96
CA ARG D 224 -50.95 -22.02 25.29
C ARG D 224 -50.10 -20.76 25.41
N ALA D 225 -49.42 -20.61 26.54
CA ALA D 225 -48.64 -19.39 26.77
C ALA D 225 -47.55 -19.63 27.78
N LEU D 226 -46.41 -18.99 27.58
CA LEU D 226 -45.23 -19.13 28.44
C LEU D 226 -44.69 -17.74 28.76
N VAL D 227 -44.79 -17.34 30.03
CA VAL D 227 -44.33 -16.03 30.45
C VAL D 227 -42.91 -16.16 30.98
N MET D 228 -41.99 -15.40 30.41
CA MET D 228 -40.57 -15.54 30.68
C MET D 228 -40.06 -14.29 31.38
N TYR D 229 -39.42 -14.47 32.53
CA TYR D 229 -38.76 -13.37 33.23
C TYR D 229 -37.40 -13.84 33.72
N ALA D 230 -36.34 -13.25 33.16
CA ALA D 230 -34.97 -13.43 33.64
C ALA D 230 -34.45 -14.84 33.42
N GLY D 231 -34.82 -15.47 32.31
CA GLY D 231 -34.30 -16.76 31.97
C GLY D 231 -35.01 -17.94 32.59
N ARG D 232 -36.21 -17.74 33.12
CA ARG D 232 -37.03 -18.86 33.58
C ARG D 232 -38.44 -18.67 33.05
N VAL D 233 -39.10 -19.79 32.73
CA VAL D 233 -40.54 -19.66 32.34
C VAL D 233 -41.32 -19.31 33.62
N VAL D 234 -41.72 -18.05 33.76
CA VAL D 234 -42.40 -17.58 35.01
C VAL D 234 -43.77 -18.29 35.18
N GLU D 235 -44.53 -18.47 34.09
CA GLU D 235 -45.90 -19.04 34.23
C GLU D 235 -46.28 -19.81 32.97
N SER D 236 -47.17 -20.81 33.11
CA SER D 236 -47.61 -21.59 31.96
C SER D 236 -49.09 -21.88 32.10
N ALA D 237 -49.88 -21.40 31.15
CA ALA D 237 -51.32 -21.64 31.18
C ALA D 237 -51.87 -21.47 29.78
N GLY D 238 -53.06 -22.03 29.57
CA GLY D 238 -53.78 -21.72 28.35
C GLY D 238 -54.17 -20.25 28.29
N VAL D 239 -54.37 -19.76 27.07
CA VAL D 239 -54.68 -18.35 26.90
C VAL D 239 -55.93 -17.98 27.69
N ASN D 240 -56.93 -18.85 27.68
CA ASN D 240 -58.14 -18.61 28.47
C ASN D 240 -57.85 -18.57 29.96
N ASP D 241 -56.82 -19.29 30.42
CA ASP D 241 -56.46 -19.27 31.84
C ASP D 241 -55.59 -18.07 32.17
N LEU D 242 -54.53 -17.85 31.38
CA LEU D 242 -53.65 -16.73 31.60
C LEU D 242 -54.42 -15.43 31.63
N TYR D 243 -55.28 -15.22 30.65
CA TYR D 243 -56.25 -14.14 30.76
C TYR D 243 -57.29 -14.54 31.80
N ARG D 244 -57.78 -13.54 32.53
CA ARG D 244 -58.78 -13.69 33.58
C ARG D 244 -58.40 -14.70 34.67
N ASP D 245 -57.17 -15.21 34.66
CA ASP D 245 -56.63 -15.93 35.82
C ASP D 245 -55.15 -15.65 36.01
N ARG D 246 -54.77 -14.37 36.02
CA ARG D 246 -53.35 -13.99 35.96
C ARG D 246 -52.49 -14.78 36.94
N ARG D 247 -52.94 -14.88 38.19
CA ARG D 247 -52.40 -15.83 39.17
C ARG D 247 -50.98 -15.53 39.67
N MET D 248 -50.33 -14.48 39.14
CA MET D 248 -48.99 -14.16 39.65
C MET D 248 -48.64 -12.71 39.40
N PRO D 249 -47.95 -12.01 40.32
CA PRO D 249 -47.77 -10.56 40.18
C PRO D 249 -47.15 -10.08 38.88
N TYR D 250 -46.15 -10.77 38.34
CA TYR D 250 -45.52 -10.27 37.12
C TYR D 250 -46.48 -10.32 35.94
N THR D 251 -47.18 -11.44 35.77
CA THR D 251 -48.18 -11.50 34.71
C THR D 251 -49.36 -10.60 35.02
N VAL D 252 -49.63 -10.34 36.31
CA VAL D 252 -50.67 -9.39 36.67
C VAL D 252 -50.35 -8.02 36.09
N GLY D 253 -49.15 -7.54 36.33
CA GLY D 253 -48.76 -6.24 35.80
C GLY D 253 -48.41 -6.25 34.34
N LEU D 254 -48.21 -7.43 33.75
CA LEU D 254 -48.00 -7.53 32.31
C LEU D 254 -49.32 -7.48 31.56
N LEU D 255 -50.37 -8.04 32.11
CA LEU D 255 -51.68 -8.01 31.48
C LEU D 255 -52.48 -6.79 31.85
N GLY D 256 -52.17 -6.13 32.95
CA GLY D 256 -52.84 -4.89 33.27
C GLY D 256 -52.29 -3.67 32.59
N SER D 257 -51.25 -3.83 31.77
CA SER D 257 -50.64 -2.73 31.04
C SER D 257 -50.79 -2.90 29.55
N VAL D 258 -51.91 -3.46 29.10
CA VAL D 258 -52.19 -3.61 27.67
C VAL D 258 -53.25 -2.60 27.28
N PRO D 259 -53.10 -1.93 26.14
CA PRO D 259 -54.11 -0.97 25.71
C PRO D 259 -55.27 -1.65 25.00
N ARG D 260 -56.48 -1.22 25.33
CA ARG D 260 -57.69 -1.81 24.80
C ARG D 260 -58.44 -0.81 23.95
N LEU D 261 -59.18 -1.32 22.96
CA LEU D 261 -59.94 -0.50 22.03
C LEU D 261 -61.29 -0.07 22.58
N ASP D 262 -61.67 -0.53 23.77
CA ASP D 262 -62.92 -0.12 24.39
C ASP D 262 -62.69 0.77 25.61
N ALA D 263 -61.45 1.19 25.85
CA ALA D 263 -61.16 2.07 26.96
C ALA D 263 -61.67 3.48 26.68
N ALA D 264 -61.89 4.24 27.75
CA ALA D 264 -62.29 5.62 27.62
C ALA D 264 -61.09 6.43 27.14
N GLN D 265 -61.24 7.75 27.06
CA GLN D 265 -60.17 8.58 26.53
C GLN D 265 -58.89 8.42 27.33
N GLY D 266 -58.88 8.85 28.58
CA GLY D 266 -57.63 9.00 29.31
C GLY D 266 -57.46 8.05 30.46
N THR D 267 -57.86 6.80 30.28
CA THR D 267 -57.61 5.80 31.30
C THR D 267 -56.15 5.41 31.29
N ARG D 268 -55.57 5.26 32.49
CA ARG D 268 -54.15 5.04 32.65
C ARG D 268 -53.87 3.55 32.85
N LEU D 269 -52.93 3.01 32.09
CA LEU D 269 -52.53 1.63 32.27
C LEU D 269 -51.70 1.48 33.53
N VAL D 270 -51.38 0.24 33.88
CA VAL D 270 -50.65 -0.09 35.09
C VAL D 270 -49.31 -0.69 34.70
N PRO D 271 -48.26 0.10 34.64
CA PRO D 271 -46.95 -0.44 34.34
C PRO D 271 -46.28 -0.99 35.58
N ILE D 272 -45.39 -1.96 35.36
CA ILE D 272 -44.56 -2.47 36.44
C ILE D 272 -43.39 -1.51 36.61
N PRO D 273 -43.19 -0.96 37.80
CA PRO D 273 -42.17 0.08 37.96
C PRO D 273 -40.79 -0.47 38.27
N GLY D 274 -39.79 -0.05 37.51
CA GLY D 274 -38.41 -0.44 37.71
C GLY D 274 -37.77 -0.83 36.41
N ALA D 275 -36.69 -1.61 36.51
CA ALA D 275 -36.00 -2.13 35.35
C ALA D 275 -35.63 -3.59 35.60
N PRO D 276 -35.56 -4.40 34.55
CA PRO D 276 -35.26 -5.82 34.71
C PRO D 276 -33.83 -6.02 35.17
N PRO D 277 -33.53 -7.15 35.81
CA PRO D 277 -32.15 -7.39 36.30
C PRO D 277 -31.14 -7.52 35.19
N SER D 278 -29.87 -7.68 35.55
CA SER D 278 -28.79 -7.66 34.58
C SER D 278 -28.45 -9.01 33.97
N LEU D 279 -28.91 -10.10 34.59
CA LEU D 279 -28.61 -11.48 34.17
C LEU D 279 -27.14 -11.82 34.25
N ALA D 280 -26.31 -10.92 34.79
CA ALA D 280 -24.91 -11.20 35.09
C ALA D 280 -24.67 -11.39 36.57
N GLY D 281 -25.12 -10.45 37.41
CA GLY D 281 -25.01 -10.60 38.84
C GLY D 281 -26.05 -11.53 39.42
N LEU D 282 -27.32 -11.12 39.34
CA LEU D 282 -28.46 -11.98 39.67
C LEU D 282 -28.39 -12.49 41.12
N ALA D 283 -28.57 -11.54 42.05
CA ALA D 283 -28.67 -11.82 43.47
C ALA D 283 -29.66 -12.94 43.77
N PRO D 284 -29.53 -13.63 44.90
CA PRO D 284 -30.43 -14.76 45.17
C PRO D 284 -31.83 -14.28 45.54
N GLY D 285 -32.76 -15.24 45.52
CA GLY D 285 -34.17 -14.96 45.74
C GLY D 285 -34.90 -14.85 44.43
N CYS D 286 -36.20 -14.56 44.52
CA CYS D 286 -37.02 -14.40 43.33
C CYS D 286 -36.53 -13.17 42.58
N PRO D 287 -36.31 -13.31 41.27
CA PRO D 287 -35.79 -12.16 40.49
C PRO D 287 -36.72 -10.98 40.48
N PHE D 288 -38.01 -11.18 40.72
CA PHE D 288 -38.97 -10.08 40.74
C PHE D 288 -39.02 -9.38 42.08
N ALA D 289 -38.28 -9.86 43.07
CA ALA D 289 -38.31 -9.23 44.39
C ALA D 289 -37.99 -7.74 44.38
N PRO D 290 -37.04 -7.24 43.57
CA PRO D 290 -36.86 -5.79 43.51
C PRO D 290 -38.11 -5.02 43.15
N ARG D 291 -38.93 -5.52 42.24
CA ARG D 291 -40.09 -4.80 41.74
C ARG D 291 -41.41 -5.35 42.22
N CYS D 292 -41.41 -6.46 42.93
CA CYS D 292 -42.71 -7.03 43.31
C CYS D 292 -43.40 -6.31 44.45
N PRO D 293 -44.67 -5.95 44.23
CA PRO D 293 -45.41 -5.26 45.29
C PRO D 293 -45.82 -6.14 46.45
N LEU D 294 -45.58 -7.44 46.36
CA LEU D 294 -45.96 -8.36 47.43
C LEU D 294 -44.76 -9.12 47.98
N VAL D 295 -43.58 -8.53 47.83
CA VAL D 295 -42.36 -9.17 48.31
C VAL D 295 -42.36 -9.30 49.83
N ILE D 296 -41.95 -10.47 50.32
CA ILE D 296 -41.84 -10.75 51.74
C ILE D 296 -40.43 -11.27 52.00
N ASP D 297 -39.97 -11.21 53.25
CA ASP D 297 -38.63 -11.69 53.52
C ASP D 297 -38.43 -13.15 53.14
N GLU D 298 -39.51 -13.88 52.83
CA GLU D 298 -39.38 -15.26 52.36
C GLU D 298 -39.13 -15.37 50.87
N CYS D 299 -39.47 -14.32 50.16
CA CYS D 299 -39.30 -14.26 48.72
C CYS D 299 -37.86 -14.01 48.30
N LEU D 300 -36.96 -14.05 49.29
CA LEU D 300 -35.54 -13.83 49.07
C LEU D 300 -34.67 -14.95 49.60
N THR D 301 -35.26 -16.00 50.19
CA THR D 301 -34.47 -17.14 50.64
C THR D 301 -34.05 -18.04 49.49
N ALA D 302 -34.89 -18.18 48.47
CA ALA D 302 -34.53 -18.97 47.31
C ALA D 302 -35.45 -18.60 46.16
N GLU D 303 -35.03 -18.96 44.96
CA GLU D 303 -35.88 -18.79 43.78
C GLU D 303 -37.00 -19.80 43.83
N PRO D 304 -38.26 -19.38 43.77
CA PRO D 304 -39.36 -20.35 43.70
C PRO D 304 -39.36 -21.08 42.38
N GLU D 305 -39.97 -22.25 42.38
CA GLU D 305 -40.04 -23.10 41.20
C GLU D 305 -41.51 -23.34 40.85
N LEU D 306 -41.74 -23.74 39.61
CA LEU D 306 -43.11 -23.79 39.08
C LEU D 306 -43.87 -24.92 39.74
N LEU D 307 -44.86 -24.57 40.55
CA LEU D 307 -45.77 -25.52 41.15
C LEU D 307 -47.16 -25.33 40.59
N ASP D 308 -48.03 -26.29 40.84
CA ASP D 308 -49.36 -26.31 40.27
C ASP D 308 -50.34 -25.68 41.23
N VAL D 309 -51.04 -24.65 40.75
CA VAL D 309 -52.10 -24.02 41.53
C VAL D 309 -53.49 -24.33 40.96
N ALA D 310 -53.58 -24.72 39.70
CA ALA D 310 -54.84 -25.11 39.10
C ALA D 310 -54.57 -26.33 38.21
N THR D 311 -55.53 -26.65 37.35
CA THR D 311 -55.35 -27.70 36.36
C THR D 311 -54.70 -27.12 35.14
N ASP D 312 -53.50 -27.60 34.80
CA ASP D 312 -52.72 -27.11 33.67
C ASP D 312 -52.44 -25.61 33.81
N HIS D 313 -51.85 -25.25 34.96
CA HIS D 313 -51.56 -23.86 35.26
C HIS D 313 -50.52 -23.81 36.36
N ARG D 314 -49.36 -23.24 36.04
CA ARG D 314 -48.23 -23.22 36.97
C ARG D 314 -47.68 -21.81 37.07
N ALA D 315 -47.27 -21.42 38.27
CA ALA D 315 -46.69 -20.11 38.53
C ALA D 315 -45.49 -20.27 39.46
N ALA D 316 -44.43 -19.52 39.18
CA ALA D 316 -43.24 -19.51 40.02
C ALA D 316 -43.38 -18.45 41.11
N CYS D 317 -44.27 -18.74 42.05
CA CYS D 317 -44.54 -17.84 43.15
C CYS D 317 -44.94 -18.64 44.37
N ILE D 318 -44.71 -18.06 45.54
CA ILE D 318 -45.03 -18.71 46.80
C ILE D 318 -46.32 -18.17 47.39
N ARG D 319 -46.53 -16.86 47.31
CA ARG D 319 -47.75 -16.25 47.83
C ARG D 319 -48.72 -15.99 46.68
N THR D 320 -49.00 -17.02 45.89
CA THR D 320 -49.91 -16.89 44.76
C THR D 320 -51.36 -17.07 45.15
N GLU D 321 -51.64 -17.22 46.45
CA GLU D 321 -53.01 -17.28 46.94
C GLU D 321 -53.58 -15.91 47.25
N LEU D 322 -52.77 -14.86 47.14
CA LEU D 322 -53.24 -13.48 47.30
C LEU D 322 -53.42 -12.77 45.97
N VAL D 323 -53.31 -13.48 44.86
CA VAL D 323 -53.46 -12.87 43.56
C VAL D 323 -54.78 -13.22 42.89
N THR D 324 -55.40 -14.34 43.25
CA THR D 324 -56.63 -14.77 42.61
C THR D 324 -57.73 -13.73 42.77
N GLY D 325 -58.46 -13.49 41.69
CA GLY D 325 -59.61 -12.60 41.74
C GLY D 325 -59.29 -11.12 41.61
N ARG D 326 -58.26 -10.67 42.32
CA ARG D 326 -57.95 -9.25 42.38
C ARG D 326 -57.36 -8.77 41.07
N SER D 327 -57.49 -7.46 40.84
CA SER D 327 -57.08 -6.83 39.59
C SER D 327 -55.76 -6.12 39.75
N ALA D 328 -55.15 -5.74 38.63
CA ALA D 328 -53.86 -5.10 38.65
C ALA D 328 -53.89 -3.79 39.43
N ALA D 329 -54.98 -3.04 39.31
CA ALA D 329 -55.11 -1.80 40.05
C ALA D 329 -55.16 -2.04 41.56
N ASP D 330 -55.50 -3.25 42.00
CA ASP D 330 -55.41 -3.57 43.41
C ASP D 330 -54.01 -4.09 43.77
N ILE D 331 -53.50 -5.05 43.01
CA ILE D 331 -52.22 -5.65 43.37
C ILE D 331 -51.14 -4.59 43.40
N TYR D 332 -51.13 -3.68 42.44
CA TYR D 332 -50.10 -2.65 42.38
C TYR D 332 -50.51 -1.39 43.11
N ARG D 333 -51.74 -1.30 43.60
CA ARG D 333 -52.21 -0.20 44.44
C ARG D 333 -52.07 1.14 43.72
N VAL D 334 -52.72 1.24 42.56
CA VAL D 334 -52.78 2.47 41.79
C VAL D 334 -54.23 2.69 41.35
N LYS D 335 -54.45 3.77 40.61
CA LYS D 335 -55.77 4.09 40.09
C LYS D 335 -55.70 4.26 38.58
N THR D 336 -56.69 3.70 37.89
CA THR D 336 -56.80 3.75 36.43
C THR D 336 -58.11 4.46 36.09
N GLU D 337 -58.05 5.79 36.01
CA GLU D 337 -59.23 6.60 35.74
C GLU D 337 -58.82 7.66 34.71
N ALA D 338 -59.76 8.54 34.37
CA ALA D 338 -59.49 9.63 33.42
C ALA D 338 -60.00 10.95 33.99
N ARG D 339 -59.21 11.56 34.89
CA ARG D 339 -59.57 12.88 35.39
C ARG D 339 -59.57 13.93 34.29
N PRO D 340 -58.52 14.07 33.45
CA PRO D 340 -58.58 14.99 32.31
C PRO D 340 -59.10 14.30 31.05
N ALA D 341 -60.40 14.00 31.05
CA ALA D 341 -61.01 13.37 29.88
C ALA D 341 -60.76 14.20 28.62
N ALA D 342 -60.93 15.51 28.72
CA ALA D 342 -60.59 16.42 27.64
C ALA D 342 -60.22 17.78 28.25
N LEU D 343 -59.17 18.40 27.72
CA LEU D 343 -58.72 19.72 28.17
C LEU D 343 -59.50 20.78 27.39
N GLY D 344 -60.71 21.07 27.87
CA GLY D 344 -61.58 22.01 27.21
C GLY D 344 -60.95 23.35 26.88
N ASP D 345 -60.86 23.67 25.60
CA ASP D 345 -60.25 24.92 25.15
C ASP D 345 -60.60 25.14 23.67
N ALA D 346 -60.51 26.39 23.25
CA ALA D 346 -60.79 26.77 21.87
C ALA D 346 -59.57 27.32 21.14
N SER D 347 -58.39 27.20 21.71
CA SER D 347 -57.19 27.79 21.12
C SER D 347 -56.67 26.85 20.04
N VAL D 348 -57.02 27.11 18.79
CA VAL D 348 -56.42 26.34 17.70
C VAL D 348 -54.93 26.62 17.66
N VAL D 349 -54.14 25.55 17.65
CA VAL D 349 -52.69 25.69 17.60
C VAL D 349 -52.12 25.25 16.26
N VAL D 350 -52.77 24.33 15.56
CA VAL D 350 -52.35 23.89 14.25
C VAL D 350 -53.59 23.83 13.38
N ARG D 351 -53.53 24.41 12.18
CA ARG D 351 -54.66 24.36 11.26
C ARG D 351 -54.12 24.22 9.86
N VAL D 352 -54.37 23.08 9.23
CA VAL D 352 -53.95 22.79 7.87
C VAL D 352 -55.16 22.94 6.97
N ARG D 353 -54.94 23.47 5.76
CA ARG D 353 -56.01 23.65 4.79
C ARG D 353 -55.56 23.18 3.41
N HIS D 354 -56.14 22.08 2.95
CA HIS D 354 -55.94 21.59 1.58
C HIS D 354 -54.47 21.37 1.24
N LEU D 355 -53.73 20.78 2.16
CA LEU D 355 -52.31 20.57 1.94
C LEU D 355 -52.07 19.63 0.78
N VAL D 356 -51.10 19.98 -0.08
CA VAL D 356 -50.67 19.13 -1.18
C VAL D 356 -49.16 19.04 -1.16
N LYS D 357 -48.64 17.85 -1.43
CA LYS D 357 -47.20 17.64 -1.49
C LYS D 357 -46.91 16.50 -2.45
N THR D 358 -45.89 16.68 -3.28
CA THR D 358 -45.51 15.73 -4.32
C THR D 358 -44.00 15.66 -4.43
N TYR D 359 -43.48 14.47 -4.65
CA TYR D 359 -42.06 14.27 -4.92
C TYR D 359 -41.87 13.96 -6.41
N ARG D 360 -40.85 14.56 -7.00
CA ARG D 360 -40.52 14.27 -8.39
C ARG D 360 -39.82 12.92 -8.44
N LEU D 361 -40.51 11.93 -9.00
CA LEU D 361 -40.05 10.54 -8.92
C LEU D 361 -38.74 10.35 -9.67
N ALA D 362 -37.92 9.44 -9.16
CA ALA D 362 -36.63 9.12 -9.76
C ALA D 362 -36.45 7.61 -9.81
N LYS D 363 -36.20 7.07 -11.00
CA LYS D 363 -35.93 5.65 -11.20
C LYS D 363 -34.62 5.38 -11.93
N GLY D 364 -34.27 6.17 -12.94
CA GLY D 364 -33.08 5.97 -13.74
C GLY D 364 -31.85 6.63 -13.15
N VAL D 365 -30.84 6.78 -14.00
CA VAL D 365 -29.54 7.26 -13.53
C VAL D 365 -29.07 8.48 -14.33
N VAL D 366 -29.01 8.36 -15.66
CA VAL D 366 -28.33 9.34 -16.48
C VAL D 366 -29.32 10.04 -17.42
N LEU D 367 -30.01 9.27 -18.25
CA LEU D 367 -30.93 9.81 -19.25
C LEU D 367 -32.30 9.15 -19.10
N ARG D 368 -32.81 9.11 -17.87
CA ARG D 368 -34.08 8.45 -17.60
C ARG D 368 -35.23 9.16 -18.31
N ARG D 369 -36.09 8.37 -18.94
CA ARG D 369 -37.34 8.87 -19.51
C ARG D 369 -38.38 8.88 -18.39
N ALA D 370 -38.27 9.90 -17.52
CA ALA D 370 -39.08 9.95 -16.31
C ALA D 370 -40.56 10.01 -16.64
N ILE D 371 -41.34 9.17 -15.97
CA ILE D 371 -42.80 9.14 -16.12
C ILE D 371 -43.43 9.02 -14.75
N GLY D 372 -44.44 9.84 -14.49
CA GLY D 372 -45.20 9.75 -13.26
C GLY D 372 -44.46 10.34 -12.07
N GLU D 373 -45.22 10.50 -10.98
CA GLU D 373 -44.67 10.98 -9.73
C GLU D 373 -45.61 10.57 -8.60
N VAL D 374 -45.06 10.54 -7.38
CA VAL D 374 -45.87 10.20 -6.22
C VAL D 374 -46.56 11.44 -5.71
N ARG D 375 -47.86 11.34 -5.48
CA ARG D 375 -48.63 12.42 -4.86
C ARG D 375 -48.86 11.99 -3.42
N ALA D 376 -47.89 12.32 -2.56
CA ALA D 376 -47.91 11.83 -1.19
C ALA D 376 -49.11 12.38 -0.43
N VAL D 377 -49.41 13.65 -0.60
CA VAL D 377 -50.57 14.27 0.04
C VAL D 377 -51.45 14.86 -1.05
N ASP D 378 -52.75 14.96 -0.78
CA ASP D 378 -53.67 15.34 -1.84
C ASP D 378 -54.80 16.26 -1.39
N GLY D 379 -54.63 17.03 -0.31
CA GLY D 379 -55.68 17.96 0.05
C GLY D 379 -56.34 17.76 1.40
N ILE D 380 -55.56 17.30 2.39
CA ILE D 380 -56.07 17.07 3.73
C ILE D 380 -56.16 18.39 4.51
N SER D 381 -56.89 18.37 5.62
CA SER D 381 -57.07 19.56 6.45
C SER D 381 -57.23 19.11 7.90
N LEU D 382 -56.27 19.47 8.74
CA LEU D 382 -56.22 19.05 10.13
C LEU D 382 -56.48 20.24 11.03
N GLU D 383 -56.48 19.98 12.34
CA GLU D 383 -56.81 21.02 13.31
C GLU D 383 -56.61 20.50 14.73
N LEU D 384 -56.09 21.37 15.60
CA LEU D 384 -55.74 21.03 16.98
C LEU D 384 -56.25 22.11 17.92
N ARG D 385 -56.31 21.80 19.22
CA ARG D 385 -56.92 22.72 20.19
C ARG D 385 -56.12 22.83 21.48
N GLN D 386 -54.81 22.92 21.38
CA GLN D 386 -53.97 23.45 22.45
C GLN D 386 -53.83 22.54 23.65
N GLY D 387 -54.72 21.57 23.78
CA GLY D 387 -54.69 20.76 24.97
C GLY D 387 -55.10 19.35 24.66
N ARG D 388 -55.10 19.00 23.38
CA ARG D 388 -55.63 17.72 22.97
C ARG D 388 -54.80 17.13 21.85
N THR D 389 -54.96 15.81 21.70
CA THR D 389 -54.22 14.99 20.76
C THR D 389 -55.07 14.72 19.54
N LEU D 390 -54.43 14.69 18.38
CA LEU D 390 -55.06 14.29 17.13
C LEU D 390 -54.34 13.06 16.61
N GLY D 391 -55.04 11.93 16.56
CA GLY D 391 -54.45 10.69 16.13
C GLY D 391 -54.64 10.47 14.64
N ILE D 392 -53.56 10.14 13.95
CA ILE D 392 -53.57 9.90 12.52
C ILE D 392 -53.19 8.45 12.28
N VAL D 393 -54.08 7.70 11.64
CA VAL D 393 -53.89 6.28 11.42
C VAL D 393 -54.08 5.96 9.95
N GLY D 394 -53.37 4.95 9.49
CA GLY D 394 -53.51 4.53 8.12
C GLY D 394 -52.76 3.24 7.88
N GLU D 395 -52.47 2.96 6.61
CA GLU D 395 -51.61 1.87 6.22
C GLU D 395 -50.33 2.43 5.63
N SER D 396 -49.33 1.57 5.47
CA SER D 396 -48.05 2.04 4.96
C SER D 396 -48.23 2.67 3.59
N GLY D 397 -47.64 3.85 3.42
CA GLY D 397 -47.77 4.61 2.19
C GLY D 397 -48.84 5.67 2.22
N SER D 398 -49.57 5.81 3.33
CA SER D 398 -50.69 6.73 3.38
C SER D 398 -50.25 8.17 3.18
N GLY D 399 -49.19 8.57 3.91
CA GLY D 399 -48.66 9.96 3.78
C GLY D 399 -48.61 10.68 5.12
N LYS D 400 -48.87 9.96 6.22
CA LYS D 400 -48.91 10.59 7.57
C LYS D 400 -47.57 11.29 7.87
N SER D 401 -46.45 10.58 7.69
CA SER D 401 -45.12 11.16 8.01
C SER D 401 -44.85 12.39 7.14
N THR D 402 -45.22 12.32 5.86
CA THR D 402 -45.04 13.48 4.94
C THR D 402 -45.78 14.68 5.53
N THR D 403 -47.04 14.50 5.92
CA THR D 403 -47.84 15.61 6.49
C THR D 403 -47.17 16.13 7.77
N LEU D 404 -46.71 15.22 8.63
CA LEU D 404 -46.03 15.62 9.89
C LEU D 404 -44.85 16.53 9.56
N HIS D 405 -44.03 16.14 8.59
CA HIS D 405 -42.83 16.95 8.22
C HIS D 405 -43.27 18.29 7.62
N GLU D 406 -44.32 18.28 6.79
CA GLU D 406 -44.81 19.53 6.17
C GLU D 406 -45.01 20.60 7.25
N ILE D 407 -45.74 20.30 8.32
CA ILE D 407 -46.00 21.27 9.37
C ILE D 407 -44.71 21.68 10.04
N LEU D 408 -43.71 20.79 10.07
CA LEU D 408 -42.48 21.11 10.80
C LEU D 408 -41.47 21.96 10.03
N GLU D 409 -41.59 22.11 8.72
CA GLU D 409 -40.67 22.99 8.03
C GLU D 409 -41.00 24.46 8.24
N LEU D 410 -42.18 24.77 8.77
CA LEU D 410 -42.64 26.12 9.07
C LEU D 410 -42.63 27.02 7.84
N ALA D 411 -42.48 26.46 6.65
CA ALA D 411 -42.43 27.22 5.41
C ALA D 411 -43.71 27.01 4.62
N ALA D 412 -43.98 27.93 3.71
CA ALA D 412 -45.19 27.86 2.91
C ALA D 412 -45.17 26.59 2.05
N PRO D 413 -46.30 25.90 1.92
CA PRO D 413 -46.30 24.63 1.18
C PRO D 413 -46.52 24.82 -0.32
N GLN D 414 -46.58 23.72 -1.06
CA GLN D 414 -46.91 23.80 -2.49
C GLN D 414 -48.33 24.32 -2.67
N SER D 415 -49.25 23.91 -1.81
CA SER D 415 -50.59 24.49 -1.77
C SER D 415 -51.18 24.24 -0.39
N GLY D 416 -51.77 25.27 0.19
CA GLY D 416 -52.36 25.17 1.52
C GLY D 416 -52.00 26.35 2.39
N SER D 417 -52.50 26.30 3.63
CA SER D 417 -52.34 27.41 4.56
C SER D 417 -52.27 26.85 5.98
N ILE D 418 -51.06 26.64 6.47
CA ILE D 418 -50.84 26.13 7.81
C ILE D 418 -50.64 27.30 8.76
N GLU D 419 -51.11 27.15 9.99
CA GLU D 419 -51.29 28.26 10.93
C GLU D 419 -50.71 27.93 12.30
N VAL D 420 -49.46 27.47 12.33
CA VAL D 420 -48.79 27.07 13.57
C VAL D 420 -48.90 28.16 14.62
N LEU D 421 -49.43 27.80 15.79
CA LEU D 421 -49.56 28.69 16.95
C LEU D 421 -50.33 29.97 16.63
N GLY D 422 -51.14 29.97 15.59
CA GLY D 422 -51.96 31.13 15.30
C GLY D 422 -51.72 31.80 13.96
N THR D 423 -50.46 31.92 13.55
CA THR D 423 -50.09 32.68 12.37
C THR D 423 -49.82 31.77 11.19
N ASP D 424 -50.38 32.14 10.03
CA ASP D 424 -49.99 31.53 8.77
C ASP D 424 -48.48 31.65 8.60
N VAL D 425 -47.82 30.56 8.26
CA VAL D 425 -46.36 30.58 8.16
C VAL D 425 -46.04 31.01 6.74
N ALA D 426 -46.19 32.32 6.51
CA ALA D 426 -45.72 32.96 5.30
C ALA D 426 -45.08 34.31 5.57
N THR D 427 -45.30 34.90 6.74
CA THR D 427 -44.62 36.09 7.17
C THR D 427 -43.34 35.79 7.93
N LEU D 428 -43.17 34.55 8.39
CA LEU D 428 -42.01 34.12 9.14
C LEU D 428 -41.08 33.34 8.22
N GLY D 429 -39.86 33.85 8.03
CA GLY D 429 -38.76 33.08 7.45
C GLY D 429 -37.92 32.46 8.55
N THR D 430 -36.67 32.13 8.22
CA THR D 430 -35.89 31.26 9.11
C THR D 430 -35.70 31.87 10.49
N ALA D 431 -35.37 33.17 10.57
CA ALA D 431 -35.08 33.77 11.87
C ALA D 431 -36.35 33.97 12.69
N GLU D 432 -37.45 34.36 12.04
CA GLU D 432 -38.73 34.43 12.73
C GLU D 432 -39.22 33.04 13.13
N ARG D 433 -39.01 32.05 12.27
CA ARG D 433 -39.37 30.67 12.60
C ARG D 433 -38.48 30.09 13.69
N ARG D 434 -37.31 30.68 13.91
CA ARG D 434 -36.42 30.19 14.96
C ARG D 434 -37.01 30.38 16.34
N SER D 435 -37.62 31.53 16.61
CA SER D 435 -38.24 31.75 17.91
C SER D 435 -39.47 30.87 18.12
N LEU D 436 -40.10 30.43 17.04
CA LEU D 436 -41.24 29.52 17.09
C LEU D 436 -40.82 28.06 17.09
N ARG D 437 -39.53 27.78 16.94
CA ARG D 437 -39.05 26.41 16.95
C ARG D 437 -38.72 25.85 18.32
N ARG D 438 -38.96 26.60 19.41
CA ARG D 438 -38.74 26.06 20.75
C ARG D 438 -40.03 25.65 21.42
N ASP D 439 -41.16 25.71 20.73
CA ASP D 439 -42.42 25.22 21.26
C ASP D 439 -43.17 24.36 20.25
N ILE D 440 -42.45 23.78 19.29
CA ILE D 440 -43.00 22.73 18.46
C ILE D 440 -41.87 21.78 18.06
N GLN D 441 -41.95 20.52 18.51
CA GLN D 441 -40.86 19.58 18.29
C GLN D 441 -41.37 18.26 17.70
N VAL D 442 -40.49 17.26 17.58
CA VAL D 442 -40.92 16.02 16.88
C VAL D 442 -40.16 14.79 17.38
N VAL D 443 -40.83 13.63 17.43
CA VAL D 443 -40.14 12.36 17.78
C VAL D 443 -40.05 11.56 16.49
N PHE D 444 -38.84 11.42 15.92
CA PHE D 444 -38.68 10.74 14.60
C PHE D 444 -39.16 9.29 14.68
N GLN D 445 -39.70 8.77 13.57
CA GLN D 445 -40.25 7.39 13.54
C GLN D 445 -39.12 6.37 13.77
N ASP D 446 -38.02 6.50 13.03
CA ASP D 446 -36.89 5.54 13.15
C ASP D 446 -35.83 6.11 14.10
N PRO D 447 -35.68 5.56 15.33
CA PRO D 447 -34.72 6.11 16.29
C PRO D 447 -33.28 6.00 15.83
N VAL D 448 -32.97 5.08 14.92
CA VAL D 448 -31.59 4.81 14.56
C VAL D 448 -30.98 5.98 13.80
N ALA D 449 -31.67 6.46 12.76
CA ALA D 449 -31.07 7.48 11.90
C ALA D 449 -31.13 8.87 12.51
N SER D 450 -32.16 9.17 13.29
CA SER D 450 -32.32 10.52 13.82
C SER D 450 -31.32 10.87 14.90
N LEU D 451 -30.54 9.90 15.39
CA LEU D 451 -29.55 10.13 16.43
C LEU D 451 -28.16 10.04 15.82
N ASP D 452 -27.33 11.04 16.09
CA ASP D 452 -25.96 11.05 15.60
C ASP D 452 -25.20 9.89 16.22
N PRO D 453 -24.64 8.98 15.43
CA PRO D 453 -24.04 7.77 16.01
C PRO D 453 -22.71 7.98 16.71
N ARG D 454 -22.20 9.21 16.80
CA ARG D 454 -20.93 9.43 17.49
C ARG D 454 -21.04 10.57 18.49
N LEU D 455 -22.18 10.66 19.16
CA LEU D 455 -22.32 11.51 20.32
C LEU D 455 -22.87 10.67 21.47
N PRO D 456 -22.35 10.83 22.67
CA PRO D 456 -22.92 10.12 23.82
C PRO D 456 -24.33 10.61 24.13
N VAL D 457 -25.01 9.85 24.98
CA VAL D 457 -26.42 10.12 25.25
C VAL D 457 -26.61 11.51 25.85
N PHE D 458 -25.69 11.93 26.71
CA PHE D 458 -25.80 13.26 27.31
C PHE D 458 -25.75 14.35 26.24
N ASP D 459 -24.87 14.19 25.25
CA ASP D 459 -24.77 15.18 24.19
C ASP D 459 -26.00 15.15 23.30
N LEU D 460 -26.56 13.96 23.04
CA LEU D 460 -27.74 13.87 22.20
C LEU D 460 -28.95 14.52 22.87
N ILE D 461 -29.21 14.16 24.13
CA ILE D 461 -30.38 14.67 24.81
C ILE D 461 -30.27 16.16 25.06
N ALA D 462 -29.06 16.68 25.18
CA ALA D 462 -28.83 18.06 25.57
C ALA D 462 -28.37 18.93 24.39
N GLU D 463 -28.67 18.53 23.16
CA GLU D 463 -28.49 19.44 22.04
C GLU D 463 -29.65 20.42 21.92
N PRO D 464 -30.92 19.99 22.09
CA PRO D 464 -32.01 20.97 22.06
C PRO D 464 -31.96 21.99 23.16
N LEU D 465 -31.05 21.86 24.13
CA LEU D 465 -30.94 22.79 25.24
C LEU D 465 -29.76 23.72 25.09
N GLN D 466 -28.59 23.20 24.67
CA GLN D 466 -27.46 24.08 24.44
C GLN D 466 -27.75 25.08 23.34
N ALA D 467 -28.44 24.62 22.29
CA ALA D 467 -28.75 25.50 21.17
C ALA D 467 -29.68 26.63 21.59
N ASN D 468 -30.70 26.32 22.38
CA ASN D 468 -31.71 27.30 22.74
C ASN D 468 -31.20 28.14 23.91
N GLY D 469 -32.11 28.88 24.55
CA GLY D 469 -31.73 29.73 25.65
C GLY D 469 -31.54 28.99 26.96
N PHE D 470 -30.49 28.17 27.03
CA PHE D 470 -30.16 27.43 28.24
C PHE D 470 -28.66 27.49 28.46
N GLY D 471 -28.25 27.54 29.72
CA GLY D 471 -26.85 27.62 30.04
C GLY D 471 -26.23 26.26 30.30
N LYS D 472 -25.46 26.12 31.36
CA LYS D 472 -24.70 24.90 31.62
C LYS D 472 -25.12 24.18 32.89
N ASN D 473 -25.13 24.90 34.02
CA ASN D 473 -25.53 24.29 35.28
C ASN D 473 -26.99 23.85 35.27
N GLU D 474 -27.82 24.43 34.39
CA GLU D 474 -29.19 23.99 34.23
C GLU D 474 -29.37 23.02 33.08
N THR D 475 -28.33 22.81 32.27
CA THR D 475 -28.35 21.70 31.32
C THR D 475 -28.05 20.38 32.01
N HIS D 476 -27.02 20.24 32.80
CA HIS D 476 -26.79 18.91 33.40
C HIS D 476 -27.99 18.53 34.25
N ALA D 477 -28.57 19.54 34.89
CA ALA D 477 -29.70 19.30 35.80
C ALA D 477 -30.92 18.73 35.07
N ARG D 478 -31.36 19.38 34.00
CA ARG D 478 -32.47 18.85 33.19
C ARG D 478 -32.09 17.51 32.59
N VAL D 479 -30.86 17.32 32.12
CA VAL D 479 -30.67 16.02 31.42
C VAL D 479 -30.87 14.98 32.49
N ALA D 480 -30.50 15.31 33.70
CA ALA D 480 -30.65 14.37 34.83
C ALA D 480 -32.07 13.85 34.95
N GLU D 481 -33.03 14.71 35.29
CA GLU D 481 -34.41 14.28 35.46
C GLU D 481 -35.05 13.84 34.16
N LEU D 482 -34.54 14.34 33.04
CA LEU D 482 -35.07 13.96 31.74
C LEU D 482 -34.86 12.49 31.46
N LEU D 483 -33.71 11.94 31.86
CA LEU D 483 -33.46 10.53 31.57
C LEU D 483 -33.86 9.60 32.70
N ASP D 484 -34.36 10.12 33.82
CA ASP D 484 -35.06 9.28 34.78
C ASP D 484 -36.54 9.19 34.49
N ILE D 485 -37.12 10.23 33.89
CA ILE D 485 -38.54 10.20 33.56
C ILE D 485 -38.83 9.10 32.55
N VAL D 486 -37.98 8.94 31.54
CA VAL D 486 -38.22 7.89 30.55
C VAL D 486 -37.65 6.55 30.98
N GLY D 487 -36.72 6.52 31.93
CA GLY D 487 -36.21 5.28 32.47
C GLY D 487 -34.72 5.08 32.31
N LEU D 488 -33.99 5.92 31.60
CA LEU D 488 -32.57 5.71 31.43
C LEU D 488 -31.85 5.97 32.76
N ARG D 489 -30.53 5.89 32.75
CA ARG D 489 -29.73 6.05 33.97
C ARG D 489 -28.55 6.98 33.67
N HIS D 490 -28.03 7.59 34.74
CA HIS D 490 -26.98 8.59 34.57
C HIS D 490 -25.76 8.01 33.85
N GLY D 491 -25.48 6.73 34.05
CA GLY D 491 -24.36 6.12 33.38
C GLY D 491 -24.55 6.01 31.88
N ASP D 492 -25.79 5.72 31.45
CA ASP D 492 -26.05 5.57 30.01
C ASP D 492 -25.65 6.80 29.24
N ALA D 493 -25.62 7.96 29.89
CA ALA D 493 -25.26 9.20 29.22
C ALA D 493 -23.90 9.08 28.55
N SER D 494 -22.94 8.44 29.20
CA SER D 494 -21.64 8.24 28.59
C SER D 494 -21.63 7.17 27.52
N ARG D 495 -22.72 6.45 27.34
CA ARG D 495 -22.80 5.39 26.36
C ARG D 495 -23.23 5.95 25.00
N TYR D 496 -22.69 5.36 23.95
CA TYR D 496 -23.00 5.79 22.60
C TYR D 496 -24.30 5.15 22.11
N PRO D 497 -24.94 5.74 21.10
CA PRO D 497 -26.22 5.18 20.64
C PRO D 497 -26.12 3.76 20.12
N ALA D 498 -24.99 3.39 19.53
CA ALA D 498 -24.89 2.08 18.89
C ALA D 498 -24.93 0.93 19.89
N GLU D 499 -24.63 1.19 21.16
CA GLU D 499 -24.64 0.13 22.17
C GLU D 499 -25.92 0.11 22.98
N PHE D 500 -27.04 0.48 22.36
CA PHE D 500 -28.35 0.45 22.99
C PHE D 500 -29.29 -0.42 22.17
N SER D 501 -30.25 -1.04 22.85
CA SER D 501 -31.26 -1.83 22.17
C SER D 501 -32.20 -0.90 21.41
N GLY D 502 -32.99 -1.48 20.50
CA GLY D 502 -33.87 -0.66 19.69
C GLY D 502 -34.87 0.12 20.52
N GLY D 503 -35.51 -0.55 21.48
CA GLY D 503 -36.44 0.12 22.36
C GLY D 503 -35.79 1.05 23.35
N GLN D 504 -34.51 0.84 23.65
CA GLN D 504 -33.82 1.73 24.58
C GLN D 504 -33.43 3.03 23.90
N LYS D 505 -33.12 3.01 22.61
CA LYS D 505 -32.81 4.21 21.88
C LYS D 505 -34.03 4.87 21.26
N GLN D 506 -35.20 4.24 21.32
CA GLN D 506 -36.42 5.00 21.05
C GLN D 506 -36.75 5.97 22.18
N ARG D 507 -36.49 5.58 23.43
CA ARG D 507 -36.75 6.44 24.56
C ARG D 507 -35.79 7.62 24.63
N ILE D 508 -34.60 7.50 24.03
CA ILE D 508 -33.70 8.63 23.93
C ILE D 508 -34.30 9.72 23.04
N GLY D 509 -34.94 9.33 21.94
CA GLY D 509 -35.59 10.30 21.09
C GLY D 509 -36.76 10.97 21.79
N ILE D 510 -37.55 10.21 22.54
CA ILE D 510 -38.64 10.84 23.28
C ILE D 510 -38.09 11.84 24.30
N ALA D 511 -37.06 11.45 25.05
CA ALA D 511 -36.49 12.36 26.05
C ALA D 511 -35.91 13.60 25.39
N ARG D 512 -35.24 13.43 24.26
CA ARG D 512 -34.65 14.58 23.57
C ARG D 512 -35.72 15.54 23.08
N ALA D 513 -36.83 15.03 22.57
CA ALA D 513 -37.90 15.91 22.12
C ALA D 513 -38.70 16.53 23.25
N LEU D 514 -38.56 16.03 24.48
CA LEU D 514 -39.22 16.63 25.62
C LEU D 514 -38.34 17.61 26.39
N ALA D 515 -37.14 17.90 25.89
CA ALA D 515 -36.19 18.69 26.67
C ALA D 515 -36.71 20.09 26.93
N LEU D 516 -37.22 20.75 25.90
CA LEU D 516 -37.60 22.16 26.02
C LEU D 516 -39.01 22.35 26.57
N GLN D 517 -39.73 21.26 26.82
CA GLN D 517 -41.12 21.32 27.23
C GLN D 517 -41.94 22.13 26.23
N PRO D 518 -42.13 21.62 25.02
CA PRO D 518 -42.80 22.41 23.99
C PRO D 518 -44.27 22.63 24.25
N LYS D 519 -44.96 23.27 23.32
CA LYS D 519 -46.40 23.37 23.35
C LYS D 519 -47.07 22.43 22.37
N ILE D 520 -46.33 21.92 21.40
CA ILE D 520 -46.84 20.93 20.46
C ILE D 520 -45.78 19.86 20.27
N LEU D 521 -46.20 18.60 20.27
CA LEU D 521 -45.29 17.48 20.05
C LEU D 521 -45.83 16.64 18.91
N ALA D 522 -45.02 16.46 17.89
CA ALA D 522 -45.36 15.61 16.75
C ALA D 522 -44.61 14.29 16.90
N LEU D 523 -45.33 13.23 17.22
CA LEU D 523 -44.73 11.94 17.49
C LEU D 523 -45.03 10.99 16.34
N ASP D 524 -44.00 10.35 15.81
CA ASP D 524 -44.10 9.43 14.68
C ASP D 524 -43.84 8.02 15.18
N ASP D 525 -44.89 7.36 15.67
CA ASP D 525 -44.82 6.02 16.24
C ASP D 525 -43.66 5.90 17.23
N PRO D 526 -43.72 6.59 18.37
CA PRO D 526 -42.63 6.49 19.35
C PRO D 526 -42.70 5.25 20.21
N VAL D 527 -43.73 4.42 20.05
CA VAL D 527 -43.89 3.22 20.85
C VAL D 527 -43.82 2.01 19.93
N SER D 528 -43.13 2.16 18.80
CA SER D 528 -43.11 1.11 17.80
C SER D 528 -42.18 -0.04 18.16
N ALA D 529 -41.27 0.15 19.12
CA ALA D 529 -40.30 -0.89 19.47
C ALA D 529 -40.18 -1.05 20.98
N LEU D 530 -41.21 -0.70 21.73
CA LEU D 530 -41.22 -0.87 23.17
C LEU D 530 -42.09 -2.07 23.53
N ASP D 531 -41.73 -2.75 24.62
CA ASP D 531 -42.54 -3.85 25.10
C ASP D 531 -43.79 -3.32 25.78
N VAL D 532 -44.68 -4.23 26.15
CA VAL D 532 -46.00 -3.83 26.61
C VAL D 532 -45.96 -3.10 27.93
N SER D 533 -44.87 -3.19 28.69
CA SER D 533 -44.79 -2.55 30.00
C SER D 533 -44.10 -1.19 29.96
N ILE D 534 -43.00 -1.08 29.24
CA ILE D 534 -42.37 0.21 29.02
C ILE D 534 -43.32 1.15 28.28
N GLN D 535 -44.04 0.62 27.30
CA GLN D 535 -44.97 1.43 26.54
C GLN D 535 -46.11 1.96 27.40
N ALA D 536 -46.59 1.16 28.35
CA ALA D 536 -47.61 1.66 29.27
C ALA D 536 -47.06 2.74 30.18
N GLY D 537 -45.80 2.62 30.61
CA GLY D 537 -45.18 3.72 31.33
C GLY D 537 -45.12 5.02 30.56
N ILE D 538 -44.87 4.94 29.24
CA ILE D 538 -44.79 6.15 28.45
C ILE D 538 -46.17 6.72 28.11
N ILE D 539 -47.17 5.87 27.89
CA ILE D 539 -48.53 6.37 27.71
C ILE D 539 -48.98 7.11 28.96
N ASN D 540 -48.70 6.56 30.14
CA ASN D 540 -49.04 7.27 31.37
C ASN D 540 -48.30 8.61 31.45
N LEU D 541 -47.03 8.64 31.04
CA LEU D 541 -46.28 9.88 31.02
C LEU D 541 -46.94 10.94 30.14
N LEU D 542 -47.28 10.58 28.90
CA LEU D 542 -47.87 11.56 28.00
C LEU D 542 -49.21 12.06 28.50
N LEU D 543 -50.05 11.16 29.04
CA LEU D 543 -51.37 11.56 29.48
C LEU D 543 -51.30 12.57 30.62
N ASP D 544 -50.44 12.35 31.61
CA ASP D 544 -50.44 13.33 32.70
C ASP D 544 -49.62 14.57 32.40
N LEU D 545 -48.57 14.46 31.58
CA LEU D 545 -47.88 15.66 31.10
C LEU D 545 -48.85 16.59 30.41
N GLN D 546 -49.72 16.05 29.55
CA GLN D 546 -50.74 16.89 28.95
C GLN D 546 -51.71 17.43 29.99
N GLU D 547 -52.00 16.66 31.04
CA GLU D 547 -52.92 17.17 32.06
C GLU D 547 -52.39 18.45 32.71
N GLN D 548 -51.25 18.36 33.41
CA GLN D 548 -50.84 19.51 34.24
C GLN D 548 -50.28 20.64 33.39
N PHE D 549 -49.62 20.30 32.27
CA PHE D 549 -48.96 21.35 31.45
C PHE D 549 -49.76 21.66 30.17
N GLY D 550 -50.82 20.90 29.89
CA GLY D 550 -51.66 21.18 28.70
C GLY D 550 -50.87 21.12 27.41
N LEU D 551 -50.23 19.97 27.13
CA LEU D 551 -49.42 19.82 25.88
C LEU D 551 -50.34 19.43 24.72
N SER D 552 -49.85 19.58 23.48
CA SER D 552 -50.64 19.20 22.28
C SER D 552 -49.86 18.14 21.50
N TYR D 553 -50.52 17.05 21.08
CA TYR D 553 -49.80 15.99 20.39
C TYR D 553 -50.37 15.77 19.01
N LEU D 554 -49.48 15.51 18.06
CA LEU D 554 -49.83 15.01 16.73
C LEU D 554 -49.36 13.57 16.71
N PHE D 555 -50.21 12.66 17.16
CA PHE D 555 -49.83 11.27 17.38
C PHE D 555 -50.20 10.43 16.18
N VAL D 556 -49.23 9.72 15.63
CA VAL D 556 -49.47 8.72 14.61
C VAL D 556 -48.89 7.40 15.09
N SER D 557 -49.57 6.30 14.78
CA SER D 557 -49.09 5.01 15.27
C SER D 557 -49.61 3.91 14.36
N HIS D 558 -48.95 2.75 14.45
CA HIS D 558 -49.31 1.59 13.66
C HIS D 558 -50.36 0.73 14.31
N ASP D 559 -50.70 0.96 15.58
CA ASP D 559 -51.78 0.25 16.24
C ASP D 559 -52.79 1.25 16.78
N LEU D 560 -54.03 0.83 16.88
CA LEU D 560 -55.13 1.73 17.14
C LEU D 560 -55.61 1.71 18.59
N SER D 561 -55.20 0.70 19.36
CA SER D 561 -55.54 0.66 20.77
C SER D 561 -54.80 1.71 21.59
N VAL D 562 -53.60 2.09 21.17
CA VAL D 562 -52.89 3.18 21.83
C VAL D 562 -53.54 4.52 21.52
N VAL D 563 -53.97 4.71 20.27
CA VAL D 563 -54.65 5.92 19.88
C VAL D 563 -55.91 6.11 20.71
N LYS D 564 -56.67 5.05 20.93
CA LYS D 564 -57.86 5.19 21.77
C LYS D 564 -57.53 5.73 23.15
N HIS D 565 -56.35 5.41 23.67
CA HIS D 565 -55.95 5.87 24.99
C HIS D 565 -55.42 7.29 24.99
N LEU D 566 -55.01 7.81 23.85
CA LEU D 566 -54.50 9.18 23.83
C LEU D 566 -55.40 10.17 23.10
N ALA D 567 -55.79 9.87 21.86
CA ALA D 567 -56.42 10.87 21.01
C ALA D 567 -57.79 11.26 21.51
N HIS D 568 -58.14 12.54 21.33
CA HIS D 568 -59.51 13.00 21.45
C HIS D 568 -60.20 13.06 20.11
N GLN D 569 -59.43 13.27 19.03
CA GLN D 569 -59.93 13.28 17.66
C GLN D 569 -59.01 12.42 16.81
N VAL D 570 -59.61 11.60 15.96
CA VAL D 570 -58.88 10.67 15.11
C VAL D 570 -59.11 11.06 13.65
N ALA D 571 -58.07 10.91 12.84
CA ALA D 571 -58.12 11.24 11.42
C ALA D 571 -57.65 10.02 10.64
N VAL D 572 -58.60 9.16 10.25
CA VAL D 572 -58.27 8.05 9.39
C VAL D 572 -57.96 8.57 8.00
N MET D 573 -56.81 8.17 7.45
CA MET D 573 -56.29 8.80 6.25
C MET D 573 -55.80 7.72 5.29
N LEU D 574 -56.27 7.79 4.04
CA LEU D 574 -56.02 6.75 3.05
C LEU D 574 -55.48 7.34 1.77
N ALA D 575 -54.38 6.79 1.29
CA ALA D 575 -53.82 7.09 -0.03
C ALA D 575 -53.51 8.57 -0.21
N GLY D 576 -53.24 9.29 0.87
CA GLY D 576 -52.92 10.69 0.79
C GLY D 576 -54.09 11.63 1.02
N THR D 577 -55.24 11.12 1.40
CA THR D 577 -56.39 11.95 1.74
C THR D 577 -57.03 11.43 3.01
N VAL D 578 -57.47 12.35 3.87
CA VAL D 578 -58.16 11.96 5.08
C VAL D 578 -59.60 11.61 4.70
N VAL D 579 -60.01 10.39 5.02
CA VAL D 579 -61.33 9.91 4.63
C VAL D 579 -62.35 10.02 5.76
N GLU D 580 -61.92 10.26 6.99
CA GLU D 580 -62.86 10.37 8.10
C GLU D 580 -62.18 11.07 9.27
N GLN D 581 -62.74 12.19 9.71
CA GLN D 581 -62.34 12.85 10.94
C GLN D 581 -63.52 12.87 11.90
N GLY D 582 -63.22 12.83 13.18
CA GLY D 582 -64.29 12.85 14.16
C GLY D 582 -63.77 12.86 15.58
N ASP D 583 -64.64 12.44 16.48
CA ASP D 583 -64.49 12.65 17.91
C ASP D 583 -63.81 11.48 18.62
N SER D 584 -63.28 10.52 17.88
CA SER D 584 -62.58 9.36 18.44
C SER D 584 -63.54 8.43 19.17
N GLU D 585 -64.79 8.88 19.35
CA GLU D 585 -65.84 7.99 19.77
C GLU D 585 -66.83 7.69 18.68
N GLU D 586 -67.08 8.65 17.80
CA GLU D 586 -67.83 8.43 16.58
C GLU D 586 -66.92 8.11 15.40
N VAL D 587 -65.69 7.66 15.66
CA VAL D 587 -64.81 7.09 14.64
C VAL D 587 -64.41 5.67 15.00
N PHE D 588 -64.02 5.45 16.25
CA PHE D 588 -63.73 4.12 16.75
C PHE D 588 -64.96 3.42 17.32
N GLY D 589 -66.08 4.13 17.50
CA GLY D 589 -67.26 3.47 18.03
C GLY D 589 -68.36 3.32 17.00
N ASN D 590 -68.21 3.99 15.87
CA ASN D 590 -69.19 3.92 14.78
C ASN D 590 -68.50 4.30 13.48
N PRO D 591 -67.79 3.36 12.87
CA PRO D 591 -67.19 3.64 11.56
C PRO D 591 -68.26 3.82 10.51
N LYS D 592 -68.10 4.83 9.66
CA LYS D 592 -69.07 5.12 8.62
C LYS D 592 -68.42 5.31 7.26
N HIS D 593 -67.24 4.72 7.06
CA HIS D 593 -66.60 4.60 5.76
C HIS D 593 -66.09 3.18 5.68
N GLU D 594 -66.20 2.57 4.49
CA GLU D 594 -65.85 1.14 4.35
C GLU D 594 -64.45 0.86 4.90
N TYR D 595 -63.53 1.79 4.63
CA TYR D 595 -62.14 1.66 5.03
C TYR D 595 -62.02 1.51 6.55
N THR D 596 -62.44 2.52 7.30
CA THR D 596 -62.32 2.48 8.75
C THR D 596 -63.06 1.30 9.36
N ARG D 597 -64.14 0.84 8.73
CA ARG D 597 -64.82 -0.35 9.21
C ARG D 597 -63.89 -1.55 9.18
N ARG D 598 -63.19 -1.77 8.06
CA ARG D 598 -62.30 -2.92 8.04
C ARG D 598 -60.94 -2.65 8.69
N LEU D 599 -60.58 -1.39 8.89
CA LEU D 599 -59.39 -1.07 9.68
C LEU D 599 -59.61 -1.40 11.14
N LEU D 600 -60.83 -1.24 11.63
CA LEU D 600 -61.14 -1.67 12.98
C LEU D 600 -61.40 -3.17 13.06
N GLY D 601 -61.91 -3.77 11.99
CA GLY D 601 -62.14 -5.21 12.02
C GLY D 601 -60.87 -6.05 12.01
N ALA D 602 -59.73 -5.46 11.71
CA ALA D 602 -58.45 -6.18 11.69
C ALA D 602 -57.63 -5.93 12.94
N VAL D 603 -58.20 -5.29 13.96
CA VAL D 603 -57.52 -5.04 15.22
C VAL D 603 -57.82 -6.21 16.15
N PRO D 604 -56.82 -6.96 16.61
CA PRO D 604 -57.11 -8.14 17.42
C PRO D 604 -57.81 -7.81 18.72
N GLN D 605 -58.81 -8.61 19.06
CA GLN D 605 -59.53 -8.40 20.31
C GLN D 605 -58.62 -8.76 21.48
N PRO D 606 -58.71 -8.02 22.59
CA PRO D 606 -57.75 -8.21 23.67
C PRO D 606 -58.04 -9.42 24.55
N ASP D 607 -59.15 -10.11 24.36
CA ASP D 607 -59.48 -11.24 25.22
C ASP D 607 -59.80 -12.47 24.39
N PRO D 608 -59.47 -13.66 24.89
CA PRO D 608 -59.76 -14.87 24.13
C PRO D 608 -61.26 -15.16 24.09
N ALA D 609 -61.65 -15.91 23.06
CA ALA D 609 -63.04 -16.32 22.89
C ALA D 609 -63.45 -17.31 23.97
N UNK E 1 51.42 0.80 -24.51
CA UNK E 1 50.18 1.54 -24.32
C UNK E 1 49.68 1.37 -22.90
N UNK E 2 48.88 2.33 -22.43
CA UNK E 2 48.16 2.20 -21.19
C UNK E 2 46.67 2.19 -21.51
N UNK E 3 45.96 1.23 -20.97
CA UNK E 3 44.53 1.11 -21.23
C UNK E 3 43.75 1.61 -20.03
N UNK E 4 42.57 2.13 -20.30
CA UNK E 4 41.77 2.78 -19.27
C UNK E 4 40.85 1.78 -18.60
N UNK E 5 40.72 1.90 -17.29
CA UNK E 5 39.79 1.10 -16.51
C UNK E 5 38.83 2.05 -15.82
N UNK E 6 37.81 1.50 -15.18
CA UNK E 6 36.82 2.30 -14.48
C UNK E 6 36.82 2.09 -12.98
N UNK E 7 37.28 0.94 -12.51
CA UNK E 7 37.38 0.61 -11.10
C UNK E 7 38.83 0.64 -10.67
N UNK E 8 39.05 0.48 -9.37
CA UNK E 8 40.39 0.57 -8.81
C UNK E 8 41.25 -0.60 -9.27
PG ANP F . -45.68 5.07 7.78
O1G ANP F . -44.39 4.32 8.05
O2G ANP F . -45.94 5.99 8.94
O3G ANP F . -46.81 4.08 7.70
PB ANP F . -46.75 6.84 5.74
O1B ANP F . -47.94 6.01 5.37
O2B ANP F . -46.97 8.10 6.55
N3B ANP F . -45.56 5.92 6.39
PA ANP F . -44.94 8.36 4.02
O1A ANP F . -45.34 9.73 4.46
O2A ANP F . -43.67 7.78 4.56
O3A ANP F . -46.14 7.34 4.36
O5' ANP F . -44.93 8.30 2.42
C5' ANP F . -46.17 8.53 1.71
C4' ANP F . -45.89 8.58 0.23
O4' ANP F . -44.77 9.47 -0.02
C3' ANP F . -45.52 7.25 -0.45
O3' ANP F . -46.11 7.15 -1.74
C2' ANP F . -43.99 7.35 -0.55
O2' ANP F . -43.44 6.54 -1.57
C1' ANP F . -43.84 8.84 -0.86
N9 ANP F . -42.53 9.37 -0.55
C8 ANP F . -42.06 9.78 0.67
N7 ANP F . -40.82 10.22 0.62
C5 ANP F . -40.47 10.09 -0.73
C6 ANP F . -39.29 10.40 -1.43
N6 ANP F . -38.20 10.90 -0.86
N1 ANP F . -39.27 10.15 -2.76
C2 ANP F . -40.38 9.64 -3.32
N3 ANP F . -41.54 9.32 -2.76
C4 ANP F . -41.52 9.57 -1.45
MG MG G . -43.51 7.16 7.98
PG ANP H . -36.71 -8.99 23.44
O1G ANP H . -37.90 -8.96 24.37
O2G ANP H . -37.08 -9.81 22.22
O3G ANP H . -36.41 -7.59 23.00
PB ANP H . -35.37 -11.13 24.90
O1B ANP H . -36.22 -11.16 26.14
O2B ANP H . -35.52 -12.23 23.90
N3B ANP H . -35.42 -9.66 24.18
PA ANP H . -32.51 -11.55 24.58
O1A ANP H . -32.50 -13.00 24.23
O2A ANP H . -32.39 -10.55 23.47
O3A ANP H . -33.86 -11.23 25.40
O5' ANP H . -31.39 -11.25 25.69
C5' ANP H . -31.55 -11.82 27.01
C4' ANP H . -30.23 -11.78 27.74
O4' ANP H . -29.23 -12.45 26.93
C3' ANP H . -29.65 -10.38 28.02
O3' ANP H . -28.94 -10.37 29.26
C2' ANP H . -28.70 -10.18 26.84
O2' ANP H . -27.68 -9.23 27.10
C1' ANP H . -28.14 -11.59 26.68
N9 ANP H . -27.66 -11.86 25.34
C8 ANP H . -28.40 -12.25 24.26
N7 ANP H . -27.67 -12.43 23.18
C5 ANP H . -26.37 -12.14 23.59
C6 ANP H . -25.14 -12.14 22.92
N6 ANP H . -25.00 -12.46 21.64
N1 ANP H . -24.04 -11.81 23.64
C2 ANP H . -24.18 -11.49 24.92
N3 ANP H . -25.29 -11.45 25.66
C4 ANP H . -26.36 -11.80 24.93
MG MG I . -34.85 -10.77 21.01
FE1 SF4 J . -42.42 -13.25 46.25
FE2 SF4 J . -44.05 -14.00 44.19
FE3 SF4 J . -41.45 -13.31 43.70
FE4 SF4 J . -43.28 -11.41 44.45
S1 SF4 J . -43.29 -12.64 42.53
S2 SF4 J . -41.16 -11.66 45.24
S3 SF4 J . -44.56 -12.59 45.88
S4 SF4 J . -42.18 -15.10 44.91
#